data_4NOS
#
_entry.id   4NOS
#
_cell.length_a   89.759
_cell.length_b   156.672
_cell.length_c   190.044
_cell.angle_alpha   90.00
_cell.angle_beta   90.00
_cell.angle_gamma   90.00
#
_symmetry.space_group_name_H-M   'P 21 21 21'
#
loop_
_entity.id
_entity.type
_entity.pdbx_description
1 polymer 'INDUCIBLE NITRIC OXIDE SYNTHASE'
2 non-polymer 'ZINC ION'
3 non-polymer 'PROTOPORPHYRIN IX CONTAINING FE'
4 non-polymer 2-AMINO-6-(1,2-DIHYDROXY-PROPYL)-7,8-DIHYDRO-6H-PTERIDIN-4-ONE
5 non-polymer ETHYLISOTHIOUREA
6 non-polymer 5,6,7,8-TETRAHYDROBIOPTERIN
7 water water
#
_entity_poly.entity_id   1
_entity_poly.type   'polypeptide(L)'
_entity_poly.pdbx_seq_one_letter_code
;PRHVRIKNWGSGMTFQDTLHHKAKGILTCRSKSCLGSIMTPKSLTRGPRDKPTPPDELLPQAIEFVNQYYGSFKEAKIEE
HLARVEAVTKEIETTGTYQLTGDELIFATKQAWRNAPRCIGRIQWSNLQVFDARSCSTAREMFEHICRHVRYSTNNGNIR
SAITVFPQRSDGKHDFRVWNAQLIRYAGYQMPDGSIRGDPANVEFTQLCIDLGWKPKYGRFDVVPLVLQANGRDPELFEI
PPDLVLEVAMEHPKYEWFRELELKWYALPAVANMLLEVGGLEFPGCPFNGWYMGTEIGVRDFCDVQRYNILEEVGRRMGL
ETHKLASLWKDQAVVEINIAVIHSFQKQNVTIMDHHSAAESFMKYMQNEYRSRGGCPADWIWLVPPMSGSITPVFHQEML
NYVLSPFYYYQVEAWKTHVWQDEKRRP
;
_entity_poly.pdbx_strand_id   A,B,C,D
#
loop_
_chem_comp.id
_chem_comp.type
_chem_comp.name
_chem_comp.formula
H2B non-polymer 2-AMINO-6-(1,2-DIHYDROXY-PROPYL)-7,8-DIHYDRO-6H-PTERIDIN-4-ONE 'C9 H13 N5 O3'
H4B non-polymer 5,6,7,8-TETRAHYDROBIOPTERIN 'C9 H15 N5 O3'
HEM non-polymer 'PROTOPORPHYRIN IX CONTAINING FE' 'C34 H32 Fe N4 O4'
ITU non-polymer ETHYLISOTHIOUREA 'C3 H8 N2 S'
ZN non-polymer 'ZINC ION' 'Zn 2'
#
# COMPACT_ATOMS: atom_id res chain seq x y z
N ARG A 2 5.13 -0.46 0.90
CA ARG A 2 5.92 -0.20 2.13
C ARG A 2 7.33 0.19 1.75
N HIS A 3 8.02 0.87 2.64
CA HIS A 3 9.38 1.24 2.39
C HIS A 3 10.09 0.76 3.63
N VAL A 4 11.39 0.92 3.65
CA VAL A 4 12.17 0.52 4.81
C VAL A 4 13.00 1.76 5.08
N ARG A 5 12.80 2.35 6.25
CA ARG A 5 13.55 3.52 6.63
C ARG A 5 14.84 3.09 7.27
N ILE A 6 15.95 3.68 6.82
CA ILE A 6 17.26 3.39 7.37
C ILE A 6 17.83 4.74 7.75
N LYS A 7 18.85 4.79 8.60
CA LYS A 7 19.40 6.07 8.99
C LYS A 7 20.90 6.07 9.23
N ASN A 8 21.50 7.25 9.08
CA ASN A 8 22.92 7.42 9.33
C ASN A 8 22.95 8.05 10.71
N TRP A 9 23.58 7.36 11.65
CA TRP A 9 23.68 7.79 13.03
C TRP A 9 24.75 8.85 13.27
N GLY A 10 25.53 9.17 12.25
CA GLY A 10 26.57 10.18 12.42
C GLY A 10 26.20 11.46 11.71
N SER A 11 25.05 11.51 11.06
CA SER A 11 24.65 12.70 10.32
C SER A 11 23.18 12.98 10.57
N GLY A 12 22.44 11.93 10.88
CA GLY A 12 21.02 12.07 11.14
C GLY A 12 20.16 11.86 9.90
N MET A 13 20.81 11.72 8.76
CA MET A 13 20.07 11.52 7.53
C MET A 13 19.42 10.14 7.48
N THR A 14 18.21 10.10 6.96
CA THR A 14 17.44 8.87 6.82
C THR A 14 16.97 8.73 5.34
N PHE A 15 16.77 7.48 4.89
CA PHE A 15 16.29 7.20 3.52
C PHE A 15 15.10 6.24 3.65
N GLN A 16 14.24 6.20 2.65
CA GLN A 16 13.09 5.31 2.65
C GLN A 16 13.18 4.39 1.42
N ASP A 17 13.71 3.20 1.63
CA ASP A 17 13.91 2.20 0.57
C ASP A 17 12.69 1.45 -0.01
N THR A 18 12.44 1.67 -1.30
CA THR A 18 11.34 1.04 -2.01
C THR A 18 11.85 0.05 -3.08
N LEU A 19 13.05 0.32 -3.58
CA LEU A 19 13.69 -0.50 -4.61
C LEU A 19 13.77 -1.97 -4.23
N HIS A 20 14.01 -2.24 -2.95
CA HIS A 20 14.15 -3.62 -2.48
C HIS A 20 13.03 -4.57 -2.86
N HIS A 21 11.90 -4.05 -3.31
CA HIS A 21 10.80 -4.91 -3.71
C HIS A 21 11.07 -5.56 -5.08
N LYS A 22 11.89 -4.88 -5.88
CA LYS A 22 12.24 -5.36 -7.20
C LYS A 22 13.43 -6.29 -7.14
N ALA A 23 13.96 -6.51 -5.94
CA ALA A 23 15.11 -7.37 -5.77
C ALA A 23 14.68 -8.81 -6.02
N LYS A 24 15.64 -9.70 -6.28
CA LYS A 24 15.32 -11.09 -6.52
C LYS A 24 15.29 -11.78 -5.15
N GLY A 25 14.26 -12.59 -4.91
CA GLY A 25 14.16 -13.27 -3.65
C GLY A 25 15.12 -14.43 -3.55
N ILE A 26 16.41 -14.14 -3.42
CA ILE A 26 17.41 -15.22 -3.36
C ILE A 26 18.33 -15.25 -2.14
N LEU A 27 18.22 -14.26 -1.27
CA LEU A 27 19.07 -14.22 -0.05
C LEU A 27 18.64 -15.35 0.87
N THR A 28 19.60 -15.91 1.61
CA THR A 28 19.33 -17.01 2.53
C THR A 28 18.95 -16.60 3.97
N CYS A 29 18.78 -15.30 4.20
CA CYS A 29 18.41 -14.80 5.51
C CYS A 29 16.97 -15.11 5.77
N ARG A 30 16.71 -15.80 6.86
CA ARG A 30 15.35 -16.13 7.24
C ARG A 30 15.05 -15.32 8.52
N SER A 31 13.82 -15.42 9.02
CA SER A 31 13.45 -14.71 10.23
C SER A 31 14.21 -15.32 11.40
N LYS A 32 14.52 -16.59 11.26
CA LYS A 32 15.21 -17.31 12.28
C LYS A 32 16.74 -17.19 12.24
N SER A 33 17.28 -16.55 11.21
CA SER A 33 18.74 -16.41 11.06
C SER A 33 19.18 -15.39 10.02
N CYS A 34 20.24 -14.68 10.34
CA CYS A 34 20.81 -13.73 9.41
C CYS A 34 22.19 -14.27 9.16
N LEU A 35 22.51 -14.53 7.91
CA LEU A 35 23.83 -15.03 7.53
C LEU A 35 24.48 -14.05 6.55
N GLY A 36 24.28 -12.76 6.81
CA GLY A 36 24.83 -11.74 5.96
C GLY A 36 26.36 -11.67 5.99
N SER A 37 27.00 -12.37 6.93
CA SER A 37 28.46 -12.33 7.01
C SER A 37 29.09 -13.44 6.19
N ILE A 38 28.27 -14.26 5.53
CA ILE A 38 28.82 -15.32 4.70
C ILE A 38 29.44 -14.60 3.50
N MET A 39 30.68 -14.97 3.17
CA MET A 39 31.44 -14.34 2.09
C MET A 39 31.09 -14.75 0.67
N THR A 40 30.98 -16.05 0.42
CA THR A 40 30.64 -16.48 -0.93
C THR A 40 29.41 -17.35 -0.93
N PRO A 41 28.27 -16.75 -0.57
CA PRO A 41 27.03 -17.52 -0.54
C PRO A 41 26.59 -18.01 -1.93
N LYS A 42 25.92 -19.15 -1.94
CA LYS A 42 25.42 -19.73 -3.15
C LYS A 42 24.31 -18.83 -3.72
N SER A 43 23.75 -17.96 -2.87
CA SER A 43 22.68 -17.04 -3.29
C SER A 43 23.27 -15.97 -4.21
N LEU A 44 24.56 -15.70 -4.03
CA LEU A 44 25.28 -14.71 -4.84
C LEU A 44 26.13 -15.37 -5.94
N THR A 45 25.91 -16.67 -6.14
CA THR A 45 26.66 -17.42 -7.13
C THR A 45 25.76 -17.81 -8.28
N ARG A 46 26.26 -17.63 -9.50
CA ARG A 46 25.54 -18.00 -10.72
C ARG A 46 26.45 -19.07 -11.34
N GLY A 47 26.11 -20.35 -11.10
CA GLY A 47 26.91 -21.47 -11.59
C GLY A 47 26.68 -22.04 -12.99
N PRO A 48 27.21 -23.24 -13.27
CA PRO A 48 27.29 -23.77 -14.64
C PRO A 48 25.94 -24.26 -15.18
N ARG A 49 25.91 -24.60 -16.46
CA ARG A 49 24.71 -25.10 -17.13
C ARG A 49 25.10 -26.21 -18.12
N ASP A 50 24.10 -26.92 -18.62
CA ASP A 50 24.28 -28.03 -19.56
C ASP A 50 23.33 -27.89 -20.71
N LYS A 51 22.26 -27.16 -20.45
CA LYS A 51 21.23 -26.94 -21.41
C LYS A 51 21.15 -25.43 -21.52
N PRO A 52 20.65 -24.94 -22.64
CA PRO A 52 20.24 -23.53 -22.73
C PRO A 52 19.17 -23.18 -21.71
N THR A 53 19.04 -21.89 -21.42
CA THR A 53 18.03 -21.40 -20.48
C THR A 53 16.68 -21.65 -21.15
N PRO A 54 15.75 -22.29 -20.43
CA PRO A 54 14.42 -22.49 -20.99
C PRO A 54 13.85 -21.17 -21.43
N PRO A 55 13.54 -21.02 -22.72
CA PRO A 55 13.08 -19.76 -23.28
C PRO A 55 11.90 -19.20 -22.51
N ASP A 56 11.05 -20.08 -21.99
CA ASP A 56 9.90 -19.64 -21.22
C ASP A 56 10.37 -18.92 -19.94
N GLU A 57 11.51 -19.34 -19.41
CA GLU A 57 12.07 -18.70 -18.23
C GLU A 57 12.78 -17.43 -18.67
N LEU A 58 13.40 -17.51 -19.84
CA LEU A 58 14.15 -16.40 -20.40
C LEU A 58 13.31 -15.17 -20.75
N LEU A 59 12.29 -15.38 -21.57
CA LEU A 59 11.43 -14.29 -22.04
C LEU A 59 11.06 -13.17 -21.05
N PRO A 60 10.50 -13.51 -19.87
CA PRO A 60 10.13 -12.47 -18.91
C PRO A 60 11.30 -11.60 -18.46
N GLN A 61 12.42 -12.22 -18.14
CA GLN A 61 13.59 -11.47 -17.71
C GLN A 61 14.08 -10.59 -18.87
N ALA A 62 13.90 -11.09 -20.08
CA ALA A 62 14.29 -10.35 -21.27
C ALA A 62 13.45 -9.10 -21.37
N ILE A 63 12.14 -9.27 -21.27
CA ILE A 63 11.20 -8.14 -21.35
C ILE A 63 11.49 -7.12 -20.25
N GLU A 64 11.64 -7.62 -19.03
CA GLU A 64 11.94 -6.76 -17.88
C GLU A 64 13.13 -5.87 -18.21
N PHE A 65 14.20 -6.49 -18.72
CA PHE A 65 15.38 -5.72 -19.07
C PHE A 65 15.12 -4.64 -20.09
N VAL A 66 14.43 -4.99 -21.17
CA VAL A 66 14.12 -4.02 -22.22
C VAL A 66 13.38 -2.83 -21.61
N ASN A 67 12.42 -3.14 -20.75
CA ASN A 67 11.62 -2.12 -20.06
C ASN A 67 12.54 -1.20 -19.24
N GLN A 68 13.46 -1.82 -18.49
CA GLN A 68 14.41 -1.09 -17.66
C GLN A 68 15.27 -0.21 -18.52
N TYR A 69 15.80 -0.79 -19.58
CA TYR A 69 16.67 -0.08 -20.51
C TYR A 69 15.93 1.11 -21.10
N TYR A 70 14.79 0.84 -21.72
CA TYR A 70 14.03 1.91 -22.34
C TYR A 70 13.51 2.92 -21.36
N GLY A 71 13.28 2.44 -20.13
CA GLY A 71 12.82 3.31 -19.08
C GLY A 71 13.93 4.21 -18.56
N SER A 72 15.17 3.95 -18.97
CA SER A 72 16.32 4.75 -18.50
C SER A 72 16.53 6.09 -19.23
N PHE A 73 15.70 6.37 -20.22
CA PHE A 73 15.84 7.62 -20.98
C PHE A 73 14.94 8.70 -20.44
N LYS A 74 15.47 9.91 -20.33
CA LYS A 74 14.67 11.04 -19.87
C LYS A 74 13.64 11.27 -20.98
N GLU A 75 14.13 11.12 -22.21
CA GLU A 75 13.36 11.28 -23.44
C GLU A 75 12.84 9.89 -23.84
N ALA A 76 11.59 9.60 -23.49
CA ALA A 76 11.00 8.29 -23.80
C ALA A 76 10.78 8.02 -25.29
N LYS A 77 10.62 6.75 -25.63
CA LYS A 77 10.37 6.34 -27.00
C LYS A 77 9.59 5.04 -26.98
N ILE A 78 8.28 5.14 -26.87
CA ILE A 78 7.42 3.97 -26.81
C ILE A 78 7.39 3.17 -28.08
N GLU A 79 7.47 3.87 -29.20
CA GLU A 79 7.46 3.22 -30.50
C GLU A 79 8.61 2.23 -30.50
N GLU A 80 9.82 2.79 -30.41
CA GLU A 80 11.08 2.05 -30.41
C GLU A 80 11.13 0.97 -29.33
N HIS A 81 10.71 1.35 -28.13
CA HIS A 81 10.67 0.46 -26.97
C HIS A 81 9.83 -0.79 -27.26
N LEU A 82 8.53 -0.61 -27.47
CA LEU A 82 7.64 -1.74 -27.71
C LEU A 82 8.08 -2.59 -28.89
N ALA A 83 8.61 -1.96 -29.92
CA ALA A 83 9.10 -2.70 -31.09
C ALA A 83 10.24 -3.64 -30.65
N ARG A 84 11.12 -3.13 -29.78
CA ARG A 84 12.24 -3.89 -29.25
C ARG A 84 11.76 -5.04 -28.37
N VAL A 85 10.58 -4.88 -27.77
CA VAL A 85 10.00 -5.94 -26.96
C VAL A 85 9.56 -7.01 -27.95
N GLU A 86 8.90 -6.56 -29.01
CA GLU A 86 8.41 -7.45 -30.07
C GLU A 86 9.57 -8.22 -30.66
N ALA A 87 10.59 -7.49 -31.09
CA ALA A 87 11.79 -8.06 -31.68
C ALA A 87 12.39 -9.15 -30.79
N VAL A 88 12.66 -8.81 -29.53
CA VAL A 88 13.22 -9.75 -28.57
C VAL A 88 12.33 -10.97 -28.36
N THR A 89 11.02 -10.79 -28.42
CA THR A 89 10.08 -11.91 -28.26
C THR A 89 10.33 -12.92 -29.39
N LYS A 90 10.21 -12.44 -30.63
CA LYS A 90 10.42 -13.23 -31.84
C LYS A 90 11.74 -13.98 -31.76
N GLU A 91 12.79 -13.22 -31.45
CA GLU A 91 14.14 -13.73 -31.34
C GLU A 91 14.23 -14.94 -30.39
N ILE A 92 13.67 -14.79 -29.19
CA ILE A 92 13.67 -15.87 -28.22
C ILE A 92 12.79 -17.00 -28.71
N GLU A 93 11.65 -16.65 -29.30
CA GLU A 93 10.73 -17.66 -29.82
C GLU A 93 11.41 -18.49 -30.91
N THR A 94 12.13 -17.81 -31.79
CA THR A 94 12.81 -18.44 -32.91
C THR A 94 14.13 -19.07 -32.47
N THR A 95 15.06 -18.23 -32.04
CA THR A 95 16.39 -18.64 -31.62
C THR A 95 16.49 -19.33 -30.24
N GLY A 96 15.52 -19.12 -29.37
CA GLY A 96 15.58 -19.71 -28.05
C GLY A 96 16.47 -18.91 -27.09
N THR A 97 16.87 -17.71 -27.55
CA THR A 97 17.72 -16.79 -26.79
C THR A 97 17.65 -15.47 -27.53
N TYR A 98 18.46 -14.50 -27.14
CA TYR A 98 18.48 -13.20 -27.80
C TYR A 98 19.82 -12.52 -27.63
N GLN A 99 19.99 -11.42 -28.35
CA GLN A 99 21.23 -10.68 -28.32
C GLN A 99 20.94 -9.24 -27.98
N LEU A 100 21.76 -8.68 -27.10
CA LEU A 100 21.63 -7.30 -26.66
C LEU A 100 22.19 -6.41 -27.75
N THR A 101 21.89 -5.11 -27.66
CA THR A 101 22.41 -4.17 -28.64
C THR A 101 23.71 -3.67 -28.01
N GLY A 102 24.46 -2.86 -28.74
CA GLY A 102 25.70 -2.35 -28.21
C GLY A 102 25.43 -1.42 -27.04
N ASP A 103 24.43 -0.56 -27.23
CA ASP A 103 24.03 0.42 -26.22
C ASP A 103 23.39 -0.25 -25.00
N GLU A 104 22.62 -1.29 -25.25
CA GLU A 104 21.98 -2.03 -24.18
C GLU A 104 23.02 -2.69 -23.31
N LEU A 105 24.10 -3.18 -23.92
CA LEU A 105 25.18 -3.83 -23.19
C LEU A 105 25.94 -2.80 -22.37
N ILE A 106 26.05 -1.59 -22.88
CA ILE A 106 26.74 -0.53 -22.16
C ILE A 106 25.90 -0.23 -20.92
N PHE A 107 24.58 -0.16 -21.10
CA PHE A 107 23.64 0.10 -20.03
C PHE A 107 23.67 -1.02 -18.99
N ALA A 108 23.64 -2.26 -19.44
CA ALA A 108 23.64 -3.39 -18.53
C ALA A 108 24.89 -3.46 -17.65
N THR A 109 26.06 -3.27 -18.24
CA THR A 109 27.30 -3.34 -17.47
C THR A 109 27.36 -2.26 -16.35
N LYS A 110 27.04 -1.03 -16.71
CA LYS A 110 27.04 0.08 -15.76
C LYS A 110 25.97 -0.14 -14.70
N GLN A 111 24.78 -0.53 -15.14
CA GLN A 111 23.67 -0.77 -14.23
C GLN A 111 23.96 -1.94 -13.28
N ALA A 112 24.73 -2.92 -13.74
CA ALA A 112 25.10 -4.06 -12.90
C ALA A 112 26.11 -3.59 -11.86
N TRP A 113 26.99 -2.66 -12.25
CA TRP A 113 28.01 -2.11 -11.37
C TRP A 113 27.30 -1.33 -10.26
N ARG A 114 26.30 -0.57 -10.68
CA ARG A 114 25.47 0.26 -9.83
C ARG A 114 24.77 -0.64 -8.82
N ASN A 115 24.40 -1.83 -9.26
CA ASN A 115 23.72 -2.81 -8.42
C ASN A 115 24.67 -3.73 -7.71
N ALA A 116 25.94 -3.34 -7.61
CA ALA A 116 26.95 -4.16 -6.94
C ALA A 116 27.07 -3.75 -5.48
N PRO A 117 26.38 -4.47 -4.57
CA PRO A 117 26.25 -4.09 -3.16
C PRO A 117 27.60 -3.96 -2.45
N ARG A 118 28.57 -4.80 -2.82
CA ARG A 118 29.87 -4.79 -2.17
C ARG A 118 30.89 -3.82 -2.72
N CYS A 119 30.45 -2.93 -3.59
CA CYS A 119 31.33 -1.94 -4.22
C CYS A 119 31.29 -0.54 -3.67
N ILE A 120 32.40 -0.11 -3.07
CA ILE A 120 32.50 1.24 -2.51
C ILE A 120 32.77 2.26 -3.62
N GLY A 121 33.20 1.80 -4.80
CA GLY A 121 33.54 2.71 -5.87
C GLY A 121 32.40 3.18 -6.73
N ARG A 122 31.20 2.70 -6.46
CA ARG A 122 30.02 3.02 -7.25
C ARG A 122 29.66 4.44 -7.67
N ILE A 123 30.28 5.46 -7.10
CA ILE A 123 29.90 6.80 -7.54
C ILE A 123 30.36 6.96 -9.00
N GLN A 124 31.41 6.21 -9.36
CA GLN A 124 31.99 6.24 -10.70
C GLN A 124 31.20 5.41 -11.70
N TRP A 125 30.14 4.76 -11.23
CA TRP A 125 29.35 3.87 -12.05
C TRP A 125 28.99 4.30 -13.46
N SER A 126 28.96 5.60 -13.71
CA SER A 126 28.60 6.05 -15.05
C SER A 126 29.80 6.23 -15.97
N ASN A 127 31.01 6.01 -15.44
CA ASN A 127 32.23 6.16 -16.20
C ASN A 127 32.86 4.81 -16.37
N LEU A 128 32.41 4.08 -17.37
CA LEU A 128 32.92 2.75 -17.62
C LEU A 128 33.04 2.50 -19.12
N GLN A 129 34.25 2.17 -19.55
CA GLN A 129 34.55 1.87 -20.95
C GLN A 129 34.18 0.41 -21.17
N VAL A 130 33.25 0.17 -22.10
CA VAL A 130 32.79 -1.19 -22.40
C VAL A 130 33.42 -1.80 -23.70
N PHE A 131 34.35 -2.74 -23.55
CA PHE A 131 34.98 -3.41 -24.69
C PHE A 131 34.14 -4.59 -25.13
N ASP A 132 33.40 -4.42 -26.22
CA ASP A 132 32.55 -5.49 -26.72
C ASP A 132 33.37 -6.57 -27.40
N ALA A 133 33.22 -7.79 -26.92
CA ALA A 133 33.97 -8.90 -27.45
C ALA A 133 33.10 -10.12 -27.44
N ARG A 134 31.82 -9.94 -27.77
CA ARG A 134 30.89 -11.06 -27.81
C ARG A 134 31.03 -11.87 -29.10
N SER A 135 31.90 -11.41 -29.98
CA SER A 135 32.15 -12.11 -31.24
C SER A 135 33.36 -13.01 -31.08
N CYS A 136 34.06 -12.85 -29.97
CA CYS A 136 35.26 -13.61 -29.69
C CYS A 136 35.05 -15.10 -29.98
N SER A 137 36.12 -15.80 -30.37
CA SER A 137 36.02 -17.21 -30.67
C SER A 137 37.24 -18.03 -30.27
N THR A 138 38.34 -17.38 -29.91
CA THR A 138 39.51 -18.16 -29.53
C THR A 138 40.24 -17.61 -28.31
N ALA A 139 41.05 -18.48 -27.70
CA ALA A 139 41.83 -18.17 -26.51
C ALA A 139 42.86 -17.09 -26.75
N ARG A 140 43.41 -17.07 -27.94
CA ARG A 140 44.41 -16.07 -28.27
C ARG A 140 43.65 -14.79 -28.50
N GLU A 141 42.46 -14.89 -29.06
CA GLU A 141 41.69 -13.70 -29.32
C GLU A 141 41.24 -13.08 -27.99
N MET A 142 40.89 -13.93 -27.03
CA MET A 142 40.49 -13.46 -25.71
C MET A 142 41.68 -12.74 -25.12
N PHE A 143 42.85 -13.37 -25.18
CA PHE A 143 44.08 -12.79 -24.66
C PHE A 143 44.38 -11.44 -25.29
N GLU A 144 44.03 -11.28 -26.56
CA GLU A 144 44.28 -10.03 -27.25
C GLU A 144 43.33 -8.93 -26.77
N HIS A 145 42.07 -9.28 -26.56
CA HIS A 145 41.09 -8.32 -26.05
C HIS A 145 41.49 -7.85 -24.66
N ILE A 146 41.94 -8.79 -23.83
CA ILE A 146 42.37 -8.51 -22.46
C ILE A 146 43.60 -7.61 -22.44
N CYS A 147 44.54 -7.82 -23.35
CA CYS A 147 45.77 -7.00 -23.40
C CYS A 147 45.43 -5.57 -23.80
N ARG A 148 44.37 -5.43 -24.57
CA ARG A 148 43.86 -4.16 -25.04
C ARG A 148 43.25 -3.45 -23.83
N HIS A 149 42.43 -4.20 -23.11
CA HIS A 149 41.75 -3.76 -21.88
C HIS A 149 42.82 -3.30 -20.88
N VAL A 150 43.76 -4.16 -20.54
CA VAL A 150 44.80 -3.79 -19.58
C VAL A 150 45.55 -2.51 -19.95
N ARG A 151 45.79 -2.30 -21.25
CA ARG A 151 46.50 -1.12 -21.76
C ARG A 151 45.63 0.14 -21.66
N TYR A 152 44.37 0.02 -22.02
CA TYR A 152 43.47 1.14 -21.94
C TYR A 152 43.31 1.60 -20.49
N SER A 153 43.09 0.64 -19.60
CA SER A 153 42.89 0.90 -18.19
C SER A 153 44.13 1.37 -17.45
N THR A 154 45.26 0.71 -17.64
CA THR A 154 46.47 1.17 -16.98
C THR A 154 46.77 2.64 -17.36
N ASN A 155 46.48 3.01 -18.60
CA ASN A 155 46.61 4.38 -19.08
C ASN A 155 47.81 5.14 -18.53
N ASN A 156 48.96 4.47 -18.48
CA ASN A 156 50.20 5.03 -17.98
C ASN A 156 50.15 5.47 -16.51
N GLY A 157 49.31 4.81 -15.71
CA GLY A 157 49.17 5.18 -14.31
C GLY A 157 47.85 5.89 -14.07
N ASN A 158 47.38 6.62 -15.07
CA ASN A 158 46.13 7.31 -14.90
C ASN A 158 44.99 6.32 -15.12
N ILE A 159 44.83 5.41 -14.16
CA ILE A 159 43.83 4.33 -14.22
C ILE A 159 42.43 4.71 -14.63
N ARG A 160 41.83 3.90 -15.50
CA ARG A 160 40.48 4.10 -16.01
C ARG A 160 39.66 2.83 -15.83
N SER A 161 38.36 2.97 -15.61
CA SER A 161 37.50 1.80 -15.43
C SER A 161 37.04 1.27 -16.78
N ALA A 162 37.00 -0.05 -16.90
CA ALA A 162 36.59 -0.69 -18.15
C ALA A 162 36.21 -2.13 -17.92
N ILE A 163 35.32 -2.63 -18.77
CA ILE A 163 34.89 -4.03 -18.70
C ILE A 163 34.96 -4.64 -20.12
N THR A 164 35.34 -5.91 -20.20
CA THR A 164 35.43 -6.62 -21.49
C THR A 164 34.39 -7.71 -21.48
N VAL A 165 33.36 -7.59 -22.30
CA VAL A 165 32.31 -8.61 -22.35
C VAL A 165 32.57 -9.66 -23.44
N PHE A 166 32.75 -10.92 -23.04
CA PHE A 166 32.98 -12.03 -23.97
C PHE A 166 31.61 -12.67 -24.28
N PRO A 167 31.57 -13.67 -25.19
CA PRO A 167 30.27 -14.16 -25.66
C PRO A 167 29.41 -14.72 -24.51
N GLN A 168 28.12 -14.48 -24.61
CA GLN A 168 27.17 -14.97 -23.62
C GLN A 168 27.10 -16.48 -23.62
N ARG A 169 26.78 -17.07 -22.47
CA ARG A 169 26.69 -18.51 -22.34
C ARG A 169 25.55 -19.01 -23.21
N SER A 170 25.80 -20.14 -23.88
CA SER A 170 24.79 -20.72 -24.75
C SER A 170 24.07 -21.85 -24.05
N ASP A 171 24.70 -23.01 -24.00
CA ASP A 171 24.13 -24.19 -23.37
C ASP A 171 24.94 -24.56 -22.13
N GLY A 172 25.87 -23.68 -21.77
CA GLY A 172 26.70 -23.95 -20.63
C GLY A 172 27.88 -24.81 -21.01
N LYS A 173 27.93 -25.24 -22.27
CA LYS A 173 29.05 -26.08 -22.69
C LYS A 173 30.12 -25.32 -23.47
N HIS A 174 29.82 -24.07 -23.82
CA HIS A 174 30.77 -23.25 -24.57
C HIS A 174 31.03 -21.91 -23.91
N ASP A 175 31.30 -21.96 -22.61
CA ASP A 175 31.56 -20.76 -21.84
C ASP A 175 32.90 -20.16 -22.14
N PHE A 176 32.90 -18.85 -22.34
CA PHE A 176 34.14 -18.13 -22.54
C PHE A 176 34.42 -17.62 -21.13
N ARG A 177 35.56 -17.99 -20.56
CA ARG A 177 35.88 -17.61 -19.19
C ARG A 177 37.33 -17.43 -18.89
N VAL A 178 37.63 -16.52 -17.96
CA VAL A 178 38.99 -16.35 -17.49
C VAL A 178 38.97 -17.15 -16.17
N TRP A 179 39.88 -18.11 -16.04
CA TRP A 179 39.92 -18.92 -14.83
C TRP A 179 40.45 -18.13 -13.64
N ASN A 180 41.39 -17.22 -13.90
CA ASN A 180 41.98 -16.40 -12.84
C ASN A 180 40.95 -15.50 -12.17
N ALA A 181 41.08 -15.34 -10.85
CA ALA A 181 40.18 -14.46 -10.09
C ALA A 181 40.39 -13.01 -10.54
N GLN A 182 41.65 -12.61 -10.67
CA GLN A 182 42.00 -11.28 -11.13
C GLN A 182 42.84 -11.42 -12.41
N LEU A 183 42.90 -10.35 -13.20
CA LEU A 183 43.68 -10.32 -14.43
C LEU A 183 45.15 -10.37 -14.05
N ILE A 184 45.57 -9.47 -13.17
CA ILE A 184 46.95 -9.44 -12.67
C ILE A 184 46.93 -9.88 -11.21
N ARG A 185 47.82 -10.78 -10.84
CA ARG A 185 47.90 -11.31 -9.50
C ARG A 185 49.26 -12.01 -9.36
N TYR A 186 49.86 -11.99 -8.17
CA TYR A 186 51.14 -12.65 -7.99
C TYR A 186 51.00 -14.12 -7.61
N ALA A 187 52.06 -14.88 -7.84
CA ALA A 187 52.03 -16.30 -7.55
C ALA A 187 52.47 -16.65 -6.15
N GLY A 188 52.00 -17.81 -5.70
CA GLY A 188 52.34 -18.31 -4.38
C GLY A 188 52.96 -19.68 -4.59
N TYR A 189 54.15 -19.86 -4.07
CA TYR A 189 54.86 -21.11 -4.23
C TYR A 189 55.07 -21.82 -2.90
N GLN A 190 54.88 -23.13 -2.91
CA GLN A 190 55.13 -23.92 -1.73
C GLN A 190 56.61 -24.33 -1.85
N MET A 191 57.48 -23.61 -1.16
CA MET A 191 58.89 -23.93 -1.21
C MET A 191 59.21 -25.29 -0.58
N PRO A 192 60.40 -25.85 -0.88
CA PRO A 192 60.83 -27.16 -0.39
C PRO A 192 61.07 -27.20 1.12
N ASP A 193 61.57 -26.09 1.70
CA ASP A 193 61.80 -26.03 3.14
C ASP A 193 60.50 -25.90 3.91
N GLY A 194 59.38 -25.95 3.20
CA GLY A 194 58.09 -25.87 3.83
C GLY A 194 57.46 -24.50 3.82
N SER A 195 58.24 -23.48 3.49
CA SER A 195 57.70 -22.13 3.49
C SER A 195 56.91 -21.80 2.23
N ILE A 196 56.22 -20.68 2.26
CA ILE A 196 55.47 -20.20 1.11
C ILE A 196 56.16 -18.92 0.68
N ARG A 197 56.35 -18.78 -0.63
CA ARG A 197 56.99 -17.59 -1.17
C ARG A 197 55.97 -16.91 -2.07
N GLY A 198 55.87 -15.59 -1.95
CA GLY A 198 54.91 -14.87 -2.74
C GLY A 198 53.59 -14.81 -2.03
N ASP A 199 52.51 -14.79 -2.80
CA ASP A 199 51.16 -14.70 -2.31
C ASP A 199 50.54 -16.06 -1.96
N PRO A 200 50.46 -16.39 -0.65
CA PRO A 200 50.01 -17.68 -0.13
C PRO A 200 48.63 -18.02 -0.59
N ALA A 201 47.81 -17.01 -0.82
CA ALA A 201 46.44 -17.23 -1.26
C ALA A 201 46.37 -17.69 -2.72
N ASN A 202 47.52 -17.75 -3.37
CA ASN A 202 47.56 -18.14 -4.77
C ASN A 202 48.37 -19.40 -5.04
N VAL A 203 48.77 -20.08 -3.97
CA VAL A 203 49.55 -21.30 -4.13
C VAL A 203 48.80 -22.33 -4.95
N GLU A 204 47.53 -22.52 -4.67
CA GLU A 204 46.72 -23.49 -5.39
C GLU A 204 46.57 -23.16 -6.89
N PHE A 205 46.13 -21.94 -7.22
CA PHE A 205 46.00 -21.55 -8.61
C PHE A 205 47.36 -21.60 -9.29
N THR A 206 48.40 -21.21 -8.58
CA THR A 206 49.75 -21.23 -9.14
C THR A 206 50.17 -22.65 -9.53
N GLN A 207 49.80 -23.63 -8.71
CA GLN A 207 50.13 -25.04 -8.99
C GLN A 207 49.36 -25.49 -10.22
N LEU A 208 48.14 -24.98 -10.37
CA LEU A 208 47.30 -25.29 -11.53
C LEU A 208 48.03 -24.81 -12.80
N CYS A 209 48.61 -23.62 -12.73
CA CYS A 209 49.33 -23.07 -13.87
C CYS A 209 50.54 -23.91 -14.19
N ILE A 210 51.26 -24.33 -13.15
CA ILE A 210 52.44 -25.16 -13.32
C ILE A 210 52.02 -26.48 -13.95
N ASP A 211 50.85 -26.99 -13.55
CA ASP A 211 50.32 -28.23 -14.09
C ASP A 211 49.96 -28.08 -15.57
N LEU A 212 49.58 -26.87 -15.97
CA LEU A 212 49.22 -26.61 -17.35
C LEU A 212 50.44 -26.26 -18.18
N GLY A 213 51.62 -26.36 -17.57
CA GLY A 213 52.82 -26.08 -18.31
C GLY A 213 53.56 -24.79 -18.08
N TRP A 214 53.10 -23.93 -17.18
CA TRP A 214 53.82 -22.69 -16.92
C TRP A 214 55.08 -22.99 -16.10
N LYS A 215 56.17 -22.28 -16.39
CA LYS A 215 57.42 -22.46 -15.66
C LYS A 215 57.35 -21.54 -14.44
N PRO A 216 57.30 -22.12 -13.23
CA PRO A 216 57.30 -21.34 -11.99
C PRO A 216 58.59 -20.58 -11.90
N LYS A 217 58.50 -19.31 -11.57
CA LYS A 217 59.72 -18.50 -11.47
C LYS A 217 60.25 -18.38 -10.03
N TYR A 218 59.45 -18.81 -9.04
CA TYR A 218 59.86 -18.77 -7.63
C TYR A 218 60.31 -17.40 -7.09
N GLY A 219 59.54 -16.37 -7.41
CA GLY A 219 59.82 -15.04 -6.94
C GLY A 219 58.68 -14.63 -6.06
N ARG A 220 58.80 -13.49 -5.39
CA ARG A 220 57.75 -13.02 -4.48
C ARG A 220 56.60 -12.32 -5.19
N PHE A 221 56.88 -11.79 -6.36
CA PHE A 221 55.84 -11.08 -7.09
C PHE A 221 55.91 -11.46 -8.57
N ASP A 222 55.54 -12.69 -8.87
CA ASP A 222 55.56 -13.20 -10.22
C ASP A 222 54.16 -13.20 -10.75
N VAL A 223 53.87 -12.39 -11.75
CA VAL A 223 52.51 -12.38 -12.29
C VAL A 223 52.18 -13.77 -12.86
N VAL A 224 51.02 -14.30 -12.47
CA VAL A 224 50.64 -15.60 -12.99
C VAL A 224 50.11 -15.39 -14.40
N PRO A 225 50.26 -16.42 -15.25
CA PRO A 225 49.70 -16.43 -16.60
C PRO A 225 48.19 -16.45 -16.60
N LEU A 226 47.60 -15.86 -17.62
CA LEU A 226 46.17 -15.87 -17.77
C LEU A 226 45.83 -17.29 -18.16
N VAL A 227 44.73 -17.81 -17.63
CA VAL A 227 44.29 -19.17 -17.93
C VAL A 227 42.95 -18.93 -18.60
N LEU A 228 42.93 -19.01 -19.92
CA LEU A 228 41.76 -18.69 -20.72
C LEU A 228 41.00 -19.84 -21.37
N GLN A 229 39.70 -19.88 -21.12
CA GLN A 229 38.83 -20.90 -21.67
C GLN A 229 37.97 -20.29 -22.77
N ALA A 230 38.14 -20.80 -23.99
CA ALA A 230 37.36 -20.29 -25.10
C ALA A 230 36.41 -21.35 -25.57
N ASN A 231 35.17 -20.96 -25.77
CA ASN A 231 34.12 -21.84 -26.23
C ASN A 231 34.03 -23.20 -25.52
N GLY A 232 34.31 -23.20 -24.21
CA GLY A 232 34.23 -24.42 -23.44
C GLY A 232 35.44 -25.34 -23.52
N ARG A 233 36.41 -24.95 -24.32
CA ARG A 233 37.63 -25.74 -24.50
C ARG A 233 38.50 -25.76 -23.26
N ASP A 234 39.43 -26.69 -23.19
CA ASP A 234 40.35 -26.73 -22.07
C ASP A 234 41.05 -25.39 -22.11
N PRO A 235 41.38 -24.81 -20.94
CA PRO A 235 41.99 -23.48 -20.92
C PRO A 235 43.39 -23.47 -21.48
N GLU A 236 43.79 -22.32 -22.03
CA GLU A 236 45.13 -22.15 -22.59
C GLU A 236 45.79 -20.98 -21.89
N LEU A 237 47.07 -21.13 -21.61
CA LEU A 237 47.86 -20.13 -20.90
C LEU A 237 48.42 -19.04 -21.78
N PHE A 238 48.44 -17.82 -21.25
CA PHE A 238 48.96 -16.64 -21.95
C PHE A 238 49.52 -15.69 -20.90
N GLU A 239 50.80 -15.34 -20.98
CA GLU A 239 51.36 -14.43 -20.01
C GLU A 239 51.23 -13.00 -20.55
N ILE A 240 50.77 -12.07 -19.70
CA ILE A 240 50.62 -10.66 -20.09
C ILE A 240 52.01 -10.06 -20.30
N PRO A 241 52.21 -9.36 -21.44
CA PRO A 241 53.49 -8.69 -21.69
C PRO A 241 53.91 -7.89 -20.46
N PRO A 242 55.12 -8.13 -19.95
CA PRO A 242 55.61 -7.34 -18.82
C PRO A 242 55.32 -5.84 -18.94
N ASP A 243 55.60 -5.26 -20.10
CA ASP A 243 55.37 -3.83 -20.28
C ASP A 243 53.93 -3.41 -20.03
N LEU A 244 52.99 -4.35 -20.09
CA LEU A 244 51.59 -4.05 -19.85
C LEU A 244 51.18 -4.13 -18.39
N VAL A 245 52.14 -4.46 -17.52
CA VAL A 245 51.89 -4.60 -16.09
C VAL A 245 52.55 -3.46 -15.30
N LEU A 246 51.81 -2.39 -15.02
CA LEU A 246 52.39 -1.29 -14.22
C LEU A 246 52.42 -1.73 -12.75
N GLU A 247 53.57 -1.51 -12.10
CA GLU A 247 53.76 -1.84 -10.69
C GLU A 247 54.29 -0.63 -9.98
N VAL A 248 54.16 -0.61 -8.66
CA VAL A 248 54.62 0.51 -7.81
C VAL A 248 55.50 -0.02 -6.69
N ALA A 249 56.74 0.43 -6.64
CA ALA A 249 57.64 -0.01 -5.58
C ALA A 249 57.22 0.72 -4.31
N MET A 250 57.09 -0.03 -3.21
CA MET A 250 56.66 0.51 -1.92
C MET A 250 57.74 1.24 -1.14
N GLU A 251 57.44 2.48 -0.74
CA GLU A 251 58.36 3.30 0.04
C GLU A 251 57.55 4.12 1.04
N HIS A 252 58.16 4.44 2.16
CA HIS A 252 57.48 5.22 3.20
C HIS A 252 58.07 6.61 3.26
N PRO A 253 57.21 7.65 3.38
CA PRO A 253 57.66 9.05 3.35
C PRO A 253 58.70 9.49 4.40
N LYS A 254 58.85 8.72 5.46
CA LYS A 254 59.81 9.05 6.50
C LYS A 254 60.68 7.86 6.89
N TYR A 255 60.11 6.66 6.85
CA TYR A 255 60.86 5.45 7.19
C TYR A 255 61.71 4.98 6.02
N GLU A 256 62.94 5.46 5.98
CA GLU A 256 63.89 5.11 4.93
C GLU A 256 64.09 3.59 4.74
N TRP A 257 63.91 2.82 5.80
CA TRP A 257 64.11 1.37 5.74
C TRP A 257 62.96 0.64 5.11
N PHE A 258 61.86 1.31 4.84
CA PHE A 258 60.70 0.63 4.26
C PHE A 258 61.10 0.00 2.93
N ARG A 259 62.00 0.67 2.20
CA ARG A 259 62.47 0.16 0.92
C ARG A 259 63.21 -1.16 1.08
N GLU A 260 63.77 -1.38 2.26
CA GLU A 260 64.52 -2.60 2.53
C GLU A 260 63.60 -3.80 2.50
N LEU A 261 62.31 -3.54 2.71
CA LEU A 261 61.31 -4.61 2.69
C LEU A 261 61.14 -5.12 1.26
N GLU A 262 61.54 -4.29 0.30
CA GLU A 262 61.48 -4.63 -1.11
C GLU A 262 60.13 -5.11 -1.56
N LEU A 263 59.10 -4.32 -1.28
CA LEU A 263 57.78 -4.71 -1.69
C LEU A 263 57.33 -3.86 -2.84
N LYS A 264 56.30 -4.31 -3.50
CA LYS A 264 55.75 -3.56 -4.61
C LYS A 264 54.40 -4.16 -4.81
N TRP A 265 53.56 -3.48 -5.57
CA TRP A 265 52.25 -4.02 -5.87
C TRP A 265 51.88 -3.55 -7.28
N TYR A 266 50.89 -4.18 -7.89
CA TYR A 266 50.49 -3.78 -9.22
C TYR A 266 49.40 -2.74 -9.12
N ALA A 267 49.37 -1.86 -10.12
CA ALA A 267 48.41 -0.76 -10.19
C ALA A 267 46.99 -1.09 -10.65
N LEU A 268 46.84 -2.12 -11.48
CA LEU A 268 45.50 -2.41 -11.97
C LEU A 268 44.81 -3.54 -11.21
N PRO A 269 43.68 -3.21 -10.55
CA PRO A 269 42.78 -4.18 -9.95
C PRO A 269 41.63 -4.56 -10.90
N ALA A 270 41.56 -5.82 -11.29
CA ALA A 270 40.52 -6.28 -12.20
C ALA A 270 39.90 -7.62 -11.83
N VAL A 271 38.60 -7.63 -11.52
CA VAL A 271 37.93 -8.89 -11.19
C VAL A 271 37.70 -9.61 -12.51
N ALA A 272 38.40 -10.74 -12.68
CA ALA A 272 38.34 -11.53 -13.90
C ALA A 272 37.40 -12.71 -13.94
N ASN A 273 36.87 -13.14 -12.81
CA ASN A 273 36.04 -14.35 -12.81
C ASN A 273 34.57 -14.30 -12.43
N MET A 274 33.93 -13.16 -12.62
CA MET A 274 32.53 -13.06 -12.25
C MET A 274 31.61 -13.18 -13.44
N LEU A 275 30.31 -13.33 -13.19
CA LEU A 275 29.34 -13.50 -14.25
C LEU A 275 28.38 -12.32 -14.34
N LEU A 276 28.26 -11.73 -15.51
CA LEU A 276 27.33 -10.62 -15.71
C LEU A 276 25.95 -11.21 -16.06
N GLU A 277 24.93 -10.91 -15.25
CA GLU A 277 23.60 -11.40 -15.56
C GLU A 277 22.79 -10.20 -16.08
N VAL A 278 22.17 -10.36 -17.25
CA VAL A 278 21.38 -9.30 -17.89
C VAL A 278 20.14 -9.92 -18.50
N GLY A 279 18.96 -9.55 -18.03
CA GLY A 279 17.71 -10.08 -18.56
C GLY A 279 17.62 -11.59 -18.84
N GLY A 280 18.25 -12.41 -18.01
CA GLY A 280 18.22 -13.85 -18.22
C GLY A 280 19.50 -14.38 -18.85
N LEU A 281 20.20 -13.48 -19.53
CA LEU A 281 21.47 -13.78 -20.19
C LEU A 281 22.61 -13.81 -19.16
N GLU A 282 23.56 -14.70 -19.40
CA GLU A 282 24.71 -14.85 -18.53
C GLU A 282 25.96 -14.70 -19.34
N PHE A 283 26.85 -13.84 -18.89
CA PHE A 283 28.10 -13.61 -19.56
C PHE A 283 29.20 -14.08 -18.63
N PRO A 284 29.59 -15.37 -18.73
CA PRO A 284 30.60 -15.92 -17.82
C PRO A 284 31.99 -15.26 -17.94
N GLY A 285 32.16 -14.41 -18.93
CA GLY A 285 33.43 -13.76 -19.13
C GLY A 285 33.18 -12.28 -19.32
N CYS A 286 33.65 -11.51 -18.34
CA CYS A 286 33.48 -10.07 -18.34
C CYS A 286 34.43 -9.44 -17.35
N PRO A 287 35.75 -9.54 -17.61
CA PRO A 287 36.73 -8.91 -16.71
C PRO A 287 36.50 -7.41 -16.62
N PHE A 288 36.45 -6.88 -15.39
CA PHE A 288 36.28 -5.45 -15.17
C PHE A 288 37.33 -4.92 -14.24
N ASN A 289 37.55 -3.62 -14.25
CA ASN A 289 38.55 -3.06 -13.38
C ASN A 289 38.14 -1.65 -12.96
N GLY A 290 38.81 -1.15 -11.92
CA GLY A 290 38.58 0.18 -11.41
C GLY A 290 39.97 0.51 -10.94
N TRP A 291 40.09 1.37 -9.95
CA TRP A 291 41.41 1.68 -9.41
C TRP A 291 41.38 1.26 -7.94
N TYR A 292 42.55 1.21 -7.32
CA TYR A 292 42.68 0.78 -5.94
C TYR A 292 42.32 1.74 -4.81
N MET A 293 41.65 1.20 -3.80
CA MET A 293 41.36 1.97 -2.60
C MET A 293 42.52 1.48 -1.75
N GLY A 294 43.38 2.40 -1.30
CA GLY A 294 44.56 2.05 -0.53
C GLY A 294 44.52 0.87 0.43
N THR A 295 43.44 0.73 1.18
CA THR A 295 43.30 -0.33 2.16
C THR A 295 43.38 -1.76 1.66
N GLU A 296 42.95 -2.00 0.42
CA GLU A 296 43.00 -3.35 -0.18
C GLU A 296 44.44 -3.89 -0.15
N ILE A 297 45.40 -3.03 -0.48
CA ILE A 297 46.80 -3.38 -0.52
C ILE A 297 47.45 -3.29 0.86
N GLY A 298 47.36 -2.11 1.46
CA GLY A 298 47.95 -1.89 2.78
C GLY A 298 47.44 -2.77 3.91
N VAL A 299 46.12 -2.94 4.03
CA VAL A 299 45.59 -3.76 5.12
C VAL A 299 45.37 -5.22 4.72
N ARG A 300 44.72 -5.43 3.59
CA ARG A 300 44.42 -6.79 3.16
C ARG A 300 45.57 -7.57 2.51
N ASP A 301 46.09 -7.10 1.39
CA ASP A 301 47.18 -7.82 0.72
C ASP A 301 48.44 -7.90 1.55
N PHE A 302 48.83 -6.80 2.17
CA PHE A 302 50.06 -6.78 2.97
C PHE A 302 49.93 -7.26 4.43
N CYS A 303 48.75 -7.11 5.01
CA CYS A 303 48.60 -7.44 6.41
C CYS A 303 47.81 -8.68 6.81
N ASP A 304 46.95 -9.21 5.93
CA ASP A 304 46.23 -10.44 6.27
C ASP A 304 47.31 -11.45 6.58
N VAL A 305 47.05 -12.32 7.55
CA VAL A 305 48.06 -13.31 7.94
C VAL A 305 48.20 -14.37 6.88
N GLN A 306 47.14 -14.58 6.11
CA GLN A 306 47.18 -15.54 5.03
C GLN A 306 47.66 -14.96 3.68
N ARG A 307 48.15 -13.72 3.70
CA ARG A 307 48.65 -13.06 2.51
C ARG A 307 50.11 -12.76 2.74
N TYR A 308 50.57 -11.54 2.45
CA TYR A 308 52.00 -11.26 2.66
C TYR A 308 52.43 -11.18 4.10
N ASN A 309 51.48 -10.84 4.97
CA ASN A 309 51.68 -10.82 6.40
C ASN A 309 53.00 -10.19 6.86
N ILE A 310 53.16 -8.89 6.59
CA ILE A 310 54.38 -8.17 6.94
C ILE A 310 54.25 -7.38 8.26
N LEU A 311 53.05 -7.40 8.85
CA LEU A 311 52.79 -6.67 10.10
C LEU A 311 53.88 -6.79 11.15
N GLU A 312 54.25 -8.02 11.49
CA GLU A 312 55.28 -8.33 12.49
C GLU A 312 56.64 -7.65 12.23
N GLU A 313 57.22 -7.87 11.05
CA GLU A 313 58.52 -7.27 10.76
C GLU A 313 58.49 -5.73 10.70
N VAL A 314 57.39 -5.17 10.24
CA VAL A 314 57.26 -3.73 10.18
C VAL A 314 57.25 -3.21 11.63
N GLY A 315 56.42 -3.82 12.47
CA GLY A 315 56.33 -3.43 13.87
C GLY A 315 57.70 -3.48 14.48
N ARG A 316 58.44 -4.56 14.22
CA ARG A 316 59.79 -4.72 14.74
C ARG A 316 60.68 -3.60 14.23
N ARG A 317 60.63 -3.37 12.92
CA ARG A 317 61.44 -2.32 12.31
C ARG A 317 61.07 -0.97 12.89
N MET A 318 59.82 -0.82 13.28
CA MET A 318 59.35 0.41 13.86
C MET A 318 59.77 0.55 15.34
N GLY A 319 60.34 -0.50 15.91
CA GLY A 319 60.77 -0.46 17.31
C GLY A 319 59.62 -0.50 18.32
N LEU A 320 58.50 -1.10 17.92
CA LEU A 320 57.33 -1.18 18.77
C LEU A 320 57.38 -2.35 19.75
N GLU A 321 56.54 -2.33 20.79
CA GLU A 321 56.49 -3.44 21.76
C GLU A 321 55.60 -4.51 21.17
N THR A 322 56.12 -5.11 20.11
CA THR A 322 55.45 -6.14 19.36
C THR A 322 55.09 -7.38 20.21
N HIS A 323 55.65 -7.45 21.42
CA HIS A 323 55.41 -8.55 22.35
C HIS A 323 54.13 -8.35 23.15
N LYS A 324 53.60 -7.13 23.11
CA LYS A 324 52.42 -6.80 23.87
C LYS A 324 51.34 -6.27 22.97
N LEU A 325 50.25 -7.00 22.87
CA LEU A 325 49.12 -6.60 22.06
C LEU A 325 48.51 -5.25 22.50
N ALA A 326 48.43 -5.05 23.82
CA ALA A 326 47.84 -3.83 24.38
C ALA A 326 48.55 -2.52 24.00
N SER A 327 49.77 -2.64 23.50
CA SER A 327 50.55 -1.48 23.09
C SER A 327 49.94 -0.89 21.82
N LEU A 328 49.09 -1.68 21.16
CA LEU A 328 48.45 -1.27 19.91
C LEU A 328 49.48 -1.11 18.79
N TRP A 329 50.57 -1.87 18.90
CA TRP A 329 51.65 -1.86 17.92
C TRP A 329 51.11 -2.26 16.54
N LYS A 330 50.20 -3.24 16.51
CA LYS A 330 49.61 -3.69 15.25
C LYS A 330 48.85 -2.57 14.59
N ASP A 331 48.35 -1.64 15.39
CA ASP A 331 47.57 -0.54 14.87
C ASP A 331 48.49 0.54 14.31
N GLN A 332 49.62 0.75 14.98
CA GLN A 332 50.57 1.73 14.52
C GLN A 332 51.24 1.27 13.22
N ALA A 333 51.59 -0.02 13.17
CA ALA A 333 52.21 -0.61 12.01
C ALA A 333 51.25 -0.62 10.83
N VAL A 334 50.00 -1.02 11.03
CA VAL A 334 49.11 -1.03 9.89
C VAL A 334 48.88 0.37 9.31
N VAL A 335 48.96 1.39 10.16
CA VAL A 335 48.74 2.75 9.66
C VAL A 335 49.88 3.20 8.76
N GLU A 336 51.12 2.89 9.16
CA GLU A 336 52.30 3.27 8.41
C GLU A 336 52.45 2.50 7.10
N ILE A 337 51.98 1.25 7.10
CA ILE A 337 52.01 0.43 5.91
C ILE A 337 51.10 1.09 4.88
N ASN A 338 49.92 1.54 5.33
CA ASN A 338 48.96 2.17 4.44
C ASN A 338 49.32 3.55 3.96
N ILE A 339 50.20 4.20 4.69
CA ILE A 339 50.71 5.51 4.34
C ILE A 339 51.78 5.27 3.25
N ALA A 340 52.54 4.18 3.39
CA ALA A 340 53.57 3.84 2.41
C ALA A 340 52.81 3.60 1.09
N VAL A 341 51.76 2.78 1.15
CA VAL A 341 50.94 2.49 -0.01
C VAL A 341 50.47 3.75 -0.70
N ILE A 342 49.66 4.58 -0.03
CA ILE A 342 49.22 5.78 -0.73
C ILE A 342 50.33 6.75 -1.13
N HIS A 343 51.44 6.76 -0.41
CA HIS A 343 52.57 7.64 -0.75
C HIS A 343 53.20 7.20 -2.06
N SER A 344 53.54 5.91 -2.12
CA SER A 344 54.17 5.29 -3.28
C SER A 344 53.37 5.41 -4.56
N PHE A 345 52.06 5.18 -4.51
CA PHE A 345 51.25 5.31 -5.70
C PHE A 345 51.23 6.75 -6.17
N GLN A 346 51.10 7.69 -5.23
CA GLN A 346 51.08 9.10 -5.55
C GLN A 346 52.40 9.50 -6.18
N LYS A 347 53.50 9.14 -5.51
CA LYS A 347 54.83 9.44 -5.98
C LYS A 347 55.12 8.91 -7.40
N GLN A 348 54.50 7.78 -7.76
CA GLN A 348 54.71 7.20 -9.08
C GLN A 348 53.59 7.62 -10.02
N ASN A 349 52.76 8.54 -9.59
CA ASN A 349 51.66 9.02 -10.42
C ASN A 349 50.68 7.98 -10.89
N VAL A 350 50.30 7.09 -9.98
CA VAL A 350 49.34 6.05 -10.29
C VAL A 350 48.06 6.31 -9.46
N THR A 351 46.91 6.22 -10.11
CA THR A 351 45.64 6.45 -9.43
C THR A 351 45.35 5.50 -8.27
N ILE A 352 44.99 6.11 -7.14
CA ILE A 352 44.62 5.38 -5.92
C ILE A 352 43.78 6.31 -5.05
N MET A 353 42.81 5.75 -4.35
CA MET A 353 41.97 6.55 -3.47
C MET A 353 42.05 6.04 -2.02
N ASP A 354 42.18 6.95 -1.07
CA ASP A 354 42.21 6.56 0.35
C ASP A 354 40.78 6.19 0.79
N HIS A 355 40.68 5.43 1.87
CA HIS A 355 39.38 4.98 2.38
C HIS A 355 38.42 6.00 2.96
N HIS A 356 38.93 7.13 3.46
CA HIS A 356 38.07 8.21 4.00
C HIS A 356 37.38 8.89 2.82
N SER A 357 38.20 9.26 1.84
CA SER A 357 37.73 9.88 0.59
C SER A 357 36.80 8.93 -0.16
N ALA A 358 37.15 7.63 -0.21
CA ALA A 358 36.27 6.68 -0.88
C ALA A 358 34.91 6.57 -0.16
N ALA A 359 34.97 6.50 1.17
CA ALA A 359 33.78 6.38 2.01
C ALA A 359 32.94 7.63 1.84
N GLU A 360 33.61 8.78 1.78
CA GLU A 360 32.87 10.02 1.58
C GLU A 360 32.11 10.03 0.26
N SER A 361 32.77 9.62 -0.83
CA SER A 361 32.11 9.61 -2.16
C SER A 361 30.97 8.62 -2.17
N PHE A 362 31.13 7.48 -1.46
CA PHE A 362 30.05 6.51 -1.43
C PHE A 362 28.78 7.07 -0.78
N MET A 363 28.95 7.92 0.23
CA MET A 363 27.80 8.53 0.90
C MET A 363 27.09 9.43 -0.10
N LYS A 364 27.88 10.23 -0.83
CA LYS A 364 27.33 11.12 -1.85
C LYS A 364 26.54 10.27 -2.85
N TYR A 365 27.15 9.17 -3.32
CA TYR A 365 26.50 8.25 -4.27
C TYR A 365 25.20 7.62 -3.72
N MET A 366 25.24 7.18 -2.45
CA MET A 366 24.07 6.55 -1.80
C MET A 366 22.86 7.47 -1.77
N GLN A 367 23.09 8.76 -1.55
CA GLN A 367 22.01 9.72 -1.51
C GLN A 367 21.42 9.94 -2.89
N ASN A 368 22.30 10.08 -3.89
CA ASN A 368 21.86 10.26 -5.27
C ASN A 368 20.98 9.09 -5.64
N GLU A 369 21.43 7.89 -5.29
CA GLU A 369 20.68 6.68 -5.55
C GLU A 369 19.28 6.65 -4.96
N TYR A 370 19.13 7.10 -3.71
CA TYR A 370 17.82 7.13 -3.07
C TYR A 370 16.94 8.20 -3.73
N ARG A 371 17.57 9.30 -4.12
CA ARG A 371 16.84 10.37 -4.79
C ARG A 371 16.42 9.86 -6.18
N SER A 372 17.28 9.04 -6.80
CA SER A 372 17.07 8.47 -8.14
C SER A 372 16.10 7.32 -8.26
N ARG A 373 16.34 6.25 -7.52
CA ARG A 373 15.47 5.08 -7.62
C ARG A 373 14.81 4.59 -6.33
N GLY A 374 15.02 5.31 -5.23
CA GLY A 374 14.42 4.89 -3.98
C GLY A 374 15.06 3.62 -3.49
N GLY A 375 16.37 3.54 -3.60
CA GLY A 375 17.07 2.34 -3.16
C GLY A 375 18.51 2.41 -3.57
N CYS A 376 19.32 1.53 -2.99
CA CYS A 376 20.75 1.45 -3.25
C CYS A 376 21.23 0.21 -2.49
N PRO A 377 21.28 -0.97 -3.14
CA PRO A 377 21.66 -2.18 -2.40
C PRO A 377 23.09 -2.01 -1.93
N ALA A 378 23.33 -2.26 -0.66
CA ALA A 378 24.65 -2.09 -0.10
C ALA A 378 24.95 -3.13 0.96
N ASP A 379 26.16 -3.66 0.94
CA ASP A 379 26.62 -4.67 1.89
C ASP A 379 27.54 -3.95 2.86
N TRP A 380 26.99 -3.64 4.03
CA TRP A 380 27.67 -2.92 5.08
C TRP A 380 29.03 -3.52 5.40
N ILE A 381 29.02 -4.85 5.55
CA ILE A 381 30.20 -5.61 5.92
C ILE A 381 31.37 -5.48 4.96
N TRP A 382 31.05 -5.26 3.68
CA TRP A 382 32.05 -5.11 2.62
C TRP A 382 32.45 -3.66 2.40
N LEU A 383 31.47 -2.77 2.50
CA LEU A 383 31.69 -1.35 2.32
C LEU A 383 32.48 -0.63 3.41
N VAL A 384 32.50 -1.18 4.63
CA VAL A 384 33.26 -0.55 5.71
C VAL A 384 34.74 -0.96 5.59
N PRO A 385 35.65 0.03 5.43
CA PRO A 385 37.08 -0.26 5.24
C PRO A 385 37.61 -1.21 6.28
N PRO A 386 38.61 -2.04 5.90
CA PRO A 386 39.23 -3.01 6.81
C PRO A 386 39.95 -2.38 8.01
N MET A 387 40.11 -1.06 8.00
CA MET A 387 40.71 -0.36 9.13
C MET A 387 39.99 0.95 9.34
N SER A 388 39.99 1.39 10.61
CA SER A 388 39.35 2.63 11.02
C SER A 388 37.87 2.74 10.67
N GLY A 389 37.17 1.62 10.80
CA GLY A 389 35.73 1.57 10.51
C GLY A 389 34.83 2.74 10.95
N SER A 390 34.68 2.97 12.25
CA SER A 390 33.80 4.06 12.70
C SER A 390 34.29 5.45 12.37
N ILE A 391 35.56 5.61 12.01
CA ILE A 391 36.06 6.94 11.63
C ILE A 391 35.44 7.34 10.27
N THR A 392 34.89 6.35 9.57
CA THR A 392 34.32 6.60 8.26
C THR A 392 32.82 6.68 8.38
N PRO A 393 32.17 7.50 7.54
CA PRO A 393 30.71 7.66 7.60
C PRO A 393 29.90 6.43 7.24
N VAL A 394 30.50 5.52 6.49
CA VAL A 394 29.85 4.29 6.05
C VAL A 394 29.43 3.39 7.24
N PHE A 395 30.28 3.32 8.26
CA PHE A 395 30.05 2.54 9.49
C PHE A 395 28.73 2.94 10.17
N HIS A 396 28.45 4.23 10.16
CA HIS A 396 27.28 4.79 10.82
C HIS A 396 26.04 4.73 9.97
N GLN A 397 26.20 4.21 8.76
CA GLN A 397 25.11 4.15 7.83
C GLN A 397 24.41 2.81 7.83
N GLU A 398 23.09 2.83 7.99
CA GLU A 398 22.31 1.61 7.95
C GLU A 398 22.01 1.36 6.48
N MET A 399 22.06 0.11 6.09
CA MET A 399 21.86 -0.28 4.70
C MET A 399 20.93 -1.47 4.57
N LEU A 400 20.47 -1.67 3.35
CA LEU A 400 19.64 -2.82 2.97
C LEU A 400 20.45 -3.51 1.89
N ASN A 401 20.70 -4.80 2.04
CA ASN A 401 21.44 -5.49 1.00
C ASN A 401 20.40 -6.31 0.23
N TYR A 402 20.47 -6.28 -1.09
CA TYR A 402 19.54 -7.04 -1.91
C TYR A 402 20.09 -7.20 -3.33
N VAL A 403 19.57 -8.18 -4.06
CA VAL A 403 20.04 -8.49 -5.42
C VAL A 403 19.10 -8.03 -6.52
N LEU A 404 19.56 -7.09 -7.34
CA LEU A 404 18.77 -6.61 -8.46
C LEU A 404 19.28 -7.23 -9.78
N SER A 405 18.83 -6.68 -10.91
CA SER A 405 19.23 -7.13 -12.25
C SER A 405 19.38 -5.90 -13.14
N PRO A 406 20.51 -5.76 -13.86
CA PRO A 406 21.62 -6.71 -14.02
C PRO A 406 22.42 -6.81 -12.72
N PHE A 407 23.25 -7.84 -12.61
CA PHE A 407 24.02 -8.09 -11.41
C PHE A 407 25.28 -8.89 -11.72
N TYR A 408 26.38 -8.64 -11.00
CA TYR A 408 27.61 -9.42 -11.17
C TYR A 408 27.58 -10.47 -10.07
N TYR A 409 27.56 -11.74 -10.45
CA TYR A 409 27.52 -12.85 -9.53
C TYR A 409 28.86 -13.51 -9.41
N TYR A 410 28.94 -14.50 -8.54
CA TYR A 410 30.14 -15.29 -8.35
C TYR A 410 29.90 -16.50 -9.24
N GLN A 411 30.91 -17.33 -9.37
CA GLN A 411 30.81 -18.55 -10.15
C GLN A 411 31.60 -19.58 -9.38
N VAL A 412 31.33 -20.86 -9.63
CA VAL A 412 32.08 -21.93 -8.99
C VAL A 412 33.39 -21.86 -9.75
N GLU A 413 34.53 -21.88 -9.07
CA GLU A 413 35.80 -21.82 -9.78
C GLU A 413 35.86 -22.87 -10.86
N ALA A 414 36.12 -22.40 -12.07
CA ALA A 414 36.15 -23.23 -13.26
C ALA A 414 36.73 -24.62 -13.12
N TRP A 415 37.88 -24.74 -12.46
CA TRP A 415 38.52 -26.03 -12.30
C TRP A 415 37.71 -27.02 -11.51
N LYS A 416 36.94 -26.53 -10.56
CA LYS A 416 36.13 -27.42 -9.75
C LYS A 416 35.03 -28.07 -10.58
N THR A 417 34.72 -27.51 -11.74
CA THR A 417 33.65 -28.05 -12.57
C THR A 417 34.02 -28.48 -14.00
N HIS A 418 35.23 -28.11 -14.43
CA HIS A 418 35.68 -28.40 -15.79
C HIS A 418 35.97 -29.87 -16.08
N VAL A 419 35.30 -30.39 -17.12
CA VAL A 419 35.51 -31.76 -17.58
C VAL A 419 36.60 -31.64 -18.67
N TRP A 420 37.82 -32.04 -18.35
CA TRP A 420 38.88 -31.94 -19.32
C TRP A 420 38.65 -32.90 -20.46
N GLN A 421 38.65 -32.38 -21.68
CA GLN A 421 38.47 -33.23 -22.84
C GLN A 421 39.87 -33.60 -23.35
N ASP A 422 40.20 -34.81 -23.25
N ARG B 2 20.35 -30.39 9.56
CA ARG B 2 20.49 -29.30 8.55
C ARG B 2 21.27 -28.12 9.15
N HIS B 3 22.56 -28.33 9.38
CA HIS B 3 23.39 -27.28 9.93
C HIS B 3 23.77 -26.30 8.83
N VAL B 4 24.39 -25.19 9.23
CA VAL B 4 24.87 -24.20 8.29
C VAL B 4 26.35 -24.10 8.55
N ARG B 5 27.15 -24.32 7.51
CA ARG B 5 28.58 -24.29 7.68
C ARG B 5 29.07 -22.86 7.56
N ILE B 6 29.98 -22.50 8.45
CA ILE B 6 30.57 -21.18 8.48
C ILE B 6 32.04 -21.41 8.55
N LYS B 7 32.79 -20.48 7.98
CA LYS B 7 34.23 -20.62 7.90
C LYS B 7 34.97 -19.38 8.33
N ASN B 8 36.19 -19.59 8.79
CA ASN B 8 37.05 -18.52 9.21
C ASN B 8 38.16 -18.52 8.16
N TRP B 9 38.14 -17.51 7.32
CA TRP B 9 39.10 -17.40 6.22
C TRP B 9 40.53 -17.12 6.63
N GLY B 10 40.76 -16.93 7.92
CA GLY B 10 42.11 -16.64 8.36
C GLY B 10 42.74 -17.89 8.93
N SER B 11 41.91 -18.79 9.47
CA SER B 11 42.42 -20.01 10.05
C SER B 11 41.94 -21.22 9.28
N GLY B 12 40.96 -21.02 8.41
CA GLY B 12 40.41 -22.12 7.66
C GLY B 12 39.39 -22.90 8.47
N MET B 13 39.31 -22.61 9.77
CA MET B 13 38.37 -23.31 10.65
C MET B 13 36.92 -23.11 10.25
N THR B 14 36.18 -24.20 10.32
CA THR B 14 34.75 -24.22 9.99
C THR B 14 33.94 -24.73 11.16
N PHE B 15 32.69 -24.30 11.24
CA PHE B 15 31.81 -24.76 12.30
C PHE B 15 30.52 -25.14 11.61
N GLN B 16 29.79 -26.08 12.18
CA GLN B 16 28.49 -26.47 11.67
C GLN B 16 27.48 -25.98 12.73
N ASP B 17 26.52 -25.20 12.29
CA ASP B 17 25.55 -24.59 13.16
C ASP B 17 24.14 -25.16 13.08
N THR B 18 23.74 -25.83 14.15
CA THR B 18 22.40 -26.41 14.27
C THR B 18 21.54 -25.63 15.30
N LEU B 19 22.21 -24.93 16.22
CA LEU B 19 21.53 -24.17 17.26
C LEU B 19 20.52 -23.17 16.76
N HIS B 20 20.81 -22.53 15.64
CA HIS B 20 19.91 -21.54 15.09
C HIS B 20 18.52 -22.07 14.85
N HIS B 21 18.37 -23.40 14.88
CA HIS B 21 17.05 -24.02 14.68
C HIS B 21 16.17 -23.78 15.90
N LYS B 22 16.82 -23.50 17.02
CA LYS B 22 16.15 -23.20 18.27
C LYS B 22 15.75 -21.71 18.37
N ALA B 23 16.25 -20.88 17.45
CA ALA B 23 15.99 -19.44 17.46
C ALA B 23 14.54 -19.05 17.18
N LYS B 24 14.16 -17.86 17.64
CA LYS B 24 12.82 -17.34 17.44
C LYS B 24 12.72 -16.77 16.02
N GLY B 25 11.60 -17.02 15.34
CA GLY B 25 11.42 -16.52 14.00
C GLY B 25 11.05 -15.06 14.02
N ILE B 26 11.96 -14.21 14.47
CA ILE B 26 11.68 -12.79 14.60
C ILE B 26 12.47 -11.79 13.77
N LEU B 27 13.67 -12.17 13.32
CA LEU B 27 14.49 -11.26 12.53
C LEU B 27 13.72 -10.79 11.30
N THR B 28 13.99 -9.57 10.83
CA THR B 28 13.30 -9.01 9.67
C THR B 28 13.88 -9.28 8.27
N CYS B 29 14.97 -10.01 8.21
CA CYS B 29 15.60 -10.37 6.96
C CYS B 29 14.66 -11.28 6.16
N ARG B 30 14.64 -11.08 4.86
CA ARG B 30 13.82 -11.91 3.98
C ARG B 30 14.66 -12.27 2.74
N SER B 31 14.12 -13.13 1.88
CA SER B 31 14.83 -13.56 0.66
C SER B 31 15.14 -12.36 -0.21
N LYS B 32 14.28 -11.35 -0.09
CA LYS B 32 14.39 -10.12 -0.86
C LYS B 32 15.36 -9.07 -0.29
N SER B 33 15.75 -9.16 0.98
CA SER B 33 16.65 -8.17 1.59
C SER B 33 17.19 -8.49 2.98
N CYS B 34 18.44 -8.11 3.22
CA CYS B 34 19.06 -8.33 4.51
C CYS B 34 19.06 -6.98 5.22
N LEU B 35 18.49 -6.93 6.44
CA LEU B 35 18.45 -5.70 7.23
C LEU B 35 19.36 -5.87 8.44
N GLY B 36 20.48 -6.58 8.23
CA GLY B 36 21.40 -6.84 9.31
C GLY B 36 22.15 -5.68 9.91
N SER B 37 22.27 -4.56 9.20
CA SER B 37 23.01 -3.41 9.72
C SER B 37 22.12 -2.41 10.47
N ILE B 38 20.85 -2.76 10.62
CA ILE B 38 19.94 -1.91 11.35
C ILE B 38 20.20 -2.09 12.87
N MET B 39 20.49 -0.97 13.54
CA MET B 39 20.84 -0.95 14.95
C MET B 39 19.80 -1.38 15.94
N THR B 40 18.68 -0.70 15.94
CA THR B 40 17.62 -0.99 16.87
C THR B 40 16.38 -1.51 16.20
N PRO B 41 16.47 -2.70 15.61
CA PRO B 41 15.23 -3.14 14.96
C PRO B 41 14.19 -3.48 16.04
N LYS B 42 12.93 -3.38 15.66
CA LYS B 42 11.88 -3.71 16.58
C LYS B 42 11.84 -5.23 16.81
N SER B 43 12.69 -5.96 16.10
CA SER B 43 12.77 -7.41 16.26
C SER B 43 13.64 -7.71 17.50
N LEU B 44 14.52 -6.78 17.82
CA LEU B 44 15.40 -6.92 18.97
C LEU B 44 14.90 -6.08 20.15
N THR B 45 13.65 -5.61 20.02
CA THR B 45 13.02 -4.78 21.02
C THR B 45 11.83 -5.49 21.65
N ARG B 46 11.71 -5.38 22.97
CA ARG B 46 10.59 -5.97 23.71
C ARG B 46 9.96 -4.77 24.43
N GLY B 47 8.85 -4.28 23.88
CA GLY B 47 8.20 -3.11 24.44
C GLY B 47 7.05 -3.29 25.42
N PRO B 48 6.35 -2.18 25.73
CA PRO B 48 5.56 -2.04 26.95
C PRO B 48 4.30 -2.89 26.92
N ARG B 49 3.91 -3.41 28.09
CA ARG B 49 2.73 -4.24 28.22
C ARG B 49 1.67 -3.53 29.02
N ASP B 50 0.42 -3.89 28.73
CA ASP B 50 -0.75 -3.31 29.35
C ASP B 50 -1.46 -4.32 30.23
N LYS B 51 -1.37 -5.59 29.85
CA LYS B 51 -1.97 -6.70 30.57
C LYS B 51 -0.83 -7.64 30.90
N PRO B 52 -1.03 -8.52 31.88
CA PRO B 52 -0.14 -9.67 32.09
C PRO B 52 -0.25 -10.75 30.99
N THR B 53 0.81 -11.53 30.85
CA THR B 53 0.85 -12.60 29.87
C THR B 53 -0.20 -13.64 30.24
N PRO B 54 -1.14 -13.94 29.34
CA PRO B 54 -2.12 -14.98 29.64
C PRO B 54 -1.39 -16.25 30.04
N PRO B 55 -1.87 -16.94 31.08
CA PRO B 55 -1.13 -18.02 31.71
C PRO B 55 -0.95 -19.19 30.75
N ASP B 56 -1.97 -19.45 29.94
CA ASP B 56 -1.89 -20.54 28.99
C ASP B 56 -0.75 -20.26 28.02
N GLU B 57 -0.62 -19.00 27.64
CA GLU B 57 0.42 -18.59 26.70
C GLU B 57 1.78 -18.70 27.35
N LEU B 58 1.82 -18.42 28.64
CA LEU B 58 3.05 -18.46 29.42
C LEU B 58 3.52 -19.86 29.72
N LEU B 59 2.57 -20.78 29.90
CA LEU B 59 2.91 -22.17 30.22
C LEU B 59 3.98 -22.87 29.36
N PRO B 60 3.77 -22.92 28.02
CA PRO B 60 4.77 -23.51 27.11
C PRO B 60 6.20 -22.97 27.20
N GLN B 61 6.34 -21.66 27.37
CA GLN B 61 7.65 -21.00 27.48
C GLN B 61 8.31 -21.29 28.83
N ALA B 62 7.50 -21.42 29.87
CA ALA B 62 8.00 -21.71 31.20
C ALA B 62 8.59 -23.11 31.19
N ILE B 63 7.84 -24.06 30.65
CA ILE B 63 8.32 -25.43 30.55
C ILE B 63 9.60 -25.51 29.71
N GLU B 64 9.61 -24.81 28.58
CA GLU B 64 10.79 -24.80 27.73
C GLU B 64 12.00 -24.30 28.51
N PHE B 65 11.83 -23.22 29.30
CA PHE B 65 12.95 -22.73 30.07
C PHE B 65 13.37 -23.75 31.11
N VAL B 66 12.39 -24.39 31.74
CA VAL B 66 12.69 -25.40 32.74
C VAL B 66 13.46 -26.55 32.10
N ASN B 67 13.00 -27.00 30.95
CA ASN B 67 13.64 -28.10 30.22
C ASN B 67 15.07 -27.68 29.88
N GLN B 68 15.22 -26.41 29.51
CA GLN B 68 16.52 -25.85 29.19
C GLN B 68 17.40 -25.77 30.44
N TYR B 69 16.81 -25.34 31.56
CA TYR B 69 17.55 -25.24 32.80
C TYR B 69 18.04 -26.62 33.21
N TYR B 70 17.14 -27.59 33.27
CA TYR B 70 17.51 -28.95 33.65
C TYR B 70 18.41 -29.64 32.64
N GLY B 71 18.34 -29.17 31.39
CA GLY B 71 19.17 -29.70 30.33
C GLY B 71 20.64 -29.31 30.49
N SER B 72 20.91 -28.22 31.20
CA SER B 72 22.29 -27.78 31.41
C SER B 72 23.00 -28.66 32.43
N PHE B 73 22.25 -29.54 33.08
CA PHE B 73 22.82 -30.40 34.07
C PHE B 73 23.65 -31.49 33.48
N LYS B 74 24.92 -31.49 33.85
CA LYS B 74 25.88 -32.47 33.39
C LYS B 74 25.36 -33.83 33.87
N GLU B 75 25.03 -33.86 35.16
CA GLU B 75 24.50 -35.02 35.85
C GLU B 75 23.00 -34.75 35.96
N ALA B 76 22.25 -35.29 35.01
CA ALA B 76 20.80 -35.07 34.95
C ALA B 76 19.95 -35.44 36.18
N LYS B 77 19.09 -34.51 36.59
CA LYS B 77 18.20 -34.71 37.72
C LYS B 77 16.81 -34.88 37.12
N ILE B 78 16.58 -36.05 36.52
CA ILE B 78 15.30 -36.34 35.87
C ILE B 78 14.12 -36.14 36.80
N GLU B 79 14.30 -36.58 38.04
CA GLU B 79 13.31 -36.49 39.11
C GLU B 79 13.01 -35.04 39.50
N GLU B 80 14.08 -34.30 39.83
CA GLU B 80 13.99 -32.88 40.20
C GLU B 80 13.35 -32.12 39.04
N HIS B 81 13.71 -32.54 37.84
CA HIS B 81 13.20 -31.95 36.61
C HIS B 81 11.66 -32.11 36.50
N LEU B 82 11.16 -33.35 36.69
CA LEU B 82 9.72 -33.62 36.61
C LEU B 82 8.99 -32.80 37.65
N ALA B 83 9.55 -32.81 38.86
CA ALA B 83 8.98 -32.08 39.97
C ALA B 83 8.77 -30.62 39.56
N ARG B 84 9.87 -29.95 39.23
CA ARG B 84 9.84 -28.54 38.86
C ARG B 84 8.84 -28.22 37.77
N VAL B 85 8.74 -29.08 36.77
CA VAL B 85 7.80 -28.83 35.67
C VAL B 85 6.38 -28.82 36.23
N GLU B 86 6.12 -29.72 37.18
CA GLU B 86 4.80 -29.82 37.80
C GLU B 86 4.60 -28.58 38.65
N ALA B 87 5.62 -28.24 39.43
CA ALA B 87 5.57 -27.06 40.30
C ALA B 87 5.24 -25.78 39.53
N VAL B 88 5.90 -25.59 38.38
CA VAL B 88 5.69 -24.41 37.55
C VAL B 88 4.29 -24.42 36.93
N THR B 89 3.88 -25.56 36.40
CA THR B 89 2.55 -25.65 35.79
C THR B 89 1.49 -25.18 36.79
N LYS B 90 1.56 -25.72 38.02
CA LYS B 90 0.61 -25.38 39.06
C LYS B 90 0.73 -23.93 39.52
N GLU B 91 1.94 -23.48 39.78
CA GLU B 91 2.15 -22.11 40.21
C GLU B 91 1.50 -21.18 39.21
N ILE B 92 1.68 -21.47 37.92
CA ILE B 92 1.07 -20.65 36.88
C ILE B 92 -0.42 -20.80 36.95
N GLU B 93 -0.87 -22.01 37.28
CA GLU B 93 -2.30 -22.37 37.40
C GLU B 93 -2.93 -21.63 38.58
N THR B 94 -2.15 -21.50 39.65
CA THR B 94 -2.57 -20.87 40.87
C THR B 94 -2.43 -19.34 40.81
N THR B 95 -1.21 -18.86 40.55
CA THR B 95 -0.90 -17.44 40.51
C THR B 95 -0.88 -16.76 39.16
N GLY B 96 -1.16 -17.52 38.09
CA GLY B 96 -1.13 -16.94 36.77
C GLY B 96 0.30 -16.63 36.31
N THR B 97 1.29 -16.91 37.16
CA THR B 97 2.70 -16.67 36.85
C THR B 97 3.57 -17.62 37.65
N TYR B 98 4.87 -17.40 37.64
CA TYR B 98 5.74 -18.28 38.36
C TYR B 98 7.00 -17.54 38.70
N GLN B 99 7.72 -18.04 39.69
CA GLN B 99 8.93 -17.37 40.11
C GLN B 99 10.08 -18.31 39.83
N LEU B 100 11.18 -17.77 39.31
CA LEU B 100 12.35 -18.57 39.03
C LEU B 100 13.04 -18.80 40.34
N THR B 101 13.60 -19.97 40.54
CA THR B 101 14.32 -20.18 41.77
C THR B 101 15.55 -19.26 41.64
N GLY B 102 16.31 -19.10 42.70
CA GLY B 102 17.48 -18.26 42.65
C GLY B 102 18.53 -18.82 41.72
N ASP B 103 18.55 -20.15 41.59
CA ASP B 103 19.48 -20.80 40.70
C ASP B 103 19.06 -20.75 39.25
N GLU B 104 17.76 -20.77 39.00
CA GLU B 104 17.29 -20.68 37.66
C GLU B 104 17.55 -19.26 37.17
N LEU B 105 17.46 -18.28 38.07
CA LEU B 105 17.74 -16.90 37.70
C LEU B 105 19.22 -16.73 37.37
N ILE B 106 20.09 -17.28 38.22
CA ILE B 106 21.52 -17.18 37.97
C ILE B 106 21.83 -17.76 36.60
N PHE B 107 21.26 -18.92 36.33
CA PHE B 107 21.42 -19.62 35.05
C PHE B 107 20.89 -18.74 33.93
N ALA B 108 19.66 -18.27 34.07
CA ALA B 108 19.00 -17.45 33.07
C ALA B 108 19.79 -16.19 32.73
N THR B 109 20.41 -15.57 33.73
CA THR B 109 21.18 -14.37 33.46
C THR B 109 22.42 -14.68 32.63
N LYS B 110 23.16 -15.73 33.03
CA LYS B 110 24.37 -16.13 32.33
C LYS B 110 24.13 -16.61 30.89
N GLN B 111 22.99 -17.26 30.69
CA GLN B 111 22.57 -17.79 29.41
C GLN B 111 22.17 -16.67 28.47
N ALA B 112 21.50 -15.65 28.99
CA ALA B 112 21.10 -14.53 28.15
C ALA B 112 22.36 -13.78 27.69
N TRP B 113 23.41 -13.82 28.49
CA TRP B 113 24.66 -13.16 28.14
C TRP B 113 25.24 -13.95 26.96
N ARG B 114 25.26 -15.28 27.09
CA ARG B 114 25.76 -16.17 26.04
C ARG B 114 24.98 -16.00 24.76
N ASN B 115 23.68 -15.75 24.90
CA ASN B 115 22.81 -15.59 23.75
C ASN B 115 22.77 -14.14 23.25
N ALA B 116 23.72 -13.34 23.69
CA ALA B 116 23.80 -11.93 23.30
C ALA B 116 24.72 -11.80 22.09
N PRO B 117 24.16 -11.69 20.88
CA PRO B 117 25.00 -11.82 19.68
C PRO B 117 25.95 -10.64 19.39
N ARG B 118 25.71 -9.50 20.04
CA ARG B 118 26.52 -8.31 19.85
C ARG B 118 27.58 -8.10 20.90
N CYS B 119 27.73 -9.06 21.80
CA CYS B 119 28.71 -8.93 22.87
C CYS B 119 29.99 -9.71 22.61
N ILE B 120 31.10 -9.00 22.52
CA ILE B 120 32.36 -9.66 22.29
C ILE B 120 32.97 -10.21 23.58
N GLY B 121 32.38 -9.86 24.71
CA GLY B 121 32.93 -10.29 25.99
C GLY B 121 32.38 -11.58 26.54
N ARG B 122 31.66 -12.33 25.71
CA ARG B 122 31.04 -13.55 26.15
C ARG B 122 31.84 -14.70 26.68
N ILE B 123 33.17 -14.64 26.60
CA ILE B 123 33.98 -15.74 27.13
C ILE B 123 33.88 -15.78 28.67
N GLN B 124 33.52 -14.63 29.25
CA GLN B 124 33.35 -14.42 30.69
C GLN B 124 31.93 -14.75 31.18
N TRP B 125 31.07 -15.26 30.30
CA TRP B 125 29.67 -15.55 30.63
C TRP B 125 29.36 -16.26 31.96
N SER B 126 30.28 -17.09 32.42
CA SER B 126 30.09 -17.83 33.66
C SER B 126 30.54 -17.05 34.90
N ASN B 127 31.27 -15.95 34.70
CA ASN B 127 31.71 -15.11 35.78
C ASN B 127 30.77 -13.91 35.83
N LEU B 128 29.61 -14.12 36.43
CA LEU B 128 28.60 -13.06 36.57
C LEU B 128 27.95 -13.08 37.96
N GLN B 129 28.05 -11.95 38.68
CA GLN B 129 27.43 -11.81 40.00
C GLN B 129 25.96 -11.42 39.83
N VAL B 130 25.05 -12.25 40.34
CA VAL B 130 23.63 -11.99 40.20
C VAL B 130 23.05 -11.46 41.51
N PHE B 131 22.67 -10.18 41.50
CA PHE B 131 22.07 -9.55 42.67
C PHE B 131 20.58 -9.69 42.49
N ASP B 132 19.97 -10.53 43.33
CA ASP B 132 18.54 -10.78 43.28
C ASP B 132 17.85 -9.62 44.01
N ALA B 133 17.14 -8.80 43.25
CA ALA B 133 16.44 -7.67 43.81
C ALA B 133 14.97 -7.75 43.40
N ARG B 134 14.46 -8.97 43.23
CA ARG B 134 13.06 -9.16 42.85
C ARG B 134 12.10 -8.86 43.99
N SER B 135 12.65 -8.70 45.18
CA SER B 135 11.89 -8.37 46.40
C SER B 135 11.55 -6.87 46.44
N CYS B 136 12.29 -6.08 45.66
CA CYS B 136 12.13 -4.64 45.57
C CYS B 136 10.70 -4.15 45.46
N SER B 137 10.47 -2.96 46.02
CA SER B 137 9.16 -2.30 46.01
C SER B 137 9.21 -0.77 45.85
N THR B 138 10.34 -0.14 46.20
CA THR B 138 10.46 1.31 46.10
C THR B 138 11.68 1.82 45.34
N ALA B 139 11.57 3.06 44.83
CA ALA B 139 12.65 3.71 44.09
C ALA B 139 13.92 3.82 44.93
N ARG B 140 13.77 4.12 46.21
CA ARG B 140 14.91 4.24 47.12
C ARG B 140 15.62 2.90 47.21
N GLU B 141 14.84 1.83 47.31
CA GLU B 141 15.42 0.49 47.41
C GLU B 141 16.23 0.19 46.14
N MET B 142 15.68 0.57 44.97
CA MET B 142 16.38 0.36 43.70
C MET B 142 17.71 1.05 43.74
N PHE B 143 17.70 2.27 44.28
CA PHE B 143 18.88 3.09 44.40
C PHE B 143 19.98 2.40 45.17
N GLU B 144 19.59 1.81 46.31
CA GLU B 144 20.54 1.13 47.18
C GLU B 144 21.10 -0.15 46.56
N HIS B 145 20.22 -0.90 45.91
CA HIS B 145 20.67 -2.11 45.21
C HIS B 145 21.68 -1.68 44.13
N ILE B 146 21.37 -0.60 43.41
CA ILE B 146 22.25 -0.09 42.36
C ILE B 146 23.59 0.37 42.91
N CYS B 147 23.60 1.04 44.06
CA CYS B 147 24.88 1.46 44.63
C CYS B 147 25.69 0.25 45.10
N ARG B 148 25.00 -0.79 45.55
CA ARG B 148 25.67 -2.00 45.99
C ARG B 148 26.37 -2.62 44.77
N HIS B 149 25.61 -2.78 43.70
CA HIS B 149 26.12 -3.31 42.42
C HIS B 149 27.36 -2.52 42.02
N VAL B 150 27.20 -1.20 41.90
CA VAL B 150 28.28 -0.29 41.52
C VAL B 150 29.52 -0.45 42.38
N ARG B 151 29.34 -0.55 43.69
CA ARG B 151 30.51 -0.71 44.56
C ARG B 151 31.13 -2.11 44.34
N TYR B 152 30.27 -3.10 44.09
CA TYR B 152 30.71 -4.47 43.89
C TYR B 152 31.57 -4.57 42.64
N SER B 153 30.95 -4.22 41.53
CA SER B 153 31.58 -4.26 40.24
C SER B 153 32.80 -3.35 40.12
N THR B 154 32.78 -2.17 40.71
CA THR B 154 33.92 -1.25 40.61
C THR B 154 35.11 -1.87 41.31
N ASN B 155 34.85 -2.44 42.49
CA ASN B 155 35.86 -3.19 43.23
C ASN B 155 37.27 -2.56 43.21
N ASN B 156 37.33 -1.25 43.37
CA ASN B 156 38.61 -0.54 43.42
C ASN B 156 39.47 -0.66 42.16
N GLY B 157 38.81 -0.85 41.02
CA GLY B 157 39.57 -0.96 39.79
C GLY B 157 39.58 -2.34 39.20
N ASN B 158 39.55 -3.35 40.05
CA ASN B 158 39.53 -4.72 39.59
C ASN B 158 38.11 -5.03 39.27
N ILE B 159 37.63 -4.41 38.19
CA ILE B 159 36.26 -4.54 37.73
C ILE B 159 35.76 -5.97 37.67
N ARG B 160 34.51 -6.17 38.07
CA ARG B 160 33.85 -7.45 38.09
C ARG B 160 32.50 -7.29 37.41
N SER B 161 32.00 -8.38 36.83
CA SER B 161 30.72 -8.34 36.15
C SER B 161 29.60 -8.66 37.12
N ALA B 162 28.46 -8.01 36.93
CA ALA B 162 27.32 -8.30 37.80
C ALA B 162 26.05 -7.85 37.13
N ILE B 163 24.93 -8.38 37.58
CA ILE B 163 23.65 -7.97 37.06
C ILE B 163 22.72 -7.85 38.28
N THR B 164 21.84 -6.85 38.26
CA THR B 164 20.89 -6.68 39.35
C THR B 164 19.53 -6.89 38.74
N VAL B 165 18.86 -7.95 39.14
CA VAL B 165 17.54 -8.24 38.60
C VAL B 165 16.40 -7.72 39.51
N PHE B 166 15.64 -6.77 38.97
CA PHE B 166 14.53 -6.20 39.68
C PHE B 166 13.31 -7.06 39.48
N PRO B 167 12.19 -6.74 40.14
CA PRO B 167 11.00 -7.58 40.01
C PRO B 167 10.54 -7.75 38.56
N GLN B 168 10.06 -8.93 38.24
CA GLN B 168 9.54 -9.23 36.90
C GLN B 168 8.26 -8.46 36.60
N ARG B 169 8.03 -8.21 35.32
CA ARG B 169 6.84 -7.51 34.86
C ARG B 169 5.63 -8.33 35.23
N SER B 170 4.63 -7.67 35.78
CA SER B 170 3.39 -8.34 36.15
C SER B 170 2.42 -8.05 34.99
N ASP B 171 1.73 -6.91 35.09
CA ASP B 171 0.76 -6.46 34.10
C ASP B 171 1.32 -5.38 33.20
N GLY B 172 2.57 -5.00 33.42
CA GLY B 172 3.17 -3.97 32.60
C GLY B 172 2.81 -2.57 33.08
N LYS B 173 1.95 -2.48 34.09
CA LYS B 173 1.57 -1.17 34.64
C LYS B 173 2.34 -0.90 35.92
N HIS B 174 3.22 -1.83 36.30
CA HIS B 174 3.99 -1.71 37.51
C HIS B 174 5.46 -2.07 37.32
N ASP B 175 6.05 -1.62 36.22
CA ASP B 175 7.42 -1.95 35.88
C ASP B 175 8.48 -1.27 36.70
N PHE B 176 9.54 -2.02 37.01
CA PHE B 176 10.68 -1.50 37.73
C PHE B 176 11.74 -1.33 36.63
N ARG B 177 12.02 -0.08 36.26
CA ARG B 177 12.98 0.24 35.21
C ARG B 177 13.89 1.42 35.53
N VAL B 178 15.14 1.36 35.06
CA VAL B 178 16.07 2.46 35.21
C VAL B 178 15.91 3.14 33.86
N TRP B 179 15.51 4.40 33.85
CA TRP B 179 15.33 5.12 32.60
C TRP B 179 16.63 5.38 31.85
N ASN B 180 17.73 5.47 32.59
CA ASN B 180 19.06 5.68 32.02
C ASN B 180 19.47 4.51 31.12
N ALA B 181 20.26 4.83 30.09
CA ALA B 181 20.76 3.82 29.16
C ALA B 181 21.91 3.12 29.88
N GLN B 182 22.70 3.91 30.60
CA GLN B 182 23.83 3.43 31.39
C GLN B 182 23.66 3.88 32.85
N LEU B 183 24.29 3.15 33.75
CA LEU B 183 24.25 3.45 35.18
C LEU B 183 25.05 4.72 35.37
N ILE B 184 26.23 4.77 34.76
CA ILE B 184 27.10 5.94 34.81
C ILE B 184 27.21 6.46 33.37
N ARG B 185 26.96 7.75 33.18
CA ARG B 185 27.00 8.40 31.87
C ARG B 185 27.15 9.89 32.12
N TYR B 186 27.86 10.61 31.25
CA TYR B 186 28.04 12.06 31.43
C TYR B 186 26.94 12.86 30.78
N ALA B 187 26.71 14.06 31.31
CA ALA B 187 25.65 14.92 30.82
C ALA B 187 26.07 15.68 29.59
N GLY B 188 25.06 16.15 28.86
CA GLY B 188 25.27 16.95 27.66
C GLY B 188 24.32 18.13 27.77
N TYR B 189 24.81 19.34 27.54
CA TYR B 189 23.95 20.52 27.68
C TYR B 189 23.95 21.37 26.44
N GLN B 190 22.77 21.88 26.09
CA GLN B 190 22.65 22.79 24.98
C GLN B 190 22.85 24.17 25.61
N MET B 191 23.95 24.83 25.29
CA MET B 191 24.20 26.16 25.83
C MET B 191 23.24 27.19 25.21
N PRO B 192 23.12 28.38 25.83
CA PRO B 192 22.08 29.34 25.45
C PRO B 192 22.17 29.71 23.96
N ASP B 193 23.38 29.70 23.42
CA ASP B 193 23.63 30.01 22.02
C ASP B 193 23.40 28.82 21.08
N GLY B 194 22.99 27.68 21.62
CA GLY B 194 22.75 26.52 20.77
C GLY B 194 23.83 25.46 20.83
N SER B 195 25.05 25.87 21.14
CA SER B 195 26.15 24.93 21.23
C SER B 195 25.86 23.87 22.28
N ILE B 196 26.73 22.86 22.35
CA ILE B 196 26.57 21.75 23.27
C ILE B 196 27.83 21.57 24.11
N ARG B 197 27.66 21.34 25.41
CA ARG B 197 28.79 21.11 26.31
C ARG B 197 28.62 19.70 26.85
N GLY B 198 29.72 18.99 27.04
CA GLY B 198 29.62 17.63 27.52
C GLY B 198 29.25 16.67 26.40
N ASP B 199 28.67 15.52 26.76
CA ASP B 199 28.30 14.48 25.82
C ASP B 199 27.03 14.75 25.03
N PRO B 200 27.19 15.14 23.75
CA PRO B 200 26.09 15.57 22.87
C PRO B 200 25.03 14.50 22.68
N ALA B 201 25.44 13.25 22.86
CA ALA B 201 24.50 12.15 22.72
C ALA B 201 23.52 12.14 23.89
N ASN B 202 23.93 12.76 24.99
CA ASN B 202 23.11 12.78 26.19
C ASN B 202 22.28 14.03 26.47
N VAL B 203 22.16 14.91 25.49
CA VAL B 203 21.44 16.15 25.66
C VAL B 203 19.97 15.98 26.06
N GLU B 204 19.24 15.16 25.32
CA GLU B 204 17.83 14.91 25.60
C GLU B 204 17.55 14.40 27.03
N PHE B 205 18.26 13.35 27.43
CA PHE B 205 18.08 12.77 28.76
C PHE B 205 18.50 13.75 29.87
N THR B 206 19.59 14.47 29.67
CA THR B 206 20.01 15.45 30.67
C THR B 206 18.88 16.48 30.88
N GLN B 207 18.19 16.85 29.79
CA GLN B 207 17.11 17.79 29.93
C GLN B 207 15.99 17.18 30.80
N LEU B 208 15.66 15.92 30.56
CA LEU B 208 14.64 15.22 31.36
C LEU B 208 15.01 15.34 32.82
N CYS B 209 16.25 14.96 33.12
CA CYS B 209 16.76 15.02 34.49
C CYS B 209 16.56 16.41 35.00
N ILE B 210 17.00 17.40 34.22
CA ILE B 210 16.87 18.79 34.62
C ILE B 210 15.40 19.15 34.88
N ASP B 211 14.50 18.64 34.03
CA ASP B 211 13.08 18.90 34.15
C ASP B 211 12.48 18.27 35.38
N LEU B 212 13.20 17.28 35.91
CA LEU B 212 12.79 16.54 37.09
C LEU B 212 13.48 17.06 38.35
N GLY B 213 14.11 18.23 38.26
CA GLY B 213 14.73 18.76 39.45
C GLY B 213 16.23 18.67 39.63
N TRP B 214 16.95 18.01 38.72
CA TRP B 214 18.40 17.92 38.89
C TRP B 214 18.98 19.29 38.56
N LYS B 215 20.00 19.69 39.32
CA LYS B 215 20.65 20.97 39.11
C LYS B 215 21.77 20.79 38.10
N PRO B 216 21.63 21.38 36.91
CA PRO B 216 22.67 21.26 35.88
C PRO B 216 23.95 21.93 36.33
N LYS B 217 25.08 21.31 36.03
CA LYS B 217 26.36 21.85 36.42
C LYS B 217 27.15 22.37 35.24
N TYR B 218 26.59 22.17 34.04
CA TYR B 218 27.18 22.62 32.77
C TYR B 218 28.64 22.28 32.54
N GLY B 219 29.07 21.10 32.99
CA GLY B 219 30.47 20.70 32.81
C GLY B 219 30.61 19.72 31.67
N ARG B 220 31.84 19.35 31.34
CA ARG B 220 32.07 18.41 30.23
C ARG B 220 31.79 16.97 30.62
N PHE B 221 32.08 16.64 31.86
CA PHE B 221 31.90 15.29 32.36
C PHE B 221 31.10 15.25 33.68
N ASP B 222 29.82 15.58 33.64
CA ASP B 222 29.01 15.51 34.85
C ASP B 222 28.21 14.23 34.85
N VAL B 223 28.41 13.36 35.83
CA VAL B 223 27.62 12.12 35.87
C VAL B 223 26.16 12.48 36.05
N VAL B 224 25.28 12.04 35.14
CA VAL B 224 23.87 12.35 35.32
C VAL B 224 23.31 11.51 36.48
N PRO B 225 22.16 11.90 37.03
CA PRO B 225 21.54 11.15 38.12
C PRO B 225 20.76 9.95 37.61
N LEU B 226 20.47 9.02 38.51
CA LEU B 226 19.67 7.85 38.18
C LEU B 226 18.20 8.30 38.19
N VAL B 227 17.44 7.86 37.20
CA VAL B 227 16.02 8.19 37.09
C VAL B 227 15.34 6.84 37.23
N LEU B 228 14.93 6.54 38.45
CA LEU B 228 14.35 5.24 38.75
C LEU B 228 12.85 5.15 38.81
N GLN B 229 12.31 4.20 38.07
CA GLN B 229 10.88 3.94 38.05
C GLN B 229 10.63 2.66 38.88
N ALA B 230 9.93 2.82 40.00
CA ALA B 230 9.64 1.68 40.84
C ALA B 230 8.15 1.46 40.76
N ASN B 231 7.76 0.21 40.56
CA ASN B 231 6.37 -0.13 40.55
C ASN B 231 5.51 0.69 39.60
N GLY B 232 6.07 1.07 38.46
CA GLY B 232 5.31 1.84 37.48
C GLY B 232 5.00 3.27 37.86
N ARG B 233 5.51 3.69 39.01
CA ARG B 233 5.27 5.04 39.49
C ARG B 233 6.19 5.94 38.68
N ASP B 234 5.91 7.25 38.69
CA ASP B 234 6.74 8.21 37.97
C ASP B 234 8.14 8.11 38.59
N PRO B 235 9.18 8.37 37.79
CA PRO B 235 10.54 8.12 38.27
C PRO B 235 11.07 9.18 39.26
N GLU B 236 12.02 8.79 40.09
CA GLU B 236 12.63 9.68 41.06
C GLU B 236 14.12 9.72 40.79
N LEU B 237 14.74 10.88 41.04
CA LEU B 237 16.16 11.07 40.85
C LEU B 237 16.97 10.76 42.10
N PHE B 238 18.13 10.17 41.87
CA PHE B 238 19.08 9.79 42.91
C PHE B 238 20.45 9.95 42.28
N GLU B 239 21.37 10.57 42.98
CA GLU B 239 22.69 10.73 42.44
C GLU B 239 23.63 9.73 43.05
N ILE B 240 24.36 9.02 42.20
CA ILE B 240 25.31 8.05 42.68
C ILE B 240 26.35 8.86 43.45
N PRO B 241 26.57 8.52 44.73
CA PRO B 241 27.66 9.15 45.48
C PRO B 241 28.99 9.07 44.74
N PRO B 242 29.58 10.22 44.43
CA PRO B 242 30.85 10.34 43.73
C PRO B 242 31.93 9.37 44.16
N ASP B 243 31.92 8.93 45.41
CA ASP B 243 32.93 7.99 45.87
C ASP B 243 32.75 6.59 45.26
N LEU B 244 31.58 6.36 44.69
CA LEU B 244 31.25 5.09 44.04
C LEU B 244 31.48 5.16 42.52
N VAL B 245 31.92 6.32 42.02
CA VAL B 245 32.15 6.55 40.61
C VAL B 245 33.66 6.68 40.32
N LEU B 246 34.30 5.55 39.99
CA LEU B 246 35.73 5.55 39.67
C LEU B 246 35.87 6.14 38.27
N GLU B 247 36.90 6.96 38.10
CA GLU B 247 37.17 7.61 36.84
C GLU B 247 38.65 7.57 36.57
N VAL B 248 38.99 7.68 35.28
CA VAL B 248 40.37 7.64 34.82
C VAL B 248 40.72 8.93 34.06
N ALA B 249 41.80 9.58 34.47
CA ALA B 249 42.29 10.78 33.82
C ALA B 249 43.10 10.29 32.65
N MET B 250 42.90 10.90 31.49
CA MET B 250 43.61 10.49 30.28
C MET B 250 44.99 11.12 30.09
N GLU B 251 45.99 10.26 29.98
CA GLU B 251 47.36 10.70 29.74
C GLU B 251 47.88 9.84 28.60
N HIS B 252 48.89 10.34 27.91
CA HIS B 252 49.47 9.60 26.80
C HIS B 252 50.93 9.40 27.11
N PRO B 253 51.46 8.18 26.85
CA PRO B 253 52.80 7.77 27.30
C PRO B 253 53.97 8.53 26.69
N LYS B 254 53.76 9.18 25.55
CA LYS B 254 54.83 9.97 24.96
C LYS B 254 54.44 11.47 24.83
N TYR B 255 53.14 11.73 24.68
CA TYR B 255 52.61 13.09 24.55
C TYR B 255 52.18 13.80 25.83
N GLU B 256 53.09 14.60 26.37
CA GLU B 256 52.84 15.39 27.57
C GLU B 256 51.57 16.24 27.46
N TRP B 257 51.38 16.84 26.29
CA TRP B 257 50.25 17.71 26.03
C TRP B 257 48.92 17.00 25.99
N PHE B 258 48.92 15.67 25.94
CA PHE B 258 47.64 14.99 25.87
C PHE B 258 46.84 15.35 27.09
N ARG B 259 47.53 15.40 28.24
CA ARG B 259 46.89 15.72 29.53
C ARG B 259 46.17 17.06 29.50
N GLU B 260 46.64 17.96 28.66
CA GLU B 260 46.04 19.28 28.53
C GLU B 260 44.66 19.19 27.93
N LEU B 261 44.39 18.10 27.23
CA LEU B 261 43.08 17.94 26.67
C LEU B 261 42.07 17.86 27.83
N GLU B 262 42.56 17.54 29.01
CA GLU B 262 41.73 17.44 30.21
C GLU B 262 40.57 16.45 30.03
N LEU B 263 40.91 15.27 29.52
CA LEU B 263 39.91 14.25 29.28
C LEU B 263 39.96 13.19 30.39
N LYS B 264 38.85 12.52 30.58
CA LYS B 264 38.74 11.43 31.55
C LYS B 264 37.52 10.63 31.13
N TRP B 265 37.40 9.43 31.67
CA TRP B 265 36.23 8.60 31.40
C TRP B 265 36.04 7.72 32.62
N TYR B 266 34.83 7.25 32.82
CA TYR B 266 34.50 6.38 33.94
C TYR B 266 34.93 4.94 33.67
N ALA B 267 35.16 4.21 34.77
CA ALA B 267 35.61 2.84 34.73
C ALA B 267 34.52 1.81 34.50
N LEU B 268 33.30 2.08 34.96
CA LEU B 268 32.22 1.13 34.85
C LEU B 268 31.30 1.26 33.66
N PRO B 269 31.42 0.34 32.69
CA PRO B 269 30.41 0.22 31.63
C PRO B 269 29.19 -0.60 32.06
N ALA B 270 28.03 0.05 32.20
CA ALA B 270 26.83 -0.65 32.67
C ALA B 270 25.54 -0.36 31.92
N VAL B 271 25.01 -1.36 31.24
CA VAL B 271 23.77 -1.19 30.50
C VAL B 271 22.63 -1.33 31.47
N ALA B 272 21.83 -0.27 31.55
CA ALA B 272 20.74 -0.23 32.48
C ALA B 272 19.33 -0.25 31.95
N ASN B 273 19.13 -0.11 30.64
CA ASN B 273 17.77 -0.02 30.11
C ASN B 273 17.22 -1.16 29.30
N MET B 274 17.85 -2.32 29.39
CA MET B 274 17.42 -3.49 28.62
C MET B 274 16.48 -4.41 29.40
N LEU B 275 15.81 -5.31 28.69
CA LEU B 275 14.86 -6.23 29.26
C LEU B 275 15.28 -7.69 29.13
N LEU B 276 15.34 -8.41 30.23
CA LEU B 276 15.71 -9.81 30.23
C LEU B 276 14.45 -10.66 29.99
N GLU B 277 14.49 -11.52 28.98
CA GLU B 277 13.37 -12.42 28.68
C GLU B 277 13.78 -13.84 29.14
N VAL B 278 12.93 -14.48 29.95
CA VAL B 278 13.20 -15.81 30.46
C VAL B 278 11.89 -16.57 30.53
N GLY B 279 11.83 -17.74 29.89
CA GLY B 279 10.64 -18.56 29.91
C GLY B 279 9.31 -17.85 29.85
N GLY B 280 9.25 -16.78 29.06
CA GLY B 280 8.01 -16.04 28.91
C GLY B 280 7.93 -14.83 29.82
N LEU B 281 8.77 -14.81 30.83
CA LEU B 281 8.85 -13.74 31.79
C LEU B 281 9.72 -12.61 31.27
N GLU B 282 9.29 -11.38 31.54
CA GLU B 282 10.04 -10.21 31.14
C GLU B 282 10.48 -9.42 32.38
N PHE B 283 11.77 -9.10 32.45
CA PHE B 283 12.38 -8.34 33.53
C PHE B 283 12.87 -6.96 33.06
N PRO B 284 12.01 -5.93 33.17
CA PRO B 284 12.24 -4.61 32.56
C PRO B 284 13.37 -3.85 33.23
N GLY B 285 13.89 -4.39 34.31
CA GLY B 285 14.97 -3.74 35.02
C GLY B 285 15.95 -4.81 35.35
N CYS B 286 17.14 -4.69 34.77
CA CYS B 286 18.23 -5.63 34.96
C CYS B 286 19.54 -5.02 34.51
N PRO B 287 20.00 -3.96 35.20
CA PRO B 287 21.29 -3.37 34.84
C PRO B 287 22.43 -4.36 34.95
N PHE B 288 23.30 -4.37 33.96
CA PHE B 288 24.43 -5.30 33.99
C PHE B 288 25.66 -4.55 33.58
N ASN B 289 26.83 -5.06 33.95
CA ASN B 289 28.07 -4.41 33.59
C ASN B 289 29.17 -5.42 33.32
N GLY B 290 30.22 -4.96 32.65
CA GLY B 290 31.39 -5.77 32.40
C GLY B 290 32.50 -4.76 32.56
N TRP B 291 33.63 -4.95 31.91
CA TRP B 291 34.68 -3.93 31.96
C TRP B 291 34.75 -3.38 30.54
N TYR B 292 35.58 -2.36 30.36
CA TYR B 292 35.69 -1.73 29.07
C TYR B 292 36.66 -2.35 28.08
N MET B 293 36.29 -2.21 26.80
CA MET B 293 37.14 -2.60 25.68
C MET B 293 37.57 -1.19 25.28
N GLY B 294 38.87 -0.92 25.35
CA GLY B 294 39.41 0.40 25.05
C GLY B 294 38.79 1.17 23.89
N THR B 295 38.46 0.45 22.82
CA THR B 295 37.90 1.10 21.65
C THR B 295 36.57 1.82 21.86
N GLU B 296 35.80 1.37 22.85
CA GLU B 296 34.50 1.98 23.13
C GLU B 296 34.71 3.44 23.51
N ILE B 297 35.78 3.68 24.27
CA ILE B 297 36.09 5.03 24.74
C ILE B 297 36.93 5.74 23.70
N GLY B 298 38.10 5.17 23.44
CA GLY B 298 39.05 5.73 22.49
C GLY B 298 38.52 6.06 21.10
N VAL B 299 37.66 5.21 20.54
CA VAL B 299 37.13 5.43 19.19
C VAL B 299 35.72 6.03 19.14
N ARG B 300 34.80 5.40 19.84
CA ARG B 300 33.42 5.87 19.83
C ARG B 300 33.16 7.11 20.71
N ASP B 301 33.38 6.99 22.01
CA ASP B 301 33.14 8.09 22.95
C ASP B 301 33.92 9.34 22.60
N PHE B 302 35.23 9.17 22.42
CA PHE B 302 36.11 10.29 22.11
C PHE B 302 36.19 10.75 20.65
N CYS B 303 36.03 9.83 19.69
CA CYS B 303 36.15 10.20 18.29
C CYS B 303 34.93 10.31 17.43
N ASP B 304 33.82 9.73 17.84
CA ASP B 304 32.61 9.90 17.03
C ASP B 304 32.39 11.41 16.94
N VAL B 305 31.84 11.85 15.80
CA VAL B 305 31.59 13.25 15.56
C VAL B 305 30.40 13.70 16.42
N GLN B 306 29.46 12.79 16.63
CA GLN B 306 28.28 13.11 17.41
C GLN B 306 28.47 12.90 18.92
N ARG B 307 29.72 12.70 19.29
CA ARG B 307 30.08 12.50 20.68
C ARG B 307 31.13 13.55 20.99
N TYR B 308 32.19 13.18 21.70
CA TYR B 308 33.18 14.16 22.08
C TYR B 308 33.97 14.79 20.95
N ASN B 309 34.16 14.04 19.85
CA ASN B 309 34.83 14.55 18.65
C ASN B 309 36.17 15.30 18.81
N ILE B 310 37.17 14.60 19.35
CA ILE B 310 38.50 15.18 19.58
C ILE B 310 39.55 14.87 18.48
N LEU B 311 39.13 14.17 17.43
CA LEU B 311 40.05 13.79 16.36
C LEU B 311 40.74 15.02 15.77
N GLU B 312 39.95 15.97 15.31
CA GLU B 312 40.52 17.18 14.72
C GLU B 312 41.54 17.83 15.62
N GLU B 313 41.17 18.10 16.86
CA GLU B 313 42.09 18.73 17.80
C GLU B 313 43.33 17.91 18.08
N VAL B 314 43.20 16.58 18.14
CA VAL B 314 44.36 15.72 18.40
C VAL B 314 45.29 15.64 17.18
N GLY B 315 44.70 15.58 16.00
CA GLY B 315 45.48 15.52 14.79
C GLY B 315 46.33 16.77 14.72
N ARG B 316 45.69 17.89 15.04
CA ARG B 316 46.36 19.19 15.03
C ARG B 316 47.50 19.27 16.00
N ARG B 317 47.33 18.71 17.19
CA ARG B 317 48.40 18.74 18.19
C ARG B 317 49.54 17.78 17.87
N MET B 318 49.25 16.71 17.14
CA MET B 318 50.29 15.75 16.75
C MET B 318 51.14 16.29 15.59
N GLY B 319 50.69 17.41 14.99
CA GLY B 319 51.39 18.03 13.90
C GLY B 319 51.14 17.39 12.55
N LEU B 320 49.99 16.71 12.42
CA LEU B 320 49.62 16.00 11.21
C LEU B 320 49.09 16.88 10.10
N GLU B 321 49.12 16.34 8.86
CA GLU B 321 48.62 17.01 7.66
C GLU B 321 47.11 16.91 7.64
N THR B 322 46.54 17.56 8.64
CA THR B 322 45.13 17.63 8.91
C THR B 322 44.31 18.12 7.71
N HIS B 323 44.98 18.77 6.77
CA HIS B 323 44.30 19.30 5.59
C HIS B 323 43.83 18.28 4.54
N LYS B 324 44.52 17.15 4.40
CA LYS B 324 44.10 16.17 3.39
C LYS B 324 43.81 14.80 3.98
N LEU B 325 42.72 14.19 3.54
CA LEU B 325 42.37 12.87 4.03
C LEU B 325 43.47 11.86 3.76
N ALA B 326 44.07 11.94 2.57
CA ALA B 326 45.10 10.98 2.15
C ALA B 326 46.34 10.83 3.03
N SER B 327 46.58 11.78 3.93
CA SER B 327 47.74 11.68 4.83
C SER B 327 47.48 10.60 5.90
N LEU B 328 46.21 10.19 6.00
CA LEU B 328 45.75 9.23 6.98
C LEU B 328 45.98 9.76 8.41
N TRP B 329 45.86 11.08 8.58
CA TRP B 329 46.06 11.72 9.89
C TRP B 329 45.03 11.24 10.91
N LYS B 330 43.79 11.04 10.45
CA LYS B 330 42.70 10.55 11.27
C LYS B 330 42.99 9.18 11.82
N ASP B 331 43.70 8.37 11.05
CA ASP B 331 44.03 7.02 11.48
C ASP B 331 45.21 7.02 12.42
N GLN B 332 46.10 8.00 12.29
CA GLN B 332 47.23 8.08 13.21
C GLN B 332 46.74 8.63 14.56
N ALA B 333 45.83 9.60 14.51
CA ALA B 333 45.25 10.21 15.70
C ALA B 333 44.48 9.19 16.50
N VAL B 334 43.49 8.55 15.88
CA VAL B 334 42.66 7.57 16.56
C VAL B 334 43.48 6.47 17.28
N VAL B 335 44.64 6.13 16.74
CA VAL B 335 45.49 5.10 17.35
C VAL B 335 46.14 5.66 18.61
N GLU B 336 46.68 6.87 18.52
CA GLU B 336 47.33 7.50 19.68
C GLU B 336 46.32 7.76 20.84
N ILE B 337 45.11 8.17 20.48
CA ILE B 337 44.08 8.43 21.47
C ILE B 337 43.82 7.10 22.17
N ASN B 338 43.66 6.03 21.37
CA ASN B 338 43.42 4.70 21.90
C ASN B 338 44.57 4.18 22.75
N ILE B 339 45.78 4.57 22.41
CA ILE B 339 46.94 4.16 23.20
C ILE B 339 46.83 4.86 24.55
N ALA B 340 46.40 6.13 24.53
CA ALA B 340 46.20 6.94 25.74
C ALA B 340 45.21 6.24 26.67
N VAL B 341 44.03 5.90 26.15
CA VAL B 341 42.99 5.23 26.93
C VAL B 341 43.52 3.93 27.58
N ILE B 342 44.16 3.10 26.77
CA ILE B 342 44.72 1.85 27.25
C ILE B 342 45.76 2.14 28.33
N HIS B 343 46.64 3.10 28.05
CA HIS B 343 47.72 3.46 28.97
C HIS B 343 47.25 4.08 30.29
N SER B 344 46.17 4.83 30.24
CA SER B 344 45.64 5.50 31.43
C SER B 344 44.95 4.53 32.37
N PHE B 345 44.06 3.68 31.85
CA PHE B 345 43.45 2.70 32.73
C PHE B 345 44.50 1.85 33.41
N GLN B 346 45.48 1.38 32.66
CA GLN B 346 46.53 0.54 33.22
C GLN B 346 47.31 1.28 34.29
N LYS B 347 47.61 2.53 34.02
CA LYS B 347 48.36 3.39 34.92
C LYS B 347 47.66 3.50 36.29
N GLN B 348 46.35 3.70 36.23
CA GLN B 348 45.47 3.85 37.39
C GLN B 348 44.98 2.52 37.91
N ASN B 349 45.53 1.44 37.36
CA ASN B 349 45.16 0.09 37.76
C ASN B 349 43.68 -0.25 37.70
N VAL B 350 43.06 0.14 36.59
CA VAL B 350 41.64 -0.12 36.34
C VAL B 350 41.51 -1.05 35.11
N THR B 351 40.71 -2.09 35.31
CA THR B 351 40.46 -3.08 34.30
C THR B 351 39.97 -2.48 32.97
N ILE B 352 40.63 -2.91 31.90
CA ILE B 352 40.32 -2.51 30.52
C ILE B 352 40.99 -3.55 29.60
N MET B 353 40.32 -3.93 28.51
CA MET B 353 40.93 -4.86 27.56
C MET B 353 41.11 -4.25 26.16
N ASP B 354 42.25 -4.46 25.53
CA ASP B 354 42.47 -3.94 24.16
C ASP B 354 41.64 -4.79 23.22
N HIS B 355 41.24 -4.21 22.09
CA HIS B 355 40.40 -4.90 21.11
C HIS B 355 40.98 -6.17 20.48
N HIS B 356 42.31 -6.29 20.47
CA HIS B 356 43.00 -7.47 19.93
C HIS B 356 42.83 -8.67 20.84
N SER B 357 43.14 -8.49 22.12
CA SER B 357 42.99 -9.55 23.11
C SER B 357 41.50 -9.90 23.19
N ALA B 358 40.64 -8.90 23.14
CA ALA B 358 39.21 -9.15 23.21
C ALA B 358 38.76 -10.06 22.06
N ALA B 359 39.14 -9.70 20.84
CA ALA B 359 38.76 -10.49 19.66
C ALA B 359 39.35 -11.90 19.76
N GLU B 360 40.60 -12.00 20.19
CA GLU B 360 41.20 -13.32 20.34
C GLU B 360 40.45 -14.17 21.39
N SER B 361 39.91 -13.52 22.42
CA SER B 361 39.17 -14.23 23.45
C SER B 361 37.81 -14.67 22.89
N PHE B 362 37.25 -13.86 22.00
CA PHE B 362 35.97 -14.23 21.43
C PHE B 362 36.07 -15.44 20.52
N MET B 363 37.16 -15.54 19.76
CA MET B 363 37.37 -16.68 18.86
C MET B 363 37.41 -17.97 19.67
N LYS B 364 38.08 -17.87 20.82
CA LYS B 364 38.20 -18.98 21.75
C LYS B 364 36.82 -19.36 22.26
N TYR B 365 36.04 -18.35 22.64
CA TYR B 365 34.67 -18.56 23.13
C TYR B 365 33.78 -19.19 22.05
N MET B 366 33.86 -18.66 20.84
CA MET B 366 33.06 -19.16 19.72
C MET B 366 33.29 -20.66 19.45
N GLN B 367 34.55 -21.06 19.48
CA GLN B 367 34.91 -22.46 19.27
C GLN B 367 34.31 -23.33 20.38
N ASN B 368 34.38 -22.85 21.62
CA ASN B 368 33.85 -23.57 22.77
C ASN B 368 32.35 -23.71 22.63
N GLU B 369 31.72 -22.68 22.08
CA GLU B 369 30.29 -22.71 21.92
C GLU B 369 29.85 -23.72 20.90
N TYR B 370 30.52 -23.77 19.75
CA TYR B 370 30.15 -24.72 18.71
C TYR B 370 30.38 -26.13 19.23
N ARG B 371 31.41 -26.26 20.06
CA ARG B 371 31.76 -27.54 20.66
C ARG B 371 30.70 -28.01 21.65
N SER B 372 30.20 -27.07 22.47
CA SER B 372 29.21 -27.39 23.49
C SER B 372 27.75 -27.43 23.03
N ARG B 373 27.31 -26.42 22.31
CA ARG B 373 25.93 -26.39 21.85
C ARG B 373 25.74 -26.31 20.35
N GLY B 374 26.81 -26.47 19.59
CA GLY B 374 26.72 -26.42 18.15
C GLY B 374 26.10 -25.12 17.67
N GLY B 375 26.65 -24.02 18.16
CA GLY B 375 26.09 -22.74 17.76
C GLY B 375 26.54 -21.62 18.66
N CYS B 376 26.50 -20.41 18.14
CA CYS B 376 26.90 -19.21 18.85
C CYS B 376 26.33 -18.05 18.06
N PRO B 377 25.16 -17.53 18.45
CA PRO B 377 24.59 -16.40 17.71
C PRO B 377 25.56 -15.24 17.82
N ALA B 378 25.92 -14.66 16.67
CA ALA B 378 26.87 -13.57 16.61
C ALA B 378 26.50 -12.57 15.54
N ASP B 379 26.67 -11.30 15.87
CA ASP B 379 26.38 -10.19 14.96
C ASP B 379 27.73 -9.58 14.57
N TRP B 380 28.21 -9.94 13.38
CA TRP B 380 29.49 -9.50 12.81
C TRP B 380 29.68 -7.97 12.90
N ILE B 381 28.62 -7.23 12.58
CA ILE B 381 28.64 -5.79 12.57
C ILE B 381 29.00 -5.13 13.89
N TRP B 382 28.63 -5.76 15.00
CA TRP B 382 28.91 -5.24 16.34
C TRP B 382 30.15 -5.83 16.95
N LEU B 383 30.46 -7.08 16.59
CA LEU B 383 31.63 -7.77 17.13
C LEU B 383 32.96 -7.24 16.64
N VAL B 384 33.01 -6.86 15.35
CA VAL B 384 34.25 -6.35 14.76
C VAL B 384 34.53 -4.96 15.32
N PRO B 385 35.73 -4.75 15.90
CA PRO B 385 36.15 -3.48 16.53
C PRO B 385 36.02 -2.33 15.55
N PRO B 386 35.85 -1.10 16.07
CA PRO B 386 35.53 0.03 15.18
C PRO B 386 36.84 0.64 14.71
N MET B 387 37.91 -0.10 14.99
CA MET B 387 39.26 0.31 14.64
C MET B 387 40.00 -1.00 14.30
N SER B 388 40.86 -0.94 13.27
CA SER B 388 41.66 -2.09 12.83
C SER B 388 40.90 -3.38 12.59
N GLY B 389 39.75 -3.28 11.95
CA GLY B 389 38.92 -4.44 11.68
C GLY B 389 39.58 -5.72 11.22
N SER B 390 40.11 -5.74 10.00
CA SER B 390 40.72 -6.97 9.48
C SER B 390 41.96 -7.42 10.23
N ILE B 391 42.45 -6.57 11.13
CA ILE B 391 43.63 -6.93 11.93
C ILE B 391 43.16 -7.93 13.01
N THR B 392 41.84 -7.99 13.23
CA THR B 392 41.28 -8.87 14.23
C THR B 392 40.72 -10.15 13.57
N PRO B 393 40.84 -11.29 14.26
CA PRO B 393 40.35 -12.61 13.80
C PRO B 393 38.86 -12.62 13.51
N VAL B 394 38.13 -11.77 14.24
CA VAL B 394 36.68 -11.70 14.11
C VAL B 394 36.20 -11.23 12.75
N PHE B 395 36.95 -10.30 12.16
CA PHE B 395 36.65 -9.74 10.86
C PHE B 395 36.52 -10.86 9.82
N HIS B 396 37.44 -11.81 9.92
CA HIS B 396 37.55 -12.97 9.04
C HIS B 396 36.66 -14.14 9.39
N GLN B 397 35.79 -13.97 10.36
CA GLN B 397 34.92 -15.05 10.80
C GLN B 397 33.48 -14.88 10.32
N GLU B 398 33.01 -15.87 9.57
CA GLU B 398 31.62 -15.85 9.09
C GLU B 398 30.83 -16.22 10.33
N MET B 399 29.63 -15.68 10.44
CA MET B 399 28.82 -15.89 11.64
C MET B 399 27.37 -16.00 11.27
N LEU B 400 26.59 -16.50 12.21
CA LEU B 400 25.14 -16.62 12.08
C LEU B 400 24.53 -15.80 13.23
N ASN B 401 23.54 -14.98 12.92
CA ASN B 401 22.91 -14.14 13.90
C ASN B 401 21.47 -14.57 14.07
N TYR B 402 21.15 -15.01 15.28
CA TYR B 402 19.79 -15.44 15.62
C TYR B 402 19.52 -15.13 17.09
N VAL B 403 18.24 -14.98 17.42
CA VAL B 403 17.76 -14.70 18.78
C VAL B 403 17.27 -15.97 19.50
N LEU B 404 17.99 -16.36 20.54
CA LEU B 404 17.59 -17.51 21.33
C LEU B 404 16.84 -17.04 22.60
N SER B 405 16.74 -17.92 23.59
CA SER B 405 16.09 -17.59 24.86
C SER B 405 16.78 -18.40 25.97
N PRO B 406 17.10 -17.77 27.11
CA PRO B 406 16.90 -16.36 27.47
C PRO B 406 17.64 -15.33 26.61
N PHE B 407 17.12 -14.11 26.53
CA PHE B 407 17.70 -13.07 25.71
C PHE B 407 17.53 -11.66 26.29
N TYR B 408 18.52 -10.80 26.06
CA TYR B 408 18.50 -9.40 26.48
C TYR B 408 18.03 -8.56 25.30
N TYR B 409 16.79 -8.10 25.36
CA TYR B 409 16.17 -7.26 24.34
C TYR B 409 16.20 -5.78 24.72
N TYR B 410 16.01 -4.91 23.75
CA TYR B 410 15.96 -3.47 24.01
C TYR B 410 14.50 -3.26 24.38
N GLN B 411 14.17 -2.03 24.78
CA GLN B 411 12.80 -1.68 25.11
C GLN B 411 12.60 -0.31 24.50
N VAL B 412 11.37 0.17 24.48
CA VAL B 412 11.12 1.51 23.98
C VAL B 412 11.58 2.39 25.15
N GLU B 413 12.30 3.47 24.88
CA GLU B 413 12.72 4.37 25.95
C GLU B 413 11.52 4.72 26.83
N ALA B 414 11.66 4.48 28.13
CA ALA B 414 10.58 4.69 29.11
C ALA B 414 9.80 5.98 29.03
N TRP B 415 10.50 7.11 28.88
CA TRP B 415 9.84 8.40 28.79
C TRP B 415 8.91 8.52 27.60
N LYS B 416 9.15 7.69 26.60
CA LYS B 416 8.35 7.72 25.39
C LYS B 416 7.01 7.05 25.62
N THR B 417 6.99 6.14 26.58
CA THR B 417 5.77 5.41 26.85
C THR B 417 5.09 5.78 28.17
N HIS B 418 5.86 6.34 29.09
CA HIS B 418 5.36 6.71 30.41
C HIS B 418 4.26 7.78 30.57
N VAL B 419 3.12 7.36 31.09
CA VAL B 419 2.02 8.28 31.37
C VAL B 419 2.28 8.79 32.80
N TRP B 420 2.61 10.07 32.90
CA TRP B 420 2.87 10.65 34.20
C TRP B 420 1.57 10.84 34.95
N GLN B 421 1.57 10.54 36.24
CA GLN B 421 0.35 10.71 37.01
C GLN B 421 0.56 11.74 38.11
N ASP B 422 -0.32 11.84 38.99
N ARG C 2 -55.00 -3.52 -15.08
CA ARG C 2 -54.18 -3.40 -13.84
C ARG C 2 -53.01 -2.50 -14.18
N HIS C 3 -52.60 -1.68 -13.23
CA HIS C 3 -51.51 -0.77 -13.50
C HIS C 3 -50.74 -0.46 -12.25
N VAL C 4 -49.57 0.12 -12.44
CA VAL C 4 -48.70 0.53 -11.35
C VAL C 4 -48.71 2.04 -11.46
N ARG C 5 -49.03 2.71 -10.37
CA ARG C 5 -49.06 4.16 -10.37
C ARG C 5 -47.66 4.63 -10.01
N ILE C 6 -47.18 5.65 -10.70
CA ILE C 6 -45.87 6.22 -10.42
C ILE C 6 -46.10 7.70 -10.20
N LYS C 7 -45.20 8.33 -9.47
CA LYS C 7 -45.38 9.74 -9.17
C LYS C 7 -44.10 10.55 -9.29
N ASN C 8 -44.27 11.84 -9.57
CA ASN C 8 -43.13 12.73 -9.66
C ASN C 8 -43.21 13.56 -8.39
N TRP C 9 -42.21 13.39 -7.53
CA TRP C 9 -42.18 14.08 -6.25
C TRP C 9 -41.85 15.56 -6.31
N GLY C 10 -41.44 16.05 -7.47
CA GLY C 10 -41.11 17.46 -7.59
C GLY C 10 -42.25 18.26 -8.17
N SER C 11 -43.19 17.56 -8.79
CA SER C 11 -44.34 18.19 -9.42
C SER C 11 -45.63 17.55 -9.00
N GLY C 12 -45.54 16.48 -8.21
CA GLY C 12 -46.74 15.78 -7.75
C GLY C 12 -47.52 15.07 -8.85
N MET C 13 -47.03 15.13 -10.09
CA MET C 13 -47.70 14.46 -11.19
C MET C 13 -47.59 12.94 -11.05
N THR C 14 -48.63 12.22 -11.43
CA THR C 14 -48.61 10.75 -11.36
C THR C 14 -49.06 10.09 -12.67
N PHE C 15 -48.46 8.95 -12.97
CA PHE C 15 -48.80 8.19 -14.17
C PHE C 15 -49.28 6.81 -13.72
N GLN C 16 -50.02 6.13 -14.59
CA GLN C 16 -50.47 4.77 -14.30
C GLN C 16 -50.00 3.89 -15.46
N ASP C 17 -48.99 3.07 -15.19
CA ASP C 17 -48.42 2.20 -16.19
C ASP C 17 -49.19 0.90 -16.45
N THR C 18 -49.68 0.77 -17.65
CA THR C 18 -50.40 -0.43 -18.07
C THR C 18 -49.56 -1.21 -19.09
N LEU C 19 -48.72 -0.47 -19.82
CA LEU C 19 -47.85 -1.00 -20.86
C LEU C 19 -46.85 -2.07 -20.41
N HIS C 20 -46.38 -1.97 -19.18
CA HIS C 20 -45.44 -2.96 -18.68
C HIS C 20 -45.92 -4.40 -18.81
N HIS C 21 -47.23 -4.61 -18.96
CA HIS C 21 -47.78 -5.95 -19.09
C HIS C 21 -47.43 -6.62 -20.41
N LYS C 22 -46.90 -5.83 -21.34
CA LYS C 22 -46.50 -6.31 -22.65
C LYS C 22 -45.02 -6.60 -22.67
N ALA C 23 -44.34 -6.33 -21.57
CA ALA C 23 -42.92 -6.58 -21.49
C ALA C 23 -42.63 -8.07 -21.53
N LYS C 24 -41.37 -8.39 -21.79
CA LYS C 24 -40.90 -9.76 -21.85
C LYS C 24 -40.43 -10.11 -20.47
N GLY C 25 -40.95 -11.21 -19.93
CA GLY C 25 -40.59 -11.62 -18.59
C GLY C 25 -39.16 -12.07 -18.52
N ILE C 26 -38.24 -11.11 -18.65
CA ILE C 26 -36.83 -11.43 -18.70
C ILE C 26 -35.91 -10.80 -17.65
N LEU C 27 -36.44 -9.92 -16.80
CA LEU C 27 -35.60 -9.28 -15.80
C LEU C 27 -35.19 -10.21 -14.66
N THR C 28 -33.98 -9.99 -14.13
CA THR C 28 -33.40 -10.77 -13.04
C THR C 28 -33.72 -10.22 -11.62
N CYS C 29 -34.81 -9.48 -11.51
CA CYS C 29 -35.24 -8.92 -10.26
C CYS C 29 -36.26 -9.84 -9.64
N ARG C 30 -36.03 -10.21 -8.39
CA ARG C 30 -36.97 -11.05 -7.68
C ARG C 30 -37.37 -10.40 -6.35
N SER C 31 -38.37 -11.01 -5.72
CA SER C 31 -38.92 -10.55 -4.46
C SER C 31 -37.84 -10.47 -3.40
N LYS C 32 -36.85 -11.32 -3.51
CA LYS C 32 -35.79 -11.33 -2.53
C LYS C 32 -34.59 -10.48 -2.88
N SER C 33 -34.60 -9.86 -4.06
CA SER C 33 -33.47 -9.02 -4.46
C SER C 33 -33.74 -8.22 -5.72
N CYS C 34 -33.36 -6.94 -5.69
CA CYS C 34 -33.50 -6.08 -6.85
C CYS C 34 -32.08 -5.89 -7.32
N LEU C 35 -31.86 -6.11 -8.62
CA LEU C 35 -30.54 -5.93 -9.21
C LEU C 35 -30.58 -4.98 -10.40
N GLY C 36 -31.30 -3.88 -10.21
CA GLY C 36 -31.43 -2.87 -11.25
C GLY C 36 -30.18 -2.06 -11.47
N SER C 37 -29.21 -2.15 -10.57
CA SER C 37 -27.98 -1.40 -10.73
C SER C 37 -26.87 -2.18 -11.46
N ILE C 38 -27.13 -3.45 -11.79
CA ILE C 38 -26.16 -4.26 -12.55
C ILE C 38 -26.07 -3.61 -13.94
N MET C 39 -24.88 -3.16 -14.31
CA MET C 39 -24.70 -2.47 -15.59
C MET C 39 -25.01 -3.26 -16.87
N THR C 40 -24.43 -4.45 -17.03
CA THR C 40 -24.71 -5.22 -18.26
C THR C 40 -25.30 -6.55 -17.91
N PRO C 41 -26.57 -6.58 -17.49
CA PRO C 41 -27.14 -7.85 -17.07
C PRO C 41 -27.31 -8.77 -18.26
N LYS C 42 -27.51 -10.05 -18.02
CA LYS C 42 -27.71 -11.00 -19.11
C LYS C 42 -29.15 -10.92 -19.61
N SER C 43 -30.01 -10.30 -18.84
CA SER C 43 -31.40 -10.15 -19.23
C SER C 43 -31.48 -9.16 -20.40
N LEU C 44 -30.48 -8.29 -20.50
CA LEU C 44 -30.44 -7.26 -21.53
C LEU C 44 -29.47 -7.60 -22.65
N THR C 45 -28.98 -8.83 -22.66
CA THR C 45 -28.01 -9.27 -23.64
C THR C 45 -28.63 -10.31 -24.52
N ARG C 46 -28.51 -10.11 -25.82
CA ARG C 46 -29.03 -11.09 -26.76
C ARG C 46 -27.76 -11.66 -27.40
N GLY C 47 -27.39 -12.89 -27.02
CA GLY C 47 -26.17 -13.50 -27.52
C GLY C 47 -26.21 -14.31 -28.80
N PRO C 48 -25.10 -14.98 -29.13
CA PRO C 48 -24.83 -15.79 -30.33
C PRO C 48 -25.81 -16.95 -30.54
N ARG C 49 -25.95 -17.38 -31.80
CA ARG C 49 -26.80 -18.52 -32.19
C ARG C 49 -26.00 -19.46 -33.09
N ASP C 50 -26.27 -20.76 -33.02
CA ASP C 50 -25.57 -21.71 -33.86
C ASP C 50 -26.54 -22.32 -34.85
N LYS C 51 -27.79 -21.87 -34.77
CA LYS C 51 -28.84 -22.37 -35.64
C LYS C 51 -29.78 -21.19 -35.76
N PRO C 52 -30.62 -21.16 -36.81
CA PRO C 52 -31.70 -20.18 -36.91
C PRO C 52 -32.89 -20.40 -35.98
N THR C 53 -33.54 -19.29 -35.65
CA THR C 53 -34.71 -19.34 -34.81
C THR C 53 -35.68 -20.27 -35.51
N PRO C 54 -36.11 -21.32 -34.83
CA PRO C 54 -37.17 -22.18 -35.36
C PRO C 54 -38.35 -21.36 -35.82
N PRO C 55 -38.89 -21.69 -37.00
CA PRO C 55 -40.01 -20.99 -37.62
C PRO C 55 -41.25 -20.91 -36.76
N ASP C 56 -41.57 -21.99 -36.04
CA ASP C 56 -42.75 -22.00 -35.17
C ASP C 56 -42.56 -21.05 -34.00
N GLU C 57 -41.32 -20.92 -33.56
CA GLU C 57 -40.97 -20.04 -32.46
C GLU C 57 -40.98 -18.57 -32.91
N LEU C 58 -40.66 -18.37 -34.19
CA LEU C 58 -40.60 -17.05 -34.80
C LEU C 58 -41.97 -16.53 -35.25
N LEU C 59 -42.84 -17.41 -35.72
CA LEU C 59 -44.15 -17.03 -36.23
C LEU C 59 -45.01 -16.18 -35.31
N PRO C 60 -45.17 -16.57 -34.03
CA PRO C 60 -45.90 -15.71 -33.09
C PRO C 60 -45.32 -14.29 -32.91
N GLN C 61 -44.00 -14.16 -32.86
CA GLN C 61 -43.34 -12.86 -32.69
C GLN C 61 -43.54 -12.01 -33.93
N ALA C 62 -43.48 -12.67 -35.08
CA ALA C 62 -43.66 -12.02 -36.37
C ALA C 62 -45.05 -11.42 -36.42
N ILE C 63 -46.05 -12.21 -36.05
CA ILE C 63 -47.43 -11.73 -36.04
C ILE C 63 -47.64 -10.61 -35.02
N GLU C 64 -46.93 -10.67 -33.90
CA GLU C 64 -47.09 -9.63 -32.90
C GLU C 64 -46.58 -8.36 -33.55
N PHE C 65 -45.38 -8.44 -34.12
CA PHE C 65 -44.81 -7.28 -34.74
C PHE C 65 -45.76 -6.66 -35.77
N VAL C 66 -46.24 -7.47 -36.71
CA VAL C 66 -47.15 -6.96 -37.74
C VAL C 66 -48.34 -6.25 -37.14
N ASN C 67 -48.91 -6.85 -36.09
CA ASN C 67 -50.05 -6.26 -35.41
C ASN C 67 -49.63 -4.92 -34.82
N GLN C 68 -48.45 -4.89 -34.21
CA GLN C 68 -47.92 -3.69 -33.60
C GLN C 68 -47.73 -2.60 -34.64
N TYR C 69 -47.24 -2.99 -35.81
CA TYR C 69 -47.00 -2.05 -36.89
C TYR C 69 -48.29 -1.55 -37.52
N TYR C 70 -49.24 -2.44 -37.77
CA TYR C 70 -50.47 -1.98 -38.39
C TYR C 70 -51.34 -1.22 -37.43
N GLY C 71 -51.12 -1.49 -36.14
CA GLY C 71 -51.87 -0.81 -35.10
C GLY C 71 -51.37 0.62 -34.93
N SER C 72 -50.16 0.90 -35.39
CA SER C 72 -49.62 2.25 -35.24
C SER C 72 -50.24 3.30 -36.19
N PHE C 73 -50.94 2.87 -37.22
CA PHE C 73 -51.52 3.81 -38.18
C PHE C 73 -52.67 4.60 -37.56
N LYS C 74 -52.68 5.91 -37.74
CA LYS C 74 -53.80 6.71 -37.23
C LYS C 74 -54.97 6.36 -38.16
N GLU C 75 -54.57 5.89 -39.33
CA GLU C 75 -55.44 5.50 -40.42
C GLU C 75 -55.33 3.99 -40.55
N ALA C 76 -56.19 3.26 -39.85
CA ALA C 76 -56.16 1.79 -39.90
C ALA C 76 -56.38 1.24 -41.31
N LYS C 77 -55.57 0.26 -41.70
CA LYS C 77 -55.66 -0.36 -43.03
C LYS C 77 -55.79 -1.88 -42.86
N ILE C 78 -56.96 -2.29 -42.37
CA ILE C 78 -57.28 -3.68 -42.09
C ILE C 78 -57.01 -4.69 -43.19
N GLU C 79 -57.33 -4.31 -44.43
CA GLU C 79 -57.10 -5.21 -45.55
C GLU C 79 -55.61 -5.47 -45.69
N GLU C 80 -54.82 -4.42 -45.75
CA GLU C 80 -53.38 -4.61 -45.88
C GLU C 80 -52.82 -5.36 -44.70
N HIS C 81 -53.49 -5.19 -43.55
CA HIS C 81 -53.10 -5.84 -42.30
C HIS C 81 -53.19 -7.36 -42.36
N LEU C 82 -54.41 -7.88 -42.56
CA LEU C 82 -54.64 -9.31 -42.67
C LEU C 82 -53.66 -9.89 -43.66
N ALA C 83 -53.60 -9.23 -44.82
CA ALA C 83 -52.73 -9.61 -45.92
C ALA C 83 -51.27 -9.80 -45.51
N ARG C 84 -50.72 -8.82 -44.80
CA ARG C 84 -49.33 -8.94 -44.39
C ARG C 84 -49.15 -10.07 -43.37
N VAL C 85 -50.20 -10.41 -42.61
CA VAL C 85 -50.12 -11.51 -41.62
C VAL C 85 -50.07 -12.81 -42.45
N GLU C 86 -50.97 -12.92 -43.41
CA GLU C 86 -51.04 -14.06 -44.30
C GLU C 86 -49.73 -14.21 -45.07
N ALA C 87 -49.19 -13.09 -45.53
CA ALA C 87 -47.95 -13.06 -46.29
C ALA C 87 -46.75 -13.49 -45.45
N VAL C 88 -46.59 -12.88 -44.27
CA VAL C 88 -45.49 -13.18 -43.36
C VAL C 88 -45.56 -14.65 -42.96
N THR C 89 -46.78 -15.14 -42.82
CA THR C 89 -47.02 -16.53 -42.46
C THR C 89 -46.48 -17.46 -43.56
N LYS C 90 -47.00 -17.28 -44.78
CA LYS C 90 -46.56 -18.11 -45.90
C LYS C 90 -45.06 -18.01 -46.11
N GLU C 91 -44.49 -16.83 -45.83
CA GLU C 91 -43.06 -16.61 -46.00
C GLU C 91 -42.17 -17.31 -44.99
N ILE C 92 -42.61 -17.40 -43.75
CA ILE C 92 -41.83 -18.09 -42.73
C ILE C 92 -42.01 -19.58 -42.99
N GLU C 93 -43.24 -19.92 -43.35
CA GLU C 93 -43.64 -21.28 -43.67
C GLU C 93 -42.77 -21.81 -44.79
N THR C 94 -42.62 -20.96 -45.82
CA THR C 94 -41.84 -21.25 -47.03
C THR C 94 -40.31 -21.12 -46.88
N THR C 95 -39.85 -20.05 -46.23
CA THR C 95 -38.42 -19.82 -46.10
C THR C 95 -37.86 -19.97 -44.68
N GLY C 96 -38.73 -20.18 -43.70
CA GLY C 96 -38.27 -20.34 -42.33
C GLY C 96 -37.95 -19.03 -41.61
N THR C 97 -38.12 -17.92 -42.30
CA THR C 97 -37.87 -16.60 -41.74
C THR C 97 -38.67 -15.68 -42.60
N TYR C 98 -38.45 -14.39 -42.40
CA TYR C 98 -39.16 -13.42 -43.18
C TYR C 98 -38.31 -12.18 -43.26
N GLN C 99 -38.77 -11.29 -44.11
CA GLN C 99 -38.10 -10.04 -44.40
C GLN C 99 -39.04 -8.85 -44.08
N LEU C 100 -38.51 -7.80 -43.48
CA LEU C 100 -39.34 -6.65 -43.16
C LEU C 100 -39.52 -5.76 -44.36
N THR C 101 -40.67 -5.12 -44.50
CA THR C 101 -40.79 -4.19 -45.61
C THR C 101 -39.92 -3.01 -45.12
N GLY C 102 -39.55 -2.09 -46.01
CA GLY C 102 -38.72 -0.95 -45.65
C GLY C 102 -39.34 -0.02 -44.63
N ASP C 103 -40.66 0.20 -44.75
CA ASP C 103 -41.36 1.05 -43.82
C ASP C 103 -41.44 0.38 -42.46
N GLU C 104 -41.41 -0.96 -42.48
CA GLU C 104 -41.45 -1.78 -41.27
C GLU C 104 -40.12 -1.68 -40.58
N LEU C 105 -39.06 -1.58 -41.35
CA LEU C 105 -37.74 -1.46 -40.77
C LEU C 105 -37.66 -0.08 -40.09
N ILE C 106 -38.22 0.95 -40.75
CA ILE C 106 -38.21 2.31 -40.20
C ILE C 106 -38.97 2.35 -38.88
N PHE C 107 -40.22 1.88 -38.91
CA PHE C 107 -41.05 1.79 -37.73
C PHE C 107 -40.32 1.04 -36.62
N ALA C 108 -39.79 -0.12 -36.94
CA ALA C 108 -39.09 -0.95 -35.95
C ALA C 108 -37.89 -0.31 -35.27
N THR C 109 -37.08 0.42 -36.03
CA THR C 109 -35.89 1.07 -35.48
C THR C 109 -36.21 2.23 -34.53
N LYS C 110 -37.23 3.00 -34.91
CA LYS C 110 -37.68 4.16 -34.14
C LYS C 110 -38.38 3.66 -32.89
N GLN C 111 -39.22 2.65 -33.09
CA GLN C 111 -39.96 2.02 -32.02
C GLN C 111 -38.99 1.38 -31.04
N ALA C 112 -37.93 0.76 -31.54
CA ALA C 112 -36.96 0.16 -30.65
C ALA C 112 -36.25 1.27 -29.87
N TRP C 113 -36.26 2.47 -30.44
CA TRP C 113 -35.66 3.65 -29.81
C TRP C 113 -36.55 4.08 -28.64
N ARG C 114 -37.87 4.23 -28.87
CA ARG C 114 -38.81 4.61 -27.79
C ARG C 114 -38.65 3.64 -26.62
N ASN C 115 -38.56 2.35 -26.94
CA ASN C 115 -38.43 1.27 -25.96
C ASN C 115 -37.06 1.16 -25.34
N ALA C 116 -36.19 2.12 -25.59
CA ALA C 116 -34.85 2.07 -25.02
C ALA C 116 -34.77 2.76 -23.65
N PRO C 117 -34.82 1.97 -22.56
CA PRO C 117 -35.13 2.49 -21.23
C PRO C 117 -34.01 3.36 -20.67
N ARG C 118 -32.79 3.13 -21.14
CA ARG C 118 -31.66 3.89 -20.66
C ARG C 118 -31.30 5.15 -21.46
N CYS C 119 -32.15 5.53 -22.43
CA CYS C 119 -31.89 6.70 -23.30
C CYS C 119 -32.69 7.94 -22.94
N ILE C 120 -31.98 8.99 -22.58
CA ILE C 120 -32.61 10.26 -22.24
C ILE C 120 -33.04 11.10 -23.46
N GLY C 121 -32.51 10.77 -24.64
CA GLY C 121 -32.85 11.53 -25.83
C GLY C 121 -34.09 11.13 -26.61
N ARG C 122 -34.88 10.24 -26.02
CA ARG C 122 -36.07 9.73 -26.66
C ARG C 122 -37.13 10.70 -27.17
N ILE C 123 -37.06 11.95 -26.80
CA ILE C 123 -38.06 12.85 -27.34
C ILE C 123 -37.85 12.92 -28.85
N GLN C 124 -36.62 12.63 -29.28
CA GLN C 124 -36.21 12.67 -30.69
C GLN C 124 -36.61 11.45 -31.50
N TRP C 125 -37.13 10.44 -30.81
CA TRP C 125 -37.48 9.18 -31.42
C TRP C 125 -38.11 9.14 -32.81
N SER C 126 -38.84 10.17 -33.20
CA SER C 126 -39.47 10.14 -34.51
C SER C 126 -38.60 10.75 -35.60
N ASN C 127 -37.42 11.24 -35.22
CA ASN C 127 -36.48 11.86 -36.15
C ASN C 127 -35.26 10.95 -36.22
N LEU C 128 -35.31 10.02 -37.14
CA LEU C 128 -34.21 9.08 -37.29
C LEU C 128 -34.08 8.72 -38.77
N GLN C 129 -32.86 8.82 -39.28
CA GLN C 129 -32.56 8.48 -40.66
C GLN C 129 -32.22 6.98 -40.69
N VAL C 130 -32.93 6.24 -41.51
CA VAL C 130 -32.70 4.79 -41.64
C VAL C 130 -32.01 4.39 -42.97
N PHE C 131 -30.79 3.87 -42.85
CA PHE C 131 -30.03 3.40 -44.00
C PHE C 131 -30.16 1.89 -44.06
N ASP C 132 -30.91 1.43 -45.04
CA ASP C 132 -31.15 0.01 -45.28
C ASP C 132 -29.89 -0.61 -45.95
N ALA C 133 -29.18 -1.46 -45.25
CA ALA C 133 -27.97 -2.11 -45.79
C ALA C 133 -28.10 -3.60 -45.62
N ARG C 134 -29.34 -4.09 -45.64
CA ARG C 134 -29.62 -5.51 -45.43
C ARG C 134 -29.15 -6.41 -46.58
N SER C 135 -28.72 -5.80 -47.69
CA SER C 135 -28.21 -6.53 -48.85
C SER C 135 -26.71 -6.51 -48.84
N CYS C 136 -26.13 -5.88 -47.83
CA CYS C 136 -24.70 -5.80 -47.73
C CYS C 136 -24.12 -7.23 -47.72
N SER C 137 -22.92 -7.40 -48.25
CA SER C 137 -22.31 -8.74 -48.29
C SER C 137 -20.82 -8.80 -48.00
N THR C 138 -20.12 -7.66 -47.96
CA THR C 138 -18.67 -7.71 -47.67
C THR C 138 -18.26 -6.69 -46.62
N ALA C 139 -17.06 -6.84 -46.06
CA ALA C 139 -16.56 -5.94 -45.04
C ALA C 139 -16.39 -4.54 -45.60
N ARG C 140 -15.72 -4.44 -46.75
CA ARG C 140 -15.50 -3.17 -47.42
C ARG C 140 -16.81 -2.51 -47.80
N GLU C 141 -17.82 -3.28 -48.14
CA GLU C 141 -19.09 -2.67 -48.48
C GLU C 141 -19.73 -2.10 -47.19
N MET C 142 -19.51 -2.76 -46.04
CA MET C 142 -20.06 -2.31 -44.78
C MET C 142 -19.48 -0.94 -44.46
N PHE C 143 -18.15 -0.87 -44.53
CA PHE C 143 -17.36 0.33 -44.28
C PHE C 143 -17.85 1.51 -45.10
N GLU C 144 -18.26 1.25 -46.33
CA GLU C 144 -18.77 2.29 -47.20
C GLU C 144 -20.13 2.76 -46.72
N HIS C 145 -20.92 1.85 -46.20
CA HIS C 145 -22.22 2.17 -45.63
C HIS C 145 -22.05 2.97 -44.32
N ILE C 146 -21.01 2.65 -43.56
CA ILE C 146 -20.72 3.32 -42.32
C ILE C 146 -20.22 4.74 -42.62
N CYS C 147 -19.27 4.87 -43.55
CA CYS C 147 -18.76 6.17 -43.97
C CYS C 147 -19.91 7.06 -44.43
N ARG C 148 -20.84 6.48 -45.19
CA ARG C 148 -22.00 7.25 -45.66
C ARG C 148 -22.78 7.72 -44.46
N HIS C 149 -22.97 6.82 -43.49
CA HIS C 149 -23.68 7.11 -42.24
C HIS C 149 -22.96 8.24 -41.45
N VAL C 150 -21.67 8.05 -41.12
CA VAL C 150 -20.92 9.06 -40.39
C VAL C 150 -21.00 10.43 -41.05
N ARG C 151 -20.91 10.43 -42.38
CA ARG C 151 -20.97 11.67 -43.14
C ARG C 151 -22.36 12.31 -43.05
N TYR C 152 -23.39 11.52 -43.23
CA TYR C 152 -24.74 12.05 -43.15
C TYR C 152 -25.03 12.66 -41.76
N SER C 153 -24.69 11.89 -40.74
CA SER C 153 -24.92 12.24 -39.34
C SER C 153 -24.11 13.43 -38.90
N THR C 154 -22.81 13.42 -39.17
CA THR C 154 -21.95 14.52 -38.78
C THR C 154 -22.46 15.84 -39.36
N ASN C 155 -23.10 15.78 -40.52
CA ASN C 155 -23.67 16.93 -41.18
C ASN C 155 -22.98 18.28 -40.96
N ASN C 156 -21.66 18.27 -40.90
CA ASN C 156 -20.90 19.50 -40.69
C ASN C 156 -21.06 20.09 -39.31
N GLY C 157 -21.34 19.26 -38.32
CA GLY C 157 -21.51 19.76 -36.97
C GLY C 157 -22.98 19.88 -36.59
N ASN C 158 -23.85 19.86 -37.58
CA ASN C 158 -25.27 19.95 -37.34
C ASN C 158 -25.79 18.51 -37.28
N ILE C 159 -25.29 17.80 -36.28
CA ILE C 159 -25.63 16.40 -36.00
C ILE C 159 -27.07 15.95 -36.24
N ARG C 160 -27.19 14.81 -36.91
CA ARG C 160 -28.50 14.21 -37.21
C ARG C 160 -28.41 12.80 -36.70
N SER C 161 -29.56 12.21 -36.36
CA SER C 161 -29.63 10.83 -35.86
C SER C 161 -29.90 9.84 -37.01
N ALA C 162 -29.14 8.76 -37.03
CA ALA C 162 -29.33 7.76 -38.08
C ALA C 162 -28.97 6.38 -37.59
N ILE C 163 -29.48 5.38 -38.30
CA ILE C 163 -29.14 4.02 -38.00
C ILE C 163 -28.89 3.26 -39.33
N THR C 164 -27.87 2.43 -39.35
CA THR C 164 -27.57 1.61 -40.51
C THR C 164 -27.83 0.16 -40.12
N VAL C 165 -28.80 -0.46 -40.77
CA VAL C 165 -29.17 -1.83 -40.51
C VAL C 165 -28.51 -2.79 -41.49
N PHE C 166 -27.63 -3.68 -41.00
CA PHE C 166 -26.99 -4.67 -41.85
C PHE C 166 -27.88 -5.92 -41.93
N PRO C 167 -27.46 -6.99 -42.64
CA PRO C 167 -28.41 -8.10 -42.77
C PRO C 167 -28.74 -8.75 -41.42
N GLN C 168 -29.97 -9.24 -41.33
CA GLN C 168 -30.48 -9.91 -40.14
C GLN C 168 -29.75 -11.22 -39.97
N ARG C 169 -29.62 -11.67 -38.73
CA ARG C 169 -28.95 -12.90 -38.44
C ARG C 169 -29.66 -14.06 -39.15
N SER C 170 -28.88 -14.93 -39.76
CA SER C 170 -29.48 -16.04 -40.46
C SER C 170 -29.42 -17.28 -39.58
N ASP C 171 -28.29 -17.99 -39.61
CA ASP C 171 -28.13 -19.18 -38.81
C ASP C 171 -27.24 -18.91 -37.60
N GLY C 172 -26.77 -17.66 -37.50
CA GLY C 172 -25.89 -17.30 -36.41
C GLY C 172 -24.42 -17.49 -36.75
N LYS C 173 -24.12 -18.12 -37.88
CA LYS C 173 -22.75 -18.36 -38.33
C LYS C 173 -22.32 -17.39 -39.41
N HIS C 174 -23.21 -16.46 -39.76
CA HIS C 174 -22.95 -15.46 -40.79
C HIS C 174 -23.36 -14.06 -40.35
N ASP C 175 -22.95 -13.66 -39.16
CA ASP C 175 -23.33 -12.35 -38.64
C ASP C 175 -22.52 -11.21 -39.21
N PHE C 176 -23.21 -10.11 -39.49
CA PHE C 176 -22.56 -8.86 -39.93
C PHE C 176 -22.51 -8.08 -38.62
N ARG C 177 -21.31 -7.77 -38.18
CA ARG C 177 -21.16 -7.03 -36.93
C ARG C 177 -20.01 -6.05 -36.96
N VAL C 178 -20.19 -4.94 -36.26
CA VAL C 178 -19.11 -3.96 -36.10
C VAL C 178 -18.64 -4.34 -34.70
N TRP C 179 -17.37 -4.68 -34.56
CA TRP C 179 -16.81 -5.09 -33.29
C TRP C 179 -16.58 -3.97 -32.28
N ASN C 180 -16.37 -2.77 -32.77
CA ASN C 180 -16.16 -1.58 -31.92
C ASN C 180 -17.43 -1.28 -31.15
N ALA C 181 -17.29 -0.79 -29.93
CA ALA C 181 -18.47 -0.44 -29.14
C ALA C 181 -19.06 0.79 -29.84
N GLN C 182 -18.16 1.65 -30.33
CA GLN C 182 -18.55 2.86 -31.06
C GLN C 182 -17.88 3.04 -32.42
N LEU C 183 -18.59 3.71 -33.31
CA LEU C 183 -18.12 4.01 -34.65
C LEU C 183 -16.82 4.78 -34.53
N ILE C 184 -16.84 5.82 -33.72
CA ILE C 184 -15.66 6.65 -33.46
C ILE C 184 -15.33 6.53 -31.98
N ARG C 185 -14.06 6.34 -31.66
CA ARG C 185 -13.64 6.21 -30.27
C ARG C 185 -12.12 6.29 -30.26
N TYR C 186 -11.54 6.75 -29.16
CA TYR C 186 -10.10 6.87 -29.06
C TYR C 186 -9.40 5.64 -28.51
N ALA C 187 -8.12 5.52 -28.83
CA ALA C 187 -7.31 4.37 -28.42
C ALA C 187 -6.70 4.53 -27.05
N GLY C 188 -6.48 3.40 -26.41
CA GLY C 188 -5.86 3.37 -25.11
C GLY C 188 -4.61 2.53 -25.24
N TYR C 189 -3.49 3.03 -24.77
CA TYR C 189 -2.24 2.30 -24.88
C TYR C 189 -1.70 1.93 -23.51
N GLN C 190 -1.55 0.64 -23.28
CA GLN C 190 -1.01 0.15 -22.03
C GLN C 190 0.50 0.21 -22.12
N MET C 191 1.12 1.09 -21.34
CA MET C 191 2.57 1.23 -21.35
C MET C 191 3.19 0.18 -20.45
N PRO C 192 4.26 -0.47 -20.92
CA PRO C 192 5.11 -1.31 -20.07
C PRO C 192 5.69 -0.49 -18.92
N ASP C 193 5.94 0.79 -19.20
CA ASP C 193 6.49 1.71 -18.21
C ASP C 193 5.41 2.17 -17.21
N GLY C 194 4.55 1.22 -16.84
CA GLY C 194 3.48 1.45 -15.90
C GLY C 194 2.66 2.70 -16.12
N SER C 195 1.74 2.68 -17.07
CA SER C 195 0.90 3.85 -17.35
C SER C 195 -0.01 3.57 -18.53
N ILE C 196 -0.96 4.48 -18.77
CA ILE C 196 -1.85 4.34 -19.91
C ILE C 196 -1.90 5.65 -20.66
N ARG C 197 -1.78 5.56 -22.00
CA ARG C 197 -1.80 6.73 -22.89
C ARG C 197 -3.10 6.63 -23.68
N GLY C 198 -3.91 7.69 -23.67
CA GLY C 198 -5.16 7.64 -24.39
C GLY C 198 -6.31 7.22 -23.49
N ASP C 199 -7.34 6.65 -24.07
CA ASP C 199 -8.52 6.24 -23.35
C ASP C 199 -8.38 4.85 -22.73
N PRO C 200 -8.24 4.77 -21.37
CA PRO C 200 -8.00 3.51 -20.66
C PRO C 200 -9.09 2.45 -20.87
N ALA C 201 -10.29 2.91 -21.18
CA ALA C 201 -11.41 2.03 -21.45
C ALA C 201 -11.22 1.24 -22.75
N ASN C 202 -10.28 1.66 -23.60
CA ASN C 202 -10.09 0.96 -24.86
C ASN C 202 -8.80 0.21 -25.06
N VAL C 203 -7.98 0.09 -24.01
CA VAL C 203 -6.72 -0.62 -24.08
C VAL C 203 -6.85 -2.02 -24.71
N GLU C 204 -7.81 -2.81 -24.25
CA GLU C 204 -7.98 -4.16 -24.77
C GLU C 204 -8.42 -4.18 -26.23
N PHE C 205 -9.31 -3.28 -26.60
CA PHE C 205 -9.74 -3.23 -27.98
C PHE C 205 -8.61 -2.75 -28.86
N THR C 206 -7.85 -1.77 -28.38
CA THR C 206 -6.72 -1.23 -29.13
C THR C 206 -5.71 -2.36 -29.41
N GLN C 207 -5.45 -3.17 -28.40
CA GLN C 207 -4.54 -4.28 -28.52
C GLN C 207 -5.06 -5.25 -29.57
N LEU C 208 -6.37 -5.47 -29.63
CA LEU C 208 -6.94 -6.36 -30.61
C LEU C 208 -6.62 -5.82 -32.00
N CYS C 209 -6.87 -4.52 -32.20
CA CYS C 209 -6.59 -3.86 -33.48
C CYS C 209 -5.12 -4.03 -33.87
N ILE C 210 -4.22 -3.74 -32.93
CA ILE C 210 -2.78 -3.86 -33.12
C ILE C 210 -2.45 -5.30 -33.56
N ASP C 211 -3.18 -6.25 -32.99
CA ASP C 211 -2.95 -7.64 -33.35
C ASP C 211 -3.54 -7.93 -34.74
N LEU C 212 -4.56 -7.19 -35.14
CA LEU C 212 -5.15 -7.39 -36.45
C LEU C 212 -4.38 -6.58 -37.50
N GLY C 213 -3.16 -6.18 -37.16
CA GLY C 213 -2.34 -5.44 -38.10
C GLY C 213 -2.28 -3.92 -38.05
N TRP C 214 -3.18 -3.27 -37.29
CA TRP C 214 -3.20 -1.80 -37.20
C TRP C 214 -1.93 -1.20 -36.61
N LYS C 215 -1.47 -0.10 -37.19
CA LYS C 215 -0.28 0.52 -36.64
C LYS C 215 -0.69 1.43 -35.50
N PRO C 216 -0.18 1.19 -34.27
CA PRO C 216 -0.41 2.17 -33.21
C PRO C 216 0.29 3.50 -33.48
N LYS C 217 -0.38 4.60 -33.17
CA LYS C 217 0.20 5.91 -33.41
C LYS C 217 0.74 6.47 -32.09
N TYR C 218 0.14 6.01 -30.99
CA TYR C 218 0.52 6.36 -29.62
C TYR C 218 0.15 7.75 -29.13
N GLY C 219 -1.04 8.23 -29.46
CA GLY C 219 -1.44 9.54 -29.01
C GLY C 219 -2.54 9.39 -27.97
N ARG C 220 -2.99 10.50 -27.40
CA ARG C 220 -4.06 10.47 -26.40
C ARG C 220 -5.41 10.37 -27.07
N PHE C 221 -5.49 10.81 -28.33
CA PHE C 221 -6.76 10.80 -29.07
C PHE C 221 -6.66 10.23 -30.51
N ASP C 222 -6.23 8.98 -30.64
CA ASP C 222 -6.09 8.32 -31.93
C ASP C 222 -7.35 7.56 -32.20
N VAL C 223 -8.08 7.92 -33.26
CA VAL C 223 -9.30 7.18 -33.56
C VAL C 223 -8.96 5.74 -34.03
N VAL C 224 -9.44 4.75 -33.28
CA VAL C 224 -9.19 3.36 -33.63
C VAL C 224 -9.91 2.99 -34.93
N PRO C 225 -9.37 2.03 -35.68
CA PRO C 225 -10.03 1.53 -36.88
C PRO C 225 -11.29 0.76 -36.60
N LEU C 226 -12.18 0.70 -37.58
CA LEU C 226 -13.40 -0.06 -37.48
C LEU C 226 -12.97 -1.52 -37.70
N VAL C 227 -13.55 -2.44 -36.95
CA VAL C 227 -13.21 -3.86 -37.10
C VAL C 227 -14.51 -4.45 -37.59
N LEU C 228 -14.61 -4.66 -38.89
CA LEU C 228 -15.85 -5.16 -39.50
C LEU C 228 -15.92 -6.64 -39.79
N GLN C 229 -17.03 -7.26 -39.42
CA GLN C 229 -17.23 -8.67 -39.62
C GLN C 229 -18.38 -8.78 -40.59
N ALA C 230 -18.11 -9.42 -41.72
CA ALA C 230 -19.15 -9.57 -42.71
C ALA C 230 -19.45 -11.02 -42.93
N ASN C 231 -20.72 -11.32 -43.12
CA ASN C 231 -21.12 -12.69 -43.41
C ASN C 231 -20.47 -13.75 -42.51
N GLY C 232 -20.31 -13.39 -41.24
CA GLY C 232 -19.72 -14.28 -40.26
C GLY C 232 -18.22 -14.49 -40.35
N ARG C 233 -17.57 -13.86 -41.32
CA ARG C 233 -16.13 -14.03 -41.55
C ARG C 233 -15.22 -13.30 -40.57
N ASP C 234 -13.93 -13.66 -40.56
CA ASP C 234 -12.96 -13.00 -39.72
C ASP C 234 -13.07 -11.50 -39.97
N PRO C 235 -12.85 -10.68 -38.94
CA PRO C 235 -13.10 -9.26 -39.12
C PRO C 235 -11.94 -8.59 -39.86
N GLU C 236 -12.23 -7.53 -40.61
CA GLU C 236 -11.22 -6.78 -41.34
C GLU C 236 -11.18 -5.32 -40.91
N LEU C 237 -9.99 -4.76 -40.84
CA LEU C 237 -9.74 -3.39 -40.43
C LEU C 237 -9.87 -2.31 -41.50
N PHE C 238 -10.58 -1.24 -41.15
CA PHE C 238 -10.80 -0.09 -42.00
C PHE C 238 -10.65 1.16 -41.14
N GLU C 239 -10.03 2.19 -41.70
CA GLU C 239 -9.85 3.41 -40.97
C GLU C 239 -10.76 4.48 -41.54
N ILE C 240 -11.59 5.06 -40.68
CA ILE C 240 -12.51 6.09 -41.13
C ILE C 240 -11.66 7.23 -41.60
N PRO C 241 -11.93 7.74 -42.81
CA PRO C 241 -11.18 8.88 -43.34
C PRO C 241 -11.30 10.10 -42.44
N PRO C 242 -10.17 10.70 -42.09
CA PRO C 242 -10.04 11.77 -41.10
C PRO C 242 -10.94 12.96 -41.33
N ASP C 243 -11.24 13.25 -42.58
CA ASP C 243 -12.09 14.39 -42.91
C ASP C 243 -13.50 14.11 -42.51
N LEU C 244 -13.77 12.83 -42.23
CA LEU C 244 -15.10 12.40 -41.81
C LEU C 244 -15.24 12.44 -40.29
N VAL C 245 -14.12 12.53 -39.57
CA VAL C 245 -14.15 12.56 -38.11
C VAL C 245 -14.11 13.98 -37.53
N LEU C 246 -15.28 14.56 -37.29
CA LEU C 246 -15.34 15.91 -36.73
C LEU C 246 -15.00 15.90 -35.22
N GLU C 247 -14.10 16.78 -34.81
CA GLU C 247 -13.68 16.88 -33.42
C GLU C 247 -13.82 18.31 -32.89
N VAL C 248 -13.88 18.45 -31.56
CA VAL C 248 -14.02 19.76 -30.91
C VAL C 248 -12.92 19.97 -29.88
N ALA C 249 -12.11 21.00 -30.09
CA ALA C 249 -11.01 21.32 -29.19
C ALA C 249 -11.61 21.93 -27.93
N MET C 250 -11.10 21.52 -26.77
CA MET C 250 -11.61 22.01 -25.50
C MET C 250 -11.01 23.34 -25.03
N GLU C 251 -11.90 24.30 -24.80
CA GLU C 251 -11.54 25.63 -24.30
C GLU C 251 -12.59 26.02 -23.25
N HIS C 252 -12.21 26.89 -22.32
CA HIS C 252 -13.12 27.36 -21.26
C HIS C 252 -13.36 28.85 -21.46
N PRO C 253 -14.60 29.32 -21.32
CA PRO C 253 -14.88 30.72 -21.67
C PRO C 253 -14.14 31.75 -20.82
N LYS C 254 -13.52 31.30 -19.73
CA LYS C 254 -12.78 32.22 -18.86
C LYS C 254 -11.38 31.72 -18.50
N TYR C 255 -11.19 30.41 -18.36
CA TYR C 255 -9.85 29.90 -18.04
C TYR C 255 -9.03 29.73 -19.30
N GLU C 256 -8.06 30.62 -19.48
CA GLU C 256 -7.18 30.61 -20.64
C GLU C 256 -6.35 29.34 -20.66
N TRP C 257 -5.80 29.00 -19.51
CA TRP C 257 -4.96 27.85 -19.35
C TRP C 257 -5.66 26.53 -19.70
N PHE C 258 -6.98 26.57 -19.89
CA PHE C 258 -7.69 25.34 -20.20
C PHE C 258 -7.18 24.69 -21.48
N ARG C 259 -6.83 25.53 -22.46
CA ARG C 259 -6.29 25.06 -23.74
C ARG C 259 -4.98 24.31 -23.56
N GLU C 260 -4.19 24.71 -22.58
CA GLU C 260 -2.90 24.07 -22.31
C GLU C 260 -3.01 22.57 -21.97
N LEU C 261 -4.24 22.14 -21.73
CA LEU C 261 -4.49 20.75 -21.41
C LEU C 261 -4.55 19.89 -22.70
N GLU C 262 -4.73 20.56 -23.83
CA GLU C 262 -4.82 19.93 -25.15
C GLU C 262 -5.83 18.78 -25.19
N LEU C 263 -7.08 19.06 -24.81
CA LEU C 263 -8.08 18.01 -24.83
C LEU C 263 -9.02 18.30 -25.95
N LYS C 264 -9.69 17.26 -26.43
CA LYS C 264 -10.69 17.39 -27.49
C LYS C 264 -11.52 16.15 -27.44
N TRP C 265 -12.61 16.16 -28.17
CA TRP C 265 -13.44 14.97 -28.24
C TRP C 265 -14.13 14.98 -29.60
N TYR C 266 -14.62 13.83 -30.03
CA TYR C 266 -15.31 13.73 -31.30
C TYR C 266 -16.77 14.14 -31.15
N ALA C 267 -17.34 14.69 -32.21
CA ALA C 267 -18.72 15.16 -32.21
C ALA C 267 -19.81 14.12 -32.35
N LEU C 268 -19.50 12.96 -32.95
CA LEU C 268 -20.51 11.90 -33.20
C LEU C 268 -20.45 10.77 -32.18
N PRO C 269 -21.50 10.63 -31.34
CA PRO C 269 -21.69 9.47 -30.47
C PRO C 269 -22.53 8.42 -31.19
N ALA C 270 -21.87 7.32 -31.58
CA ALA C 270 -22.50 6.23 -32.31
C ALA C 270 -22.25 4.89 -31.66
N VAL C 271 -23.32 4.20 -31.29
CA VAL C 271 -23.21 2.90 -30.65
C VAL C 271 -23.23 1.92 -31.80
N ALA C 272 -22.14 1.17 -31.90
CA ALA C 272 -21.94 0.23 -33.00
C ALA C 272 -22.15 -1.27 -32.75
N ASN C 273 -22.08 -1.69 -31.49
CA ASN C 273 -22.16 -3.11 -31.17
C ASN C 273 -23.45 -3.70 -30.60
N MET C 274 -24.60 -3.07 -30.79
CA MET C 274 -25.84 -3.62 -30.27
C MET C 274 -26.67 -4.38 -31.30
N LEU C 275 -27.60 -5.19 -30.81
CA LEU C 275 -28.45 -6.01 -31.63
C LEU C 275 -29.90 -5.52 -31.59
N LEU C 276 -30.49 -5.21 -32.73
CA LEU C 276 -31.87 -4.76 -32.77
C LEU C 276 -32.69 -6.02 -32.91
N GLU C 277 -33.76 -6.14 -32.13
CA GLU C 277 -34.65 -7.31 -32.19
C GLU C 277 -36.01 -6.80 -32.64
N VAL C 278 -36.63 -7.47 -33.60
CA VAL C 278 -37.93 -7.07 -34.13
C VAL C 278 -38.65 -8.34 -34.54
N GLY C 279 -39.88 -8.51 -34.09
CA GLY C 279 -40.66 -9.70 -34.43
C GLY C 279 -39.88 -11.01 -34.57
N GLY C 280 -38.98 -11.31 -33.64
CA GLY C 280 -38.24 -12.56 -33.74
C GLY C 280 -36.91 -12.43 -34.45
N LEU C 281 -36.84 -11.48 -35.38
CA LEU C 281 -35.63 -11.20 -36.14
C LEU C 281 -34.59 -10.56 -35.26
N GLU C 282 -33.33 -10.83 -35.58
CA GLU C 282 -32.23 -10.30 -34.83
C GLU C 282 -31.26 -9.69 -35.82
N PHE C 283 -30.92 -8.42 -35.63
CA PHE C 283 -29.99 -7.71 -36.48
C PHE C 283 -28.73 -7.38 -35.68
N PRO C 284 -27.73 -8.27 -35.68
CA PRO C 284 -26.53 -7.99 -34.91
C PRO C 284 -25.63 -6.86 -35.36
N GLY C 285 -26.02 -6.16 -36.42
CA GLY C 285 -25.21 -5.06 -36.91
C GLY C 285 -26.19 -3.97 -37.21
N CYS C 286 -26.17 -2.93 -36.40
CA CYS C 286 -27.11 -1.84 -36.59
C CYS C 286 -26.62 -0.54 -35.96
N PRO C 287 -25.41 -0.06 -36.34
CA PRO C 287 -24.90 1.13 -35.67
C PRO C 287 -25.88 2.31 -35.72
N PHE C 288 -25.98 3.04 -34.61
CA PHE C 288 -26.87 4.19 -34.51
C PHE C 288 -26.20 5.33 -33.80
N ASN C 289 -26.69 6.54 -34.04
CA ASN C 289 -26.14 7.72 -33.41
C ASN C 289 -27.22 8.78 -33.13
N GLY C 290 -26.89 9.68 -32.21
CA GLY C 290 -27.74 10.80 -31.88
C GLY C 290 -26.67 11.85 -31.70
N TRP C 291 -26.90 12.84 -30.85
CA TRP C 291 -25.87 13.83 -30.58
C TRP C 291 -25.55 13.72 -29.10
N TYR C 292 -24.48 14.38 -28.69
CA TYR C 292 -24.05 14.33 -27.33
C TYR C 292 -24.84 15.14 -26.34
N MET C 293 -24.83 14.64 -25.10
CA MET C 293 -25.41 15.32 -23.97
C MET C 293 -24.07 15.60 -23.27
N GLY C 294 -23.83 16.87 -22.95
CA GLY C 294 -22.56 17.27 -22.36
C GLY C 294 -21.95 16.48 -21.22
N THR C 295 -22.76 15.98 -20.29
CA THR C 295 -22.19 15.26 -19.15
C THR C 295 -21.38 14.03 -19.50
N GLU C 296 -21.68 13.41 -20.64
CA GLU C 296 -20.98 12.20 -21.08
C GLU C 296 -19.53 12.51 -21.26
N ILE C 297 -19.25 13.65 -21.90
CA ILE C 297 -17.88 14.05 -22.16
C ILE C 297 -17.20 14.57 -20.92
N GLY C 298 -17.74 15.65 -20.37
CA GLY C 298 -17.16 16.29 -19.19
C GLY C 298 -17.16 15.50 -17.89
N VAL C 299 -18.26 14.84 -17.56
CA VAL C 299 -18.27 14.08 -16.33
C VAL C 299 -17.64 12.73 -16.54
N ARG C 300 -18.21 11.95 -17.45
CA ARG C 300 -17.72 10.60 -17.70
C ARG C 300 -16.39 10.41 -18.41
N ASP C 301 -16.29 10.81 -19.68
CA ASP C 301 -15.06 10.63 -20.45
C ASP C 301 -13.86 11.36 -19.86
N PHE C 302 -14.07 12.59 -19.42
CA PHE C 302 -12.96 13.36 -18.85
C PHE C 302 -12.65 13.15 -17.36
N CYS C 303 -13.68 12.84 -16.57
CA CYS C 303 -13.51 12.72 -15.13
C CYS C 303 -13.49 11.36 -14.43
N ASP C 304 -14.00 10.32 -15.08
CA ASP C 304 -13.97 9.00 -14.46
C ASP C 304 -12.53 8.72 -14.22
N VAL C 305 -12.23 8.08 -13.10
CA VAL C 305 -10.85 7.77 -12.78
C VAL C 305 -10.31 6.71 -13.75
N GLN C 306 -11.22 5.92 -14.32
CA GLN C 306 -10.82 4.90 -15.26
C GLN C 306 -10.98 5.32 -16.74
N ARG C 307 -11.03 6.63 -16.97
CA ARG C 307 -11.14 7.22 -18.29
C ARG C 307 -10.06 8.28 -18.29
N TYR C 308 -10.36 9.46 -18.81
CA TYR C 308 -9.32 10.49 -18.86
C TYR C 308 -8.84 10.98 -17.51
N ASN C 309 -9.71 10.96 -16.50
CA ASN C 309 -9.32 11.31 -15.13
C ASN C 309 -8.55 12.62 -15.06
N ILE C 310 -9.16 13.70 -15.53
CA ILE C 310 -8.49 15.00 -15.54
C ILE C 310 -8.75 15.92 -14.34
N LEU C 311 -9.68 15.50 -13.47
CA LEU C 311 -10.14 16.22 -12.28
C LEU C 311 -9.06 16.84 -11.39
N GLU C 312 -8.15 16.03 -10.88
CA GLU C 312 -7.07 16.52 -10.02
C GLU C 312 -6.24 17.62 -10.69
N GLU C 313 -5.92 17.40 -11.97
CA GLU C 313 -5.14 18.34 -12.76
C GLU C 313 -5.86 19.69 -12.92
N VAL C 314 -7.13 19.64 -13.31
CA VAL C 314 -7.92 20.85 -13.46
C VAL C 314 -8.17 21.52 -12.09
N GLY C 315 -8.39 20.72 -11.05
CA GLY C 315 -8.62 21.25 -9.72
C GLY C 315 -7.39 22.04 -9.30
N ARG C 316 -6.22 21.43 -9.44
CA ARG C 316 -4.97 22.10 -9.08
C ARG C 316 -4.83 23.41 -9.84
N ARG C 317 -5.09 23.37 -11.15
CA ARG C 317 -5.00 24.55 -12.01
C ARG C 317 -5.95 25.67 -11.63
N MET C 318 -7.11 25.30 -11.09
CA MET C 318 -8.09 26.28 -10.65
C MET C 318 -7.64 26.82 -9.29
N GLY C 319 -6.61 26.19 -8.73
CA GLY C 319 -6.07 26.58 -7.44
C GLY C 319 -6.89 26.19 -6.21
N LEU C 320 -7.57 25.04 -6.28
CA LEU C 320 -8.41 24.57 -5.19
C LEU C 320 -7.67 23.70 -4.20
N GLU C 321 -8.32 23.41 -3.07
CA GLU C 321 -7.75 22.56 -2.01
C GLU C 321 -7.94 21.12 -2.42
N THR C 322 -7.06 20.62 -3.28
CA THR C 322 -7.14 19.26 -3.78
C THR C 322 -6.85 18.17 -2.72
N HIS C 323 -6.44 18.61 -1.52
CA HIS C 323 -6.15 17.68 -0.43
C HIS C 323 -7.34 17.52 0.54
N LYS C 324 -8.28 18.44 0.47
CA LYS C 324 -9.45 18.44 1.32
C LYS C 324 -10.70 18.07 0.53
N LEU C 325 -11.24 16.86 0.68
CA LEU C 325 -12.46 16.51 -0.05
C LEU C 325 -13.63 17.44 0.31
N ALA C 326 -13.72 17.80 1.58
CA ALA C 326 -14.79 18.66 2.06
C ALA C 326 -14.75 20.06 1.45
N SER C 327 -13.65 20.40 0.81
CA SER C 327 -13.55 21.72 0.17
C SER C 327 -14.39 21.70 -1.10
N LEU C 328 -14.85 20.51 -1.49
CA LEU C 328 -15.68 20.31 -2.68
C LEU C 328 -15.02 20.84 -3.95
N TRP C 329 -13.69 20.76 -3.95
CA TRP C 329 -12.89 21.20 -5.07
C TRP C 329 -13.26 20.36 -6.32
N LYS C 330 -13.57 19.08 -6.12
CA LYS C 330 -13.95 18.19 -7.20
C LYS C 330 -15.24 18.60 -7.90
N ASP C 331 -16.16 19.16 -7.14
CA ASP C 331 -17.45 19.58 -7.67
C ASP C 331 -17.34 20.91 -8.43
N GLN C 332 -16.42 21.75 -7.99
CA GLN C 332 -16.23 23.03 -8.67
C GLN C 332 -15.57 22.73 -10.00
N ALA C 333 -14.50 21.94 -9.96
CA ALA C 333 -13.76 21.55 -11.15
C ALA C 333 -14.68 20.80 -12.12
N VAL C 334 -15.40 19.77 -11.68
CA VAL C 334 -16.27 19.07 -12.63
C VAL C 334 -17.22 20.02 -13.33
N VAL C 335 -17.71 21.03 -12.62
CA VAL C 335 -18.63 22.00 -13.22
C VAL C 335 -17.96 22.84 -14.31
N GLU C 336 -16.72 23.27 -14.07
CA GLU C 336 -15.98 24.10 -15.04
C GLU C 336 -15.56 23.28 -16.26
N ILE C 337 -15.26 22.00 -16.03
CA ILE C 337 -14.88 21.08 -17.08
C ILE C 337 -16.09 20.91 -18.00
N ASN C 338 -17.27 20.79 -17.40
CA ASN C 338 -18.49 20.64 -18.19
C ASN C 338 -18.91 21.92 -18.87
N ILE C 339 -18.51 23.05 -18.31
CA ILE C 339 -18.81 24.34 -18.91
C ILE C 339 -17.89 24.44 -20.14
N ALA C 340 -16.66 23.96 -20.00
CA ALA C 340 -15.72 23.95 -21.10
C ALA C 340 -16.35 23.14 -22.27
N VAL C 341 -16.89 21.96 -21.97
CA VAL C 341 -17.50 21.12 -23.01
C VAL C 341 -18.64 21.77 -23.77
N ILE C 342 -19.70 22.22 -23.08
CA ILE C 342 -20.80 22.83 -23.82
C ILE C 342 -20.40 24.17 -24.47
N HIS C 343 -19.37 24.83 -23.94
CA HIS C 343 -18.87 26.08 -24.52
C HIS C 343 -18.10 25.80 -25.84
N SER C 344 -17.29 24.74 -25.80
CA SER C 344 -16.48 24.37 -26.95
C SER C 344 -17.30 23.87 -28.13
N PHE C 345 -18.31 23.03 -27.87
CA PHE C 345 -19.16 22.52 -28.94
C PHE C 345 -19.94 23.63 -29.56
N GLN C 346 -20.39 24.56 -28.74
CA GLN C 346 -21.17 25.69 -29.22
C GLN C 346 -20.33 26.59 -30.09
N LYS C 347 -19.08 26.79 -29.69
CA LYS C 347 -18.14 27.61 -30.41
C LYS C 347 -17.82 27.07 -31.82
N GLN C 348 -17.80 25.75 -31.97
CA GLN C 348 -17.51 25.13 -33.24
C GLN C 348 -18.80 24.82 -33.95
N ASN C 349 -19.91 25.28 -33.41
CA ASN C 349 -21.21 25.04 -34.03
C ASN C 349 -21.53 23.56 -34.21
N VAL C 350 -21.19 22.75 -33.20
CA VAL C 350 -21.47 21.32 -33.20
C VAL C 350 -22.63 21.03 -32.21
N THR C 351 -23.63 20.28 -32.64
CA THR C 351 -24.74 19.97 -31.75
C THR C 351 -24.29 19.28 -30.47
N ILE C 352 -24.96 19.67 -29.38
CA ILE C 352 -24.73 19.16 -28.04
C ILE C 352 -25.86 19.71 -27.20
N MET C 353 -26.32 18.92 -26.23
CA MET C 353 -27.37 19.35 -25.33
C MET C 353 -26.95 19.16 -23.90
N ASP C 354 -27.23 20.18 -23.08
CA ASP C 354 -26.90 20.15 -21.66
C ASP C 354 -27.86 19.21 -20.92
N HIS C 355 -27.38 18.64 -19.82
CA HIS C 355 -28.18 17.73 -19.00
C HIS C 355 -29.52 18.25 -18.46
N HIS C 356 -29.61 19.55 -18.14
CA HIS C 356 -30.87 20.11 -17.63
C HIS C 356 -31.93 20.11 -18.71
N SER C 357 -31.54 20.59 -19.89
CA SER C 357 -32.41 20.65 -21.05
C SER C 357 -32.75 19.27 -21.50
N ALA C 358 -31.76 18.39 -21.53
CA ALA C 358 -32.00 17.02 -21.93
C ALA C 358 -33.03 16.39 -20.96
N ALA C 359 -32.78 16.54 -19.66
CA ALA C 359 -33.65 16.00 -18.63
C ALA C 359 -35.04 16.59 -18.75
N GLU C 360 -35.10 17.89 -19.01
CA GLU C 360 -36.41 18.51 -19.15
C GLU C 360 -37.16 18.02 -20.37
N SER C 361 -36.44 17.72 -21.45
CA SER C 361 -37.10 17.20 -22.65
C SER C 361 -37.55 15.78 -22.33
N PHE C 362 -36.72 15.02 -21.61
CA PHE C 362 -37.15 13.67 -21.28
C PHE C 362 -38.50 13.67 -20.54
N MET C 363 -38.69 14.63 -19.64
CA MET C 363 -39.94 14.70 -18.89
C MET C 363 -41.19 14.92 -19.75
N LYS C 364 -41.04 15.67 -20.84
CA LYS C 364 -42.16 15.92 -21.74
C LYS C 364 -42.42 14.67 -22.55
N TYR C 365 -41.33 13.99 -22.90
CA TYR C 365 -41.40 12.76 -23.65
C TYR C 365 -42.22 11.73 -22.85
N MET C 366 -41.80 11.51 -21.61
CA MET C 366 -42.46 10.55 -20.70
C MET C 366 -43.96 10.82 -20.59
N GLN C 367 -44.33 12.08 -20.44
CA GLN C 367 -45.72 12.44 -20.34
C GLN C 367 -46.44 12.08 -21.64
N ASN C 368 -45.79 12.36 -22.76
CA ASN C 368 -46.34 12.04 -24.08
C ASN C 368 -46.58 10.54 -24.20
N GLU C 369 -45.60 9.75 -23.76
CA GLU C 369 -45.68 8.31 -23.78
C GLU C 369 -46.84 7.72 -23.01
N TYR C 370 -47.03 8.18 -21.78
CA TYR C 370 -48.14 7.68 -20.95
C TYR C 370 -49.50 8.02 -21.53
N ARG C 371 -49.56 9.13 -22.28
CA ARG C 371 -50.81 9.55 -22.91
C ARG C 371 -51.08 8.69 -24.16
N SER C 372 -50.02 8.41 -24.92
CA SER C 372 -50.18 7.65 -26.14
C SER C 372 -50.29 6.15 -25.93
N ARG C 373 -49.37 5.57 -25.16
CA ARG C 373 -49.40 4.12 -24.95
C ARG C 373 -49.52 3.59 -23.52
N GLY C 374 -49.78 4.47 -22.57
CA GLY C 374 -49.93 4.05 -21.20
C GLY C 374 -48.69 3.45 -20.59
N GLY C 375 -47.51 3.96 -21.00
CA GLY C 375 -46.27 3.47 -20.45
C GLY C 375 -45.04 4.09 -21.03
N CYS C 376 -43.92 3.90 -20.36
CA CYS C 376 -42.64 4.42 -20.80
C CYS C 376 -41.55 3.73 -19.97
N PRO C 377 -40.98 2.61 -20.46
CA PRO C 377 -39.89 1.92 -19.76
C PRO C 377 -38.76 2.90 -19.58
N ALA C 378 -38.26 3.00 -18.35
CA ALA C 378 -37.21 3.96 -18.07
C ALA C 378 -36.33 3.42 -16.99
N ASP C 379 -35.03 3.59 -17.15
CA ASP C 379 -34.08 3.11 -16.17
C ASP C 379 -33.53 4.33 -15.49
N TRP C 380 -34.11 4.61 -14.32
CA TRP C 380 -33.77 5.77 -13.44
C TRP C 380 -32.26 5.95 -13.26
N ILE C 381 -31.57 4.85 -12.99
CA ILE C 381 -30.13 4.81 -12.78
C ILE C 381 -29.32 5.34 -13.97
N TRP C 382 -29.85 5.14 -15.18
CA TRP C 382 -29.18 5.60 -16.40
C TRP C 382 -29.65 6.99 -16.85
N LEU C 383 -30.95 7.25 -16.69
CA LEU C 383 -31.54 8.51 -17.09
C LEU C 383 -31.13 9.73 -16.26
N VAL C 384 -30.81 9.54 -14.99
CA VAL C 384 -30.40 10.66 -14.12
C VAL C 384 -28.96 10.99 -14.40
N PRO C 385 -28.65 12.26 -14.75
CA PRO C 385 -27.30 12.63 -15.18
C PRO C 385 -26.30 12.48 -14.04
N PRO C 386 -25.02 12.29 -14.38
CA PRO C 386 -23.93 11.95 -13.44
C PRO C 386 -23.39 13.10 -12.58
N MET C 387 -24.01 14.25 -12.69
CA MET C 387 -23.66 15.42 -11.89
C MET C 387 -24.98 16.15 -11.69
N SER C 388 -25.11 16.84 -10.56
CA SER C 388 -26.29 17.61 -10.22
C SER C 388 -27.59 16.85 -10.35
N GLY C 389 -27.54 15.57 -9.99
CA GLY C 389 -28.73 14.74 -10.09
C GLY C 389 -30.09 15.28 -9.65
N SER C 390 -30.25 15.71 -8.39
CA SER C 390 -31.58 16.16 -7.93
C SER C 390 -31.98 17.54 -8.44
N ILE C 391 -31.01 18.22 -9.05
CA ILE C 391 -31.27 19.51 -9.64
C ILE C 391 -32.07 19.30 -10.92
N THR C 392 -32.11 18.06 -11.43
CA THR C 392 -32.87 17.73 -12.64
C THR C 392 -34.22 17.12 -12.27
N PRO C 393 -35.23 17.25 -13.13
CA PRO C 393 -36.56 16.72 -12.81
C PRO C 393 -36.68 15.19 -12.79
N VAL C 394 -35.77 14.55 -13.52
CA VAL C 394 -35.71 13.12 -13.66
C VAL C 394 -35.45 12.39 -12.34
N PHE C 395 -34.60 12.98 -11.51
CA PHE C 395 -34.27 12.40 -10.20
C PHE C 395 -35.50 12.17 -9.33
N HIS C 396 -36.51 13.01 -9.50
CA HIS C 396 -37.74 12.98 -8.71
C HIS C 396 -38.85 12.19 -9.34
N GLN C 397 -38.53 11.57 -10.46
CA GLN C 397 -39.53 10.80 -11.18
C GLN C 397 -39.43 9.32 -10.87
N GLU C 398 -40.57 8.73 -10.53
CA GLU C 398 -40.62 7.30 -10.27
C GLU C 398 -40.80 6.69 -11.65
N MET C 399 -40.09 5.59 -11.89
CA MET C 399 -40.13 4.94 -13.18
C MET C 399 -40.26 3.43 -13.07
N LEU C 400 -40.68 2.84 -14.17
CA LEU C 400 -40.77 1.39 -14.28
C LEU C 400 -39.83 0.96 -15.41
N ASN C 401 -38.91 0.06 -15.10
CA ASN C 401 -38.01 -0.43 -16.14
C ASN C 401 -38.53 -1.77 -16.64
N TYR C 402 -38.63 -1.93 -17.96
CA TYR C 402 -39.08 -3.17 -18.57
C TYR C 402 -38.66 -3.22 -20.04
N VAL C 403 -38.57 -4.45 -20.56
CA VAL C 403 -38.13 -4.76 -21.92
C VAL C 403 -39.25 -5.09 -22.87
N LEU C 404 -39.47 -4.19 -23.83
CA LEU C 404 -40.51 -4.39 -24.84
C LEU C 404 -39.86 -4.92 -26.12
N SER C 405 -40.63 -4.90 -27.22
CA SER C 405 -40.17 -5.34 -28.54
C SER C 405 -40.89 -4.48 -29.56
N PRO C 406 -40.14 -3.79 -30.46
CA PRO C 406 -38.70 -3.88 -30.74
C PRO C 406 -37.81 -3.39 -29.59
N PHE C 407 -36.56 -3.85 -29.54
CA PHE C 407 -35.64 -3.46 -28.47
C PHE C 407 -34.18 -3.53 -28.95
N TYR C 408 -33.28 -2.71 -28.38
CA TYR C 408 -31.85 -2.74 -28.67
C TYR C 408 -31.13 -3.45 -27.50
N TYR C 409 -30.60 -4.63 -27.75
CA TYR C 409 -29.91 -5.44 -26.76
C TYR C 409 -28.42 -5.32 -26.84
N TYR C 410 -27.75 -5.71 -25.77
CA TYR C 410 -26.29 -5.76 -25.75
C TYR C 410 -25.99 -7.11 -26.44
N GLN C 411 -24.73 -7.42 -26.57
CA GLN C 411 -24.34 -8.68 -27.16
C GLN C 411 -23.03 -8.99 -26.49
N VAL C 412 -22.60 -10.24 -26.56
CA VAL C 412 -21.31 -10.59 -25.98
C VAL C 412 -20.31 -10.02 -26.98
N GLU C 413 -19.23 -9.41 -26.50
CA GLU C 413 -18.26 -8.86 -27.41
C GLU C 413 -17.81 -9.92 -28.41
N ALA C 414 -17.81 -9.53 -29.68
CA ALA C 414 -17.50 -10.44 -30.78
C ALA C 414 -16.22 -11.22 -30.68
N TRP C 415 -15.18 -10.61 -30.15
CA TRP C 415 -13.92 -11.30 -30.00
C TRP C 415 -13.97 -12.42 -28.99
N LYS C 416 -14.97 -12.41 -28.12
CA LYS C 416 -15.08 -13.45 -27.11
C LYS C 416 -15.68 -14.73 -27.69
N THR C 417 -16.52 -14.58 -28.71
CA THR C 417 -17.18 -15.71 -29.28
C THR C 417 -16.91 -15.92 -30.78
N HIS C 418 -15.79 -15.40 -31.28
CA HIS C 418 -15.53 -15.58 -32.69
C HIS C 418 -14.66 -16.79 -33.00
N VAL C 419 -15.18 -17.62 -33.89
CA VAL C 419 -14.45 -18.79 -34.35
C VAL C 419 -13.65 -18.34 -35.57
N TRP C 420 -12.35 -18.18 -35.37
CA TRP C 420 -11.45 -17.76 -36.44
C TRP C 420 -11.24 -18.82 -37.51
N GLN C 421 -11.31 -18.41 -38.76
CA GLN C 421 -11.16 -19.32 -39.90
C GLN C 421 -9.79 -19.23 -40.56
N ASP C 422 -9.63 -19.85 -41.62
N ARG D 2 -26.51 -19.80 -6.89
CA ARG D 2 -25.98 -19.39 -5.56
C ARG D 2 -25.73 -17.88 -5.56
N HIS D 3 -24.47 -17.48 -5.41
CA HIS D 3 -24.15 -16.06 -5.34
C HIS D 3 -24.41 -15.25 -6.61
N VAL D 4 -24.51 -13.95 -6.43
CA VAL D 4 -24.71 -13.03 -7.53
C VAL D 4 -23.48 -12.17 -7.45
N ARG D 5 -22.78 -12.02 -8.57
CA ARG D 5 -21.57 -11.24 -8.64
C ARG D 5 -21.90 -9.79 -8.95
N ILE D 6 -21.12 -8.87 -8.40
CA ILE D 6 -21.34 -7.44 -8.64
C ILE D 6 -19.95 -6.86 -8.77
N LYS D 7 -19.82 -5.78 -9.51
CA LYS D 7 -18.51 -5.21 -9.73
C LYS D 7 -18.54 -3.70 -9.59
N ASN D 8 -17.41 -3.12 -9.20
CA ASN D 8 -17.28 -1.67 -9.11
C ASN D 8 -16.48 -1.34 -10.36
N TRP D 9 -17.10 -0.60 -11.25
CA TRP D 9 -16.45 -0.23 -12.48
C TRP D 9 -15.29 0.78 -12.40
N GLY D 10 -15.06 1.37 -11.24
CA GLY D 10 -13.97 2.32 -11.12
C GLY D 10 -12.72 1.74 -10.48
N SER D 11 -12.90 0.67 -9.72
CA SER D 11 -11.78 0.02 -9.05
C SER D 11 -11.61 -1.35 -9.64
N GLY D 12 -12.69 -1.87 -10.20
CA GLY D 12 -12.71 -3.21 -10.77
C GLY D 12 -12.95 -4.27 -9.69
N MET D 13 -13.14 -3.84 -8.45
CA MET D 13 -13.39 -4.79 -7.38
C MET D 13 -14.74 -5.48 -7.57
N THR D 14 -14.79 -6.74 -7.19
CA THR D 14 -15.98 -7.55 -7.33
C THR D 14 -16.34 -8.22 -5.99
N PHE D 15 -17.62 -8.56 -5.84
CA PHE D 15 -18.13 -9.22 -4.64
C PHE D 15 -19.08 -10.31 -5.08
N GLN D 16 -19.29 -11.27 -4.21
CA GLN D 16 -20.20 -12.37 -4.48
C GLN D 16 -21.23 -12.36 -3.35
N ASP D 17 -22.48 -12.12 -3.72
CA ASP D 17 -23.53 -12.02 -2.75
C ASP D 17 -24.33 -13.30 -2.51
N THR D 18 -24.22 -13.84 -1.30
CA THR D 18 -24.99 -15.03 -0.92
C THR D 18 -26.06 -14.60 0.11
N LEU D 19 -25.71 -13.56 0.86
CA LEU D 19 -26.58 -13.01 1.90
C LEU D 19 -28.01 -12.83 1.43
N HIS D 20 -28.17 -12.32 0.23
CA HIS D 20 -29.49 -12.07 -0.33
C HIS D 20 -30.45 -13.24 -0.26
N HIS D 21 -29.91 -14.44 -0.07
CA HIS D 21 -30.76 -15.62 0.00
C HIS D 21 -31.57 -15.64 1.28
N LYS D 22 -31.14 -14.84 2.24
CA LYS D 22 -31.81 -14.73 3.52
C LYS D 22 -32.89 -13.66 3.57
N ALA D 23 -32.99 -12.86 2.50
CA ALA D 23 -33.95 -11.78 2.45
C ALA D 23 -35.39 -12.28 2.43
N LYS D 24 -36.32 -11.41 2.78
CA LYS D 24 -37.72 -11.80 2.77
C LYS D 24 -38.24 -11.57 1.37
N GLY D 25 -39.08 -12.48 0.89
CA GLY D 25 -39.63 -12.34 -0.44
C GLY D 25 -40.72 -11.31 -0.46
N ILE D 26 -40.32 -10.05 -0.33
CA ILE D 26 -41.31 -8.96 -0.29
C ILE D 26 -41.20 -7.90 -1.35
N LEU D 27 -40.06 -7.82 -2.03
CA LEU D 27 -39.91 -6.80 -3.07
C LEU D 27 -40.91 -7.06 -4.16
N THR D 28 -41.41 -5.99 -4.76
CA THR D 28 -42.40 -6.09 -5.82
C THR D 28 -41.84 -6.13 -7.25
N CYS D 29 -40.53 -6.18 -7.37
CA CYS D 29 -39.88 -6.27 -8.65
C CYS D 29 -40.20 -7.66 -9.15
N ARG D 30 -40.33 -7.80 -10.47
CA ARG D 30 -40.61 -9.11 -11.09
C ARG D 30 -39.80 -9.16 -12.39
N SER D 31 -39.89 -10.28 -13.11
CA SER D 31 -39.16 -10.43 -14.36
C SER D 31 -39.69 -9.47 -15.42
N LYS D 32 -40.97 -9.14 -15.35
CA LYS D 32 -41.58 -8.22 -16.31
C LYS D 32 -41.35 -6.73 -16.07
N SER D 33 -41.00 -6.34 -14.84
CA SER D 33 -40.75 -4.93 -14.52
C SER D 33 -39.98 -4.68 -13.23
N CYS D 34 -39.00 -3.78 -13.31
CA CYS D 34 -38.23 -3.42 -12.14
C CYS D 34 -38.82 -2.11 -11.56
N LEU D 35 -39.23 -2.17 -10.29
CA LEU D 35 -39.81 -1.01 -9.60
C LEU D 35 -38.87 -0.41 -8.55
N GLY D 36 -37.56 -0.60 -8.71
CA GLY D 36 -36.60 -0.10 -7.75
C GLY D 36 -36.50 1.40 -7.48
N SER D 37 -37.17 2.25 -8.27
CA SER D 37 -37.10 3.70 -8.02
C SER D 37 -38.35 4.23 -7.31
N ILE D 38 -39.23 3.32 -6.91
CA ILE D 38 -40.42 3.70 -6.19
C ILE D 38 -39.91 4.09 -4.80
N MET D 39 -40.24 5.30 -4.39
CA MET D 39 -39.77 5.82 -3.10
C MET D 39 -40.30 5.18 -1.82
N THR D 40 -41.61 5.16 -1.68
CA THR D 40 -42.21 4.59 -0.49
C THR D 40 -43.13 3.44 -0.84
N PRO D 41 -42.56 2.27 -1.16
CA PRO D 41 -43.42 1.19 -1.65
C PRO D 41 -43.98 0.46 -0.44
N LYS D 42 -45.00 -0.36 -0.67
CA LYS D 42 -45.60 -1.14 0.40
C LYS D 42 -44.70 -2.29 0.83
N SER D 43 -43.79 -2.70 -0.02
CA SER D 43 -42.89 -3.78 0.35
C SER D 43 -42.05 -3.33 1.51
N LEU D 44 -41.82 -2.03 1.59
CA LEU D 44 -40.99 -1.44 2.63
C LEU D 44 -41.79 -0.76 3.74
N THR D 45 -43.10 -0.95 3.73
CA THR D 45 -43.96 -0.36 4.71
C THR D 45 -44.53 -1.45 5.59
N ARG D 46 -44.38 -1.27 6.89
CA ARG D 46 -44.93 -2.19 7.88
C ARG D 46 -46.08 -1.41 8.52
N GLY D 47 -47.30 -1.69 8.06
CA GLY D 47 -48.46 -0.97 8.57
C GLY D 47 -49.08 -1.40 9.89
N PRO D 48 -50.27 -0.88 10.17
CA PRO D 48 -50.92 -0.99 11.47
C PRO D 48 -51.80 -2.24 11.57
N ARG D 49 -51.98 -2.73 12.80
CA ARG D 49 -52.82 -3.89 13.03
C ARG D 49 -53.67 -3.68 14.26
N ASP D 50 -54.76 -4.43 14.35
CA ASP D 50 -55.70 -4.35 15.45
C ASP D 50 -55.76 -5.67 16.23
N LYS D 51 -54.74 -6.50 16.04
CA LYS D 51 -54.65 -7.79 16.67
C LYS D 51 -53.20 -8.08 16.82
N PRO D 52 -52.84 -8.86 17.84
CA PRO D 52 -51.44 -9.24 17.98
C PRO D 52 -50.98 -10.23 16.90
N THR D 53 -49.67 -10.32 16.72
CA THR D 53 -49.09 -11.23 15.77
C THR D 53 -49.28 -12.62 16.34
N PRO D 54 -49.94 -13.52 15.58
CA PRO D 54 -50.13 -14.91 15.98
C PRO D 54 -48.80 -15.53 16.41
N PRO D 55 -48.82 -16.20 17.57
CA PRO D 55 -47.60 -16.81 18.12
C PRO D 55 -47.02 -17.79 17.11
N ASP D 56 -47.90 -18.53 16.44
CA ASP D 56 -47.47 -19.51 15.43
C ASP D 56 -46.58 -18.87 14.35
N GLU D 57 -46.93 -17.65 13.96
CA GLU D 57 -46.15 -16.92 12.96
C GLU D 57 -44.96 -16.24 13.62
N LEU D 58 -45.12 -15.90 14.89
CA LEU D 58 -44.09 -15.20 15.63
C LEU D 58 -42.89 -16.03 16.07
N LEU D 59 -43.17 -17.22 16.57
CA LEU D 59 -42.15 -18.14 17.08
C LEU D 59 -40.96 -18.45 16.17
N PRO D 60 -41.22 -18.80 14.88
CA PRO D 60 -40.13 -19.04 13.93
C PRO D 60 -39.22 -17.82 13.74
N GLN D 61 -39.84 -16.66 13.57
CA GLN D 61 -39.08 -15.42 13.37
C GLN D 61 -38.30 -15.16 14.63
N ALA D 62 -38.94 -15.43 15.76
CA ALA D 62 -38.32 -15.27 17.07
C ALA D 62 -37.03 -16.08 17.17
N ILE D 63 -37.16 -17.37 16.90
CA ILE D 63 -36.02 -18.29 16.98
C ILE D 63 -34.90 -17.93 15.99
N GLU D 64 -35.29 -17.51 14.78
CA GLU D 64 -34.29 -17.11 13.78
C GLU D 64 -33.48 -15.98 14.39
N PHE D 65 -34.19 -15.02 15.00
CA PHE D 65 -33.49 -13.91 15.63
C PHE D 65 -32.55 -14.38 16.74
N VAL D 66 -33.01 -15.34 17.55
CA VAL D 66 -32.14 -15.84 18.64
C VAL D 66 -30.86 -16.46 18.07
N ASN D 67 -31.03 -17.23 17.00
CA ASN D 67 -29.90 -17.88 16.32
C ASN D 67 -28.98 -16.85 15.71
N GLN D 68 -29.58 -15.81 15.15
CA GLN D 68 -28.79 -14.75 14.56
C GLN D 68 -27.97 -14.08 15.66
N TYR D 69 -28.65 -13.70 16.75
CA TYR D 69 -27.99 -13.06 17.90
C TYR D 69 -26.88 -13.96 18.42
N TYR D 70 -27.20 -15.21 18.76
CA TYR D 70 -26.16 -16.11 19.28
C TYR D 70 -25.10 -16.45 18.26
N GLY D 71 -25.53 -16.47 17.00
CA GLY D 71 -24.61 -16.73 15.91
C GLY D 71 -23.62 -15.60 15.77
N SER D 72 -23.90 -14.45 16.36
CA SER D 72 -23.00 -13.30 16.24
C SER D 72 -21.78 -13.28 17.14
N PHE D 73 -21.81 -14.01 18.26
CA PHE D 73 -20.68 -14.00 19.20
C PHE D 73 -19.47 -14.69 18.60
N LYS D 74 -18.30 -14.07 18.71
CA LYS D 74 -17.06 -14.66 18.18
C LYS D 74 -16.69 -15.89 19.00
N GLU D 75 -17.13 -15.89 20.25
CA GLU D 75 -16.90 -16.98 21.19
C GLU D 75 -18.33 -17.51 21.46
N ALA D 76 -18.69 -18.57 20.76
CA ALA D 76 -20.03 -19.11 20.93
C ALA D 76 -20.38 -19.57 22.33
N LYS D 77 -21.66 -19.43 22.66
CA LYS D 77 -22.21 -19.81 23.96
C LYS D 77 -23.39 -20.72 23.62
N ILE D 78 -23.09 -22.00 23.41
CA ILE D 78 -24.10 -22.99 23.03
C ILE D 78 -25.22 -23.24 24.06
N GLU D 79 -24.85 -23.46 25.33
CA GLU D 79 -25.90 -23.71 26.34
C GLU D 79 -26.78 -22.48 26.59
N GLU D 80 -26.13 -21.33 26.77
CA GLU D 80 -26.89 -20.10 26.97
C GLU D 80 -27.81 -19.89 25.74
N HIS D 81 -27.28 -20.25 24.57
CA HIS D 81 -28.00 -20.16 23.29
C HIS D 81 -29.21 -21.07 23.29
N LEU D 82 -28.98 -22.34 23.60
CA LEU D 82 -30.04 -23.36 23.63
C LEU D 82 -31.08 -23.02 24.69
N ALA D 83 -30.62 -22.45 25.79
CA ALA D 83 -31.47 -22.03 26.89
C ALA D 83 -32.39 -20.93 26.37
N ARG D 84 -31.77 -19.91 25.76
CA ARG D 84 -32.53 -18.79 25.21
C ARG D 84 -33.64 -19.26 24.26
N VAL D 85 -33.36 -20.27 23.46
CA VAL D 85 -34.35 -20.78 22.50
C VAL D 85 -35.60 -21.36 23.17
N GLU D 86 -35.41 -22.10 24.27
CA GLU D 86 -36.54 -22.69 24.97
C GLU D 86 -37.27 -21.64 25.80
N ALA D 87 -36.50 -20.69 26.31
CA ALA D 87 -37.05 -19.59 27.10
C ALA D 87 -38.07 -18.85 26.24
N VAL D 88 -37.65 -18.43 25.05
CA VAL D 88 -38.51 -17.68 24.14
C VAL D 88 -39.69 -18.52 23.69
N THR D 89 -39.43 -19.79 23.45
CA THR D 89 -40.47 -20.71 23.01
C THR D 89 -41.51 -20.82 24.12
N LYS D 90 -41.01 -21.02 25.33
CA LYS D 90 -41.85 -21.15 26.52
C LYS D 90 -42.64 -19.85 26.70
N GLU D 91 -41.93 -18.72 26.66
CA GLU D 91 -42.55 -17.41 26.82
C GLU D 91 -43.63 -17.09 25.79
N ILE D 92 -43.38 -17.37 24.52
CA ILE D 92 -44.39 -17.11 23.50
C ILE D 92 -45.58 -18.02 23.74
N GLU D 93 -45.32 -19.26 24.16
CA GLU D 93 -46.37 -20.24 24.44
C GLU D 93 -47.29 -19.72 25.53
N THR D 94 -46.69 -19.27 26.63
CA THR D 94 -47.43 -18.79 27.78
C THR D 94 -48.00 -17.39 27.68
N THR D 95 -47.19 -16.43 27.24
CA THR D 95 -47.66 -15.04 27.13
C THR D 95 -48.14 -14.65 25.75
N GLY D 96 -47.79 -15.42 24.72
CA GLY D 96 -48.22 -15.07 23.37
C GLY D 96 -47.33 -14.06 22.65
N THR D 97 -46.21 -13.72 23.26
CA THR D 97 -45.25 -12.79 22.67
C THR D 97 -44.03 -12.98 23.53
N TYR D 98 -43.04 -12.14 23.36
CA TYR D 98 -41.86 -12.30 24.16
C TYR D 98 -41.19 -10.95 24.31
N GLN D 99 -40.16 -10.90 25.13
CA GLN D 99 -39.48 -9.66 25.39
C GLN D 99 -38.03 -9.91 25.12
N LEU D 100 -37.37 -8.90 24.58
CA LEU D 100 -35.97 -9.03 24.25
C LEU D 100 -35.14 -8.66 25.44
N THR D 101 -33.95 -9.23 25.54
CA THR D 101 -33.11 -8.82 26.61
C THR D 101 -32.54 -7.46 26.15
N GLY D 102 -31.88 -6.74 27.04
CA GLY D 102 -31.34 -5.46 26.64
C GLY D 102 -30.24 -5.60 25.62
N ASP D 103 -29.47 -6.68 25.72
CA ASP D 103 -28.41 -6.91 24.76
C ASP D 103 -28.98 -7.31 23.43
N GLU D 104 -30.04 -8.09 23.44
CA GLU D 104 -30.67 -8.49 22.22
C GLU D 104 -31.18 -7.26 21.49
N LEU D 105 -31.62 -6.26 22.23
CA LEU D 105 -32.11 -5.02 21.63
C LEU D 105 -30.96 -4.19 21.05
N ILE D 106 -29.84 -4.10 21.77
CA ILE D 106 -28.69 -3.36 21.29
C ILE D 106 -28.27 -3.98 19.96
N PHE D 107 -28.22 -5.31 19.94
CA PHE D 107 -27.87 -6.08 18.75
C PHE D 107 -28.87 -5.82 17.65
N ALA D 108 -30.16 -5.98 17.96
CA ALA D 108 -31.20 -5.79 16.98
C ALA D 108 -31.27 -4.38 16.35
N THR D 109 -30.94 -3.32 17.10
CA THR D 109 -31.00 -1.97 16.53
C THR D 109 -29.78 -1.65 15.68
N LYS D 110 -28.61 -2.14 16.09
CA LYS D 110 -27.39 -1.93 15.35
C LYS D 110 -27.40 -2.77 14.05
N GLN D 111 -28.05 -3.92 14.13
CA GLN D 111 -28.19 -4.85 13.02
C GLN D 111 -29.15 -4.27 11.98
N ALA D 112 -30.29 -3.74 12.40
CA ALA D 112 -31.27 -3.16 11.47
C ALA D 112 -30.67 -1.95 10.78
N TRP D 113 -29.75 -1.27 11.44
CA TRP D 113 -29.10 -0.10 10.85
C TRP D 113 -28.26 -0.68 9.73
N ARG D 114 -27.46 -1.67 10.10
CA ARG D 114 -26.58 -2.38 9.20
C ARG D 114 -27.35 -2.92 7.98
N ASN D 115 -28.62 -3.25 8.18
CA ASN D 115 -29.51 -3.79 7.14
C ASN D 115 -30.38 -2.74 6.54
N ALA D 116 -29.97 -1.49 6.64
CA ALA D 116 -30.76 -0.41 6.08
C ALA D 116 -30.14 -0.06 4.73
N PRO D 117 -30.81 -0.47 3.62
CA PRO D 117 -30.22 -0.39 2.27
C PRO D 117 -29.95 1.05 1.79
N ARG D 118 -30.88 1.96 2.10
CA ARG D 118 -30.81 3.38 1.72
C ARG D 118 -29.91 4.26 2.56
N CYS D 119 -29.14 3.68 3.48
CA CYS D 119 -28.28 4.46 4.35
C CYS D 119 -26.85 4.40 3.97
N ILE D 120 -26.24 5.57 3.83
CA ILE D 120 -24.85 5.67 3.44
C ILE D 120 -23.90 5.74 4.62
N GLY D 121 -24.45 5.98 5.82
CA GLY D 121 -23.60 6.13 6.99
C GLY D 121 -23.34 4.86 7.76
N ARG D 122 -23.63 3.73 7.12
CA ARG D 122 -23.47 2.45 7.79
C ARG D 122 -22.11 2.03 8.27
N ILE D 123 -21.05 2.75 7.95
CA ILE D 123 -19.75 2.31 8.47
C ILE D 123 -19.73 2.51 9.99
N GLN D 124 -20.60 3.40 10.47
CA GLN D 124 -20.76 3.75 11.89
C GLN D 124 -21.66 2.78 12.68
N TRP D 125 -22.31 1.83 11.99
CA TRP D 125 -23.28 0.86 12.58
C TRP D 125 -23.07 0.30 13.99
N SER D 126 -21.81 0.18 14.40
CA SER D 126 -21.46 -0.35 15.72
C SER D 126 -21.36 0.73 16.82
N ASN D 127 -21.40 2.00 16.43
CA ASN D 127 -21.33 3.11 17.39
C ASN D 127 -22.71 3.66 17.48
N LEU D 128 -23.54 2.99 18.25
CA LEU D 128 -24.91 3.41 18.42
C LEU D 128 -25.34 3.32 19.87
N GLN D 129 -25.77 4.45 20.43
CA GLN D 129 -26.25 4.50 21.80
C GLN D 129 -27.73 4.10 21.78
N VAL D 130 -28.06 3.01 22.48
CA VAL D 130 -29.43 2.55 22.55
C VAL D 130 -30.07 2.98 23.90
N PHE D 131 -31.13 3.79 23.83
CA PHE D 131 -31.85 4.25 25.01
C PHE D 131 -33.08 3.35 25.09
N ASP D 132 -33.17 2.57 26.17
CA ASP D 132 -34.28 1.63 26.36
C ASP D 132 -35.44 2.30 27.05
N ALA D 133 -36.53 2.49 26.32
CA ALA D 133 -37.72 3.14 26.85
C ALA D 133 -38.91 2.25 26.65
N ARG D 134 -38.69 0.94 26.75
CA ARG D 134 -39.81 0.01 26.56
C ARG D 134 -40.76 0.00 27.79
N SER D 135 -40.29 0.57 28.89
CA SER D 135 -41.06 0.66 30.12
C SER D 135 -42.07 1.84 30.04
N CYS D 136 -41.92 2.71 29.06
CA CYS D 136 -42.78 3.87 28.90
C CYS D 136 -44.27 3.57 28.93
N SER D 137 -45.06 4.55 29.38
CA SER D 137 -46.52 4.40 29.40
C SER D 137 -47.24 5.70 29.05
N THR D 138 -46.56 6.84 29.16
CA THR D 138 -47.21 8.12 28.84
C THR D 138 -46.46 9.01 27.85
N ALA D 139 -47.21 9.95 27.26
CA ALA D 139 -46.67 10.91 26.30
C ALA D 139 -45.61 11.77 26.94
N ARG D 140 -45.87 12.21 28.16
CA ARG D 140 -44.91 13.05 28.89
C ARG D 140 -43.58 12.31 29.02
N GLU D 141 -43.67 11.02 29.35
CA GLU D 141 -42.48 10.20 29.49
C GLU D 141 -41.75 10.07 28.14
N MET D 142 -42.51 9.88 27.05
CA MET D 142 -41.92 9.79 25.71
C MET D 142 -41.19 11.10 25.45
N PHE D 143 -41.88 12.21 25.68
CA PHE D 143 -41.31 13.55 25.51
C PHE D 143 -40.00 13.71 26.21
N GLU D 144 -39.91 13.19 27.43
CA GLU D 144 -38.71 13.31 28.23
C GLU D 144 -37.63 12.40 27.75
N HIS D 145 -38.02 11.22 27.30
CA HIS D 145 -37.05 10.26 26.75
C HIS D 145 -36.46 10.88 25.50
N ILE D 146 -37.32 11.47 24.68
CA ILE D 146 -36.89 12.13 23.47
C ILE D 146 -35.92 13.25 23.83
N CYS D 147 -36.27 14.05 24.82
CA CYS D 147 -35.39 15.13 25.26
C CYS D 147 -34.04 14.64 25.73
N ARG D 148 -34.01 13.47 26.37
CA ARG D 148 -32.74 12.92 26.84
C ARG D 148 -31.91 12.53 25.63
N HIS D 149 -32.57 11.98 24.61
CA HIS D 149 -31.94 11.53 23.35
C HIS D 149 -31.33 12.76 22.67
N VAL D 150 -32.17 13.75 22.34
CA VAL D 150 -31.72 14.98 21.68
C VAL D 150 -30.50 15.60 22.34
N ARG D 151 -30.44 15.58 23.67
CA ARG D 151 -29.31 16.19 24.38
C ARG D 151 -28.04 15.37 24.24
N TYR D 152 -28.17 14.07 24.47
CA TYR D 152 -27.07 13.14 24.36
C TYR D 152 -26.47 13.21 22.95
N SER D 153 -27.34 13.06 21.97
CA SER D 153 -26.93 13.08 20.58
C SER D 153 -26.37 14.41 20.13
N THR D 154 -26.99 15.53 20.53
CA THR D 154 -26.47 16.83 20.13
C THR D 154 -25.08 17.07 20.69
N ASN D 155 -24.83 16.52 21.88
CA ASN D 155 -23.52 16.62 22.53
C ASN D 155 -22.76 17.92 22.24
N ASN D 156 -23.46 19.05 22.31
CA ASN D 156 -22.86 20.37 22.07
C ASN D 156 -22.16 20.47 20.70
N GLY D 157 -22.75 19.89 19.66
CA GLY D 157 -22.14 19.95 18.34
C GLY D 157 -21.36 18.72 17.92
N ASN D 158 -20.80 18.00 18.87
CA ASN D 158 -20.07 16.79 18.54
C ASN D 158 -21.07 15.65 18.52
N ILE D 159 -21.90 15.66 17.48
CA ILE D 159 -22.96 14.68 17.27
C ILE D 159 -22.61 13.20 17.47
N ARG D 160 -23.56 12.47 18.03
CA ARG D 160 -23.42 11.07 18.34
C ARG D 160 -24.72 10.41 17.94
N SER D 161 -24.62 9.20 17.40
CA SER D 161 -25.80 8.46 16.94
C SER D 161 -26.45 7.76 18.14
N ALA D 162 -27.78 7.69 18.10
CA ALA D 162 -28.49 7.04 19.18
C ALA D 162 -29.89 6.78 18.73
N ILE D 163 -30.51 5.78 19.33
CA ILE D 163 -31.88 5.45 19.04
C ILE D 163 -32.57 5.31 20.42
N THR D 164 -33.89 5.47 20.45
CA THR D 164 -34.72 5.38 21.65
C THR D 164 -35.79 4.37 21.29
N VAL D 165 -35.81 3.24 21.98
CA VAL D 165 -36.78 2.21 21.69
C VAL D 165 -37.94 2.23 22.66
N PHE D 166 -39.11 2.56 22.16
CA PHE D 166 -40.33 2.62 22.95
C PHE D 166 -40.98 1.24 22.92
N PRO D 167 -42.13 1.07 23.62
CA PRO D 167 -42.68 -0.28 23.79
C PRO D 167 -43.12 -0.94 22.48
N GLN D 168 -42.78 -2.22 22.32
CA GLN D 168 -43.15 -2.97 21.14
C GLN D 168 -44.67 -3.00 20.95
N ARG D 169 -45.10 -3.30 19.74
CA ARG D 169 -46.52 -3.35 19.45
C ARG D 169 -47.06 -4.58 20.17
N SER D 170 -48.28 -4.45 20.67
CA SER D 170 -48.92 -5.55 21.36
C SER D 170 -50.01 -6.04 20.42
N ASP D 171 -51.18 -5.42 20.49
CA ASP D 171 -52.31 -5.78 19.66
C ASP D 171 -52.51 -4.80 18.54
N GLY D 172 -51.62 -3.82 18.47
CA GLY D 172 -51.72 -2.80 17.45
C GLY D 172 -52.66 -1.67 17.84
N LYS D 173 -53.28 -1.78 19.02
CA LYS D 173 -54.20 -0.74 19.48
C LYS D 173 -53.59 0.15 20.58
N HIS D 174 -52.34 -0.13 20.92
CA HIS D 174 -51.65 0.61 21.96
C HIS D 174 -50.28 1.06 21.54
N ASP D 175 -50.15 1.46 20.28
CA ASP D 175 -48.85 1.85 19.75
C ASP D 175 -48.27 3.10 20.34
N PHE D 176 -46.96 3.07 20.54
CA PHE D 176 -46.21 4.20 21.00
C PHE D 176 -45.49 4.71 19.75
N ARG D 177 -45.97 5.82 19.20
CA ARG D 177 -45.39 6.38 17.99
C ARG D 177 -45.21 7.86 18.02
N VAL D 178 -44.17 8.35 17.37
CA VAL D 178 -43.96 9.78 17.24
C VAL D 178 -44.61 10.08 15.88
N TRP D 179 -45.53 11.02 15.81
CA TRP D 179 -46.18 11.33 14.52
C TRP D 179 -45.26 12.05 13.53
N ASN D 180 -44.33 12.83 14.08
CA ASN D 180 -43.38 13.60 13.31
C ASN D 180 -42.48 12.68 12.49
N ALA D 181 -42.11 13.13 11.29
CA ALA D 181 -41.22 12.39 10.40
C ALA D 181 -39.85 12.42 11.06
N GLN D 182 -39.51 13.58 11.62
CA GLN D 182 -38.24 13.75 12.32
C GLN D 182 -38.48 14.41 13.67
N LEU D 183 -37.48 14.30 14.55
CA LEU D 183 -37.53 14.90 15.89
C LEU D 183 -37.56 16.42 15.75
N ILE D 184 -36.61 16.96 14.99
CA ILE D 184 -36.52 18.41 14.74
C ILE D 184 -36.84 18.66 13.27
N ARG D 185 -37.73 19.61 13.00
CA ARG D 185 -38.13 19.96 11.64
C ARG D 185 -38.85 21.31 11.60
N TYR D 186 -38.61 22.12 10.57
CA TYR D 186 -39.27 23.41 10.48
C TYR D 186 -40.70 23.38 9.98
N ALA D 187 -41.48 24.33 10.46
CA ALA D 187 -42.88 24.39 10.07
C ALA D 187 -43.01 24.93 8.65
N GLY D 188 -44.19 24.72 8.10
CA GLY D 188 -44.50 25.23 6.80
C GLY D 188 -45.90 25.77 6.94
N TYR D 189 -46.09 27.03 6.55
CA TYR D 189 -47.40 27.64 6.68
C TYR D 189 -47.92 28.11 5.36
N GLN D 190 -49.23 28.01 5.19
CA GLN D 190 -49.86 28.50 3.98
C GLN D 190 -50.50 29.84 4.33
N MET D 191 -49.91 30.90 3.77
CA MET D 191 -50.37 32.26 3.99
C MET D 191 -51.75 32.48 3.42
N PRO D 192 -52.46 33.48 3.94
CA PRO D 192 -53.87 33.74 3.60
C PRO D 192 -54.09 33.87 2.09
N ASP D 193 -53.04 34.25 1.37
CA ASP D 193 -53.09 34.41 -0.09
C ASP D 193 -52.62 33.13 -0.80
N GLY D 194 -52.42 32.06 -0.05
CA GLY D 194 -52.00 30.80 -0.64
C GLY D 194 -50.50 30.62 -0.74
N SER D 195 -49.74 31.69 -0.50
CA SER D 195 -48.29 31.59 -0.56
C SER D 195 -47.85 30.71 0.60
N ILE D 196 -46.63 30.21 0.55
CA ILE D 196 -46.13 29.33 1.58
C ILE D 196 -44.88 29.90 2.21
N ARG D 197 -44.88 29.99 3.52
CA ARG D 197 -43.74 30.50 4.26
C ARG D 197 -43.14 29.28 4.94
N GLY D 198 -41.82 29.28 5.14
CA GLY D 198 -41.17 28.16 5.80
C GLY D 198 -40.87 26.98 4.90
N ASP D 199 -41.01 25.77 5.43
CA ASP D 199 -40.75 24.53 4.67
C ASP D 199 -42.02 23.99 4.00
N PRO D 200 -42.08 24.03 2.64
CA PRO D 200 -43.33 23.74 1.95
C PRO D 200 -43.69 22.25 2.10
N ALA D 201 -42.72 21.44 2.54
CA ALA D 201 -42.94 20.00 2.76
C ALA D 201 -43.76 19.69 4.02
N ASN D 202 -43.74 20.59 5.01
CA ASN D 202 -44.46 20.37 6.27
C ASN D 202 -45.75 21.10 6.48
N VAL D 203 -46.31 21.67 5.43
CA VAL D 203 -47.54 22.42 5.59
C VAL D 203 -48.69 21.64 6.23
N GLU D 204 -48.99 20.47 5.68
CA GLU D 204 -50.08 19.62 6.19
C GLU D 204 -49.87 19.23 7.67
N PHE D 205 -48.64 18.85 8.00
CA PHE D 205 -48.32 18.44 9.36
C PHE D 205 -48.37 19.64 10.29
N THR D 206 -47.94 20.80 9.79
CA THR D 206 -47.94 22.02 10.58
C THR D 206 -49.41 22.37 10.87
N GLN D 207 -50.26 22.17 9.88
CA GLN D 207 -51.68 22.44 10.04
C GLN D 207 -52.28 21.52 11.10
N LEU D 208 -51.87 20.26 11.10
CA LEU D 208 -52.34 19.30 12.09
C LEU D 208 -51.96 19.85 13.49
N CYS D 209 -50.68 20.15 13.69
CA CYS D 209 -50.17 20.71 14.94
C CYS D 209 -51.01 21.87 15.38
N ILE D 210 -51.31 22.73 14.42
CA ILE D 210 -52.11 23.91 14.70
C ILE D 210 -53.50 23.50 15.14
N ASP D 211 -54.05 22.46 14.52
CA ASP D 211 -55.37 21.95 14.86
C ASP D 211 -55.36 21.29 16.24
N LEU D 212 -54.20 20.86 16.69
CA LEU D 212 -54.07 20.25 18.00
C LEU D 212 -53.62 21.33 18.98
N GLY D 213 -53.95 22.57 18.66
CA GLY D 213 -53.61 23.67 19.55
C GLY D 213 -52.26 24.34 19.50
N TRP D 214 -51.34 23.95 18.64
CA TRP D 214 -50.06 24.67 18.64
C TRP D 214 -50.26 26.09 18.06
N LYS D 215 -49.55 27.05 18.64
CA LYS D 215 -49.65 28.43 18.20
C LYS D 215 -48.64 28.66 17.07
N PRO D 216 -49.14 28.91 15.85
CA PRO D 216 -48.32 29.24 14.68
C PRO D 216 -47.55 30.52 14.88
N LYS D 217 -46.26 30.46 14.54
CA LYS D 217 -45.38 31.62 14.66
C LYS D 217 -45.14 32.27 13.30
N TYR D 218 -45.66 31.62 12.26
CA TYR D 218 -45.57 32.08 10.87
C TYR D 218 -44.20 32.45 10.33
N GLY D 219 -43.17 31.79 10.85
CA GLY D 219 -41.80 32.06 10.41
C GLY D 219 -41.27 31.04 9.40
N ARG D 220 -40.03 31.24 8.97
CA ARG D 220 -39.40 30.35 8.00
C ARG D 220 -38.76 29.14 8.66
N PHE D 221 -38.24 29.33 9.85
CA PHE D 221 -37.56 28.27 10.54
C PHE D 221 -38.11 28.02 11.95
N ASP D 222 -39.40 27.65 12.03
CA ASP D 222 -40.01 27.40 13.34
C ASP D 222 -40.03 25.92 13.59
N VAL D 223 -39.28 25.43 14.58
CA VAL D 223 -39.27 24.01 14.91
C VAL D 223 -40.67 23.59 15.33
N VAL D 224 -41.27 22.65 14.62
CA VAL D 224 -42.62 22.20 14.96
C VAL D 224 -42.60 21.32 16.23
N PRO D 225 -43.72 21.27 16.95
CA PRO D 225 -43.83 20.49 18.19
C PRO D 225 -43.94 18.97 17.99
N LEU D 226 -43.37 18.23 18.95
CA LEU D 226 -43.46 16.79 18.94
C LEU D 226 -44.92 16.43 19.14
N VAL D 227 -45.42 15.50 18.32
CA VAL D 227 -46.79 15.02 18.41
C VAL D 227 -46.67 13.55 18.85
N LEU D 228 -46.81 13.31 20.14
CA LEU D 228 -46.65 11.97 20.74
C LEU D 228 -47.91 11.20 21.02
N GLN D 229 -47.88 9.94 20.63
CA GLN D 229 -48.98 9.00 20.82
C GLN D 229 -48.47 7.95 21.82
N ALA D 230 -49.17 7.80 22.92
CA ALA D 230 -48.76 6.82 23.92
C ALA D 230 -49.96 5.91 24.13
N ASN D 231 -49.70 4.61 24.13
CA ASN D 231 -50.72 3.61 24.34
C ASN D 231 -51.83 3.70 23.33
N GLY D 232 -51.53 4.24 22.15
CA GLY D 232 -52.54 4.35 21.13
C GLY D 232 -53.57 5.40 21.45
N ARG D 233 -53.23 6.29 22.37
CA ARG D 233 -54.16 7.33 22.75
C ARG D 233 -53.97 8.45 21.75
N ASP D 234 -54.91 9.41 21.72
CA ASP D 234 -54.77 10.55 20.83
C ASP D 234 -53.42 11.18 21.16
N PRO D 235 -52.70 11.68 20.15
CA PRO D 235 -51.37 12.23 20.43
C PRO D 235 -51.48 13.55 21.20
N GLU D 236 -50.38 13.93 21.85
CA GLU D 236 -50.31 15.16 22.61
C GLU D 236 -49.12 15.97 22.11
N LEU D 237 -49.28 17.29 22.08
CA LEU D 237 -48.20 18.18 21.65
C LEU D 237 -47.23 18.47 22.77
N PHE D 238 -45.96 18.56 22.41
CA PHE D 238 -44.88 18.84 23.33
C PHE D 238 -43.86 19.59 22.49
N GLU D 239 -43.36 20.71 23.00
CA GLU D 239 -42.36 21.50 22.28
C GLU D 239 -41.00 21.16 22.87
N ILE D 240 -39.99 21.05 22.01
CA ILE D 240 -38.65 20.74 22.50
C ILE D 240 -38.03 22.03 23.02
N PRO D 241 -37.44 21.99 24.23
CA PRO D 241 -36.77 23.16 24.81
C PRO D 241 -35.86 23.76 23.76
N PRO D 242 -36.03 25.05 23.44
CA PRO D 242 -35.20 25.63 22.39
C PRO D 242 -33.73 25.45 22.73
N ASP D 243 -33.43 25.35 24.02
CA ASP D 243 -32.06 25.17 24.45
C ASP D 243 -31.49 23.84 23.99
N LEU D 244 -32.36 22.94 23.55
CA LEU D 244 -31.95 21.63 23.09
C LEU D 244 -31.82 21.54 21.56
N VAL D 245 -32.38 22.52 20.85
CA VAL D 245 -32.35 22.54 19.39
C VAL D 245 -31.15 23.32 18.86
N LEU D 246 -30.03 22.64 18.65
CA LEU D 246 -28.84 23.29 18.09
C LEU D 246 -29.05 23.59 16.59
N GLU D 247 -28.71 24.80 16.16
CA GLU D 247 -28.85 25.24 14.78
C GLU D 247 -27.58 25.87 14.25
N VAL D 248 -27.40 25.88 12.93
CA VAL D 248 -26.21 26.46 12.32
C VAL D 248 -26.61 27.62 11.38
N ALA D 249 -26.01 28.79 11.57
CA ALA D 249 -26.31 29.97 10.74
C ALA D 249 -25.49 29.84 9.46
N MET D 250 -26.15 29.87 8.32
CA MET D 250 -25.45 29.69 7.03
C MET D 250 -24.70 30.87 6.44
N GLU D 251 -23.39 30.74 6.36
CA GLU D 251 -22.58 31.75 5.74
C GLU D 251 -21.57 31.14 4.78
N HIS D 252 -21.23 31.88 3.72
CA HIS D 252 -20.30 31.42 2.69
C HIS D 252 -18.92 31.97 2.97
N PRO D 253 -17.88 31.17 2.69
CA PRO D 253 -16.49 31.55 2.92
C PRO D 253 -15.88 32.66 2.04
N LYS D 254 -16.57 33.06 0.98
CA LYS D 254 -16.07 34.10 0.09
C LYS D 254 -17.15 35.13 -0.18
N TYR D 255 -18.40 34.67 -0.26
CA TYR D 255 -19.53 35.54 -0.51
C TYR D 255 -20.08 36.11 0.80
N GLU D 256 -19.96 37.42 0.98
CA GLU D 256 -20.49 38.07 2.18
C GLU D 256 -22.01 38.02 2.16
N TRP D 257 -22.59 38.30 0.98
CA TRP D 257 -24.04 38.31 0.80
C TRP D 257 -24.76 37.02 1.13
N PHE D 258 -24.03 35.93 1.35
CA PHE D 258 -24.69 34.67 1.65
C PHE D 258 -25.42 34.80 2.98
N ARG D 259 -24.75 35.41 3.95
CA ARG D 259 -25.32 35.67 5.27
C ARG D 259 -26.64 36.44 5.10
N GLU D 260 -26.74 37.25 4.06
CA GLU D 260 -27.94 38.03 3.76
C GLU D 260 -29.17 37.19 3.42
N LEU D 261 -28.93 35.96 3.02
CA LEU D 261 -30.02 35.06 2.69
C LEU D 261 -30.77 34.70 3.99
N GLU D 262 -30.03 34.77 5.10
CA GLU D 262 -30.59 34.48 6.41
C GLU D 262 -31.10 33.06 6.53
N LEU D 263 -30.24 32.10 6.23
CA LEU D 263 -30.66 30.72 6.33
C LEU D 263 -29.94 30.14 7.50
N LYS D 264 -30.42 28.99 7.93
CA LYS D 264 -29.79 28.23 8.99
C LYS D 264 -30.46 26.87 8.88
N TRP D 265 -29.90 25.89 9.56
CA TRP D 265 -30.48 24.57 9.55
C TRP D 265 -30.14 23.91 10.89
N TYR D 266 -30.97 22.94 11.31
CA TYR D 266 -30.72 22.24 12.55
C TYR D 266 -29.61 21.25 12.36
N ALA D 267 -28.88 21.02 13.43
CA ALA D 267 -27.74 20.12 13.40
C ALA D 267 -28.05 18.64 13.60
N LEU D 268 -29.26 18.31 14.02
CA LEU D 268 -29.58 16.92 14.30
C LEU D 268 -30.55 16.31 13.33
N PRO D 269 -30.06 15.39 12.46
CA PRO D 269 -30.93 14.61 11.57
C PRO D 269 -31.45 13.39 12.34
N ALA D 270 -32.76 13.34 12.58
CA ALA D 270 -33.34 12.25 13.31
C ALA D 270 -34.67 11.77 12.74
N VAL D 271 -34.70 10.51 12.31
CA VAL D 271 -35.92 9.93 11.76
C VAL D 271 -36.70 9.44 12.96
N ALA D 272 -38.00 9.76 12.99
CA ALA D 272 -38.84 9.43 14.13
C ALA D 272 -40.13 8.67 13.89
N ASN D 273 -40.46 8.40 12.63
CA ASN D 273 -41.71 7.74 12.30
C ASN D 273 -41.58 6.32 11.72
N MET D 274 -40.39 5.73 11.78
CA MET D 274 -40.19 4.37 11.25
C MET D 274 -40.39 3.27 12.30
N LEU D 275 -40.50 2.02 11.84
CA LEU D 275 -40.72 0.87 12.70
C LEU D 275 -39.58 -0.16 12.75
N LEU D 276 -39.10 -0.49 13.95
CA LEU D 276 -38.04 -1.50 14.10
C LEU D 276 -38.74 -2.86 14.18
N GLU D 277 -38.32 -3.82 13.35
CA GLU D 277 -38.88 -5.16 13.33
C GLU D 277 -37.71 -6.04 13.74
N VAL D 278 -37.93 -6.92 14.72
CA VAL D 278 -36.90 -7.83 15.22
C VAL D 278 -37.60 -9.11 15.62
N GLY D 279 -37.16 -10.25 15.09
CA GLY D 279 -37.75 -11.53 15.44
C GLY D 279 -39.27 -11.58 15.43
N GLY D 280 -39.89 -10.82 14.53
CA GLY D 280 -41.34 -10.80 14.45
C GLY D 280 -41.94 -9.69 15.31
N LEU D 281 -41.10 -9.11 16.16
CA LEU D 281 -41.50 -8.02 17.05
C LEU D 281 -41.45 -6.72 16.28
N GLU D 282 -42.52 -5.94 16.39
CA GLU D 282 -42.63 -4.65 15.75
C GLU D 282 -42.56 -3.53 16.81
N PHE D 283 -41.63 -2.60 16.64
CA PHE D 283 -41.43 -1.46 17.52
C PHE D 283 -41.80 -0.18 16.77
N PRO D 284 -43.08 0.25 16.82
CA PRO D 284 -43.57 1.41 16.07
C PRO D 284 -43.06 2.78 16.52
N GLY D 285 -42.23 2.80 17.56
CA GLY D 285 -41.67 4.03 18.07
C GLY D 285 -40.23 3.73 18.34
N CYS D 286 -39.33 4.33 17.56
CA CYS D 286 -37.92 4.07 17.73
C CYS D 286 -37.04 5.14 17.12
N PRO D 287 -37.15 6.39 17.61
CA PRO D 287 -36.45 7.50 16.95
C PRO D 287 -34.96 7.32 16.99
N PHE D 288 -34.31 7.57 15.84
CA PHE D 288 -32.88 7.45 15.72
C PHE D 288 -32.26 8.63 14.99
N ASN D 289 -30.94 8.82 15.18
CA ASN D 289 -30.24 9.88 14.50
C ASN D 289 -28.79 9.52 14.26
N GLY D 290 -28.22 10.22 13.29
CA GLY D 290 -26.83 10.07 12.97
C GLY D 290 -26.49 11.53 12.80
N TRP D 291 -25.52 11.85 11.95
CA TRP D 291 -25.21 13.25 11.71
C TRP D 291 -25.51 13.55 10.24
N TYR D 292 -25.49 14.82 9.88
CA TYR D 292 -25.78 15.21 8.51
C TYR D 292 -24.69 14.95 7.49
N MET D 293 -25.12 14.63 6.28
CA MET D 293 -24.21 14.54 5.15
C MET D 293 -24.55 15.87 4.47
N GLY D 294 -23.53 16.69 4.21
CA GLY D 294 -23.74 17.99 3.62
C GLY D 294 -24.82 18.14 2.57
N THR D 295 -24.83 17.25 1.59
CA THR D 295 -25.81 17.31 0.49
C THR D 295 -27.29 17.28 0.83
N GLU D 296 -27.62 16.74 2.00
CA GLU D 296 -29.01 16.62 2.45
C GLU D 296 -29.61 18.01 2.58
N ILE D 297 -28.84 18.92 3.15
CA ILE D 297 -29.29 20.28 3.37
C ILE D 297 -29.03 21.19 2.16
N GLY D 298 -27.77 21.25 1.74
CA GLY D 298 -27.36 22.10 0.63
C GLY D 298 -28.02 21.80 -0.69
N VAL D 299 -28.19 20.52 -1.01
CA VAL D 299 -28.83 20.19 -2.26
C VAL D 299 -30.32 19.99 -2.07
N ARG D 300 -30.69 19.10 -1.14
CA ARG D 300 -32.10 18.80 -0.97
C ARG D 300 -33.02 19.78 -0.26
N ASP D 301 -32.67 20.17 0.97
CA ASP D 301 -33.52 21.09 1.75
C ASP D 301 -33.53 22.51 1.16
N PHE D 302 -32.37 22.98 0.75
CA PHE D 302 -32.22 24.30 0.18
C PHE D 302 -32.56 24.45 -1.32
N CYS D 303 -32.17 23.47 -2.14
CA CYS D 303 -32.43 23.58 -3.57
C CYS D 303 -33.61 22.85 -4.18
N ASP D 304 -34.21 21.92 -3.45
CA ASP D 304 -35.37 21.24 -3.99
C ASP D 304 -36.39 22.32 -4.24
N VAL D 305 -37.07 22.24 -5.37
CA VAL D 305 -38.06 23.24 -5.70
C VAL D 305 -39.23 23.20 -4.73
N GLN D 306 -39.54 22.01 -4.19
CA GLN D 306 -40.64 21.93 -3.23
C GLN D 306 -40.18 22.12 -1.79
N ARG D 307 -38.95 22.56 -1.60
CA ARG D 307 -38.40 22.81 -0.27
C ARG D 307 -38.02 24.29 -0.19
N TYR D 308 -36.85 24.64 0.31
CA TYR D 308 -36.52 26.05 0.39
C TYR D 308 -36.27 26.74 -0.96
N ASN D 309 -35.92 25.97 -1.98
CA ASN D 309 -35.78 26.48 -3.35
C ASN D 309 -35.02 27.79 -3.45
N ILE D 310 -33.78 27.79 -2.99
CA ILE D 310 -32.99 29.02 -3.01
C ILE D 310 -32.11 29.21 -4.25
N LEU D 311 -32.06 28.20 -5.13
CA LEU D 311 -31.21 28.19 -6.33
C LEU D 311 -31.21 29.42 -7.25
N GLU D 312 -32.37 29.84 -7.75
CA GLU D 312 -32.42 31.02 -8.61
C GLU D 312 -31.86 32.30 -7.95
N GLU D 313 -32.20 32.49 -6.67
CA GLU D 313 -31.76 33.63 -5.91
C GLU D 313 -30.25 33.65 -5.69
N VAL D 314 -29.67 32.51 -5.38
CA VAL D 314 -28.23 32.41 -5.19
C VAL D 314 -27.53 32.56 -6.56
N GLY D 315 -28.16 32.04 -7.60
CA GLY D 315 -27.60 32.16 -8.94
C GLY D 315 -27.53 33.63 -9.34
N ARG D 316 -28.61 34.35 -9.05
CA ARG D 316 -28.70 35.77 -9.33
C ARG D 316 -27.62 36.54 -8.60
N ARG D 317 -27.49 36.32 -7.30
CA ARG D 317 -26.48 37.01 -6.52
C ARG D 317 -25.05 36.75 -6.98
N MET D 318 -24.81 35.56 -7.54
CA MET D 318 -23.49 35.22 -8.03
C MET D 318 -23.25 35.87 -9.38
N GLY D 319 -24.32 36.41 -9.97
CA GLY D 319 -24.24 37.07 -11.27
C GLY D 319 -24.07 36.11 -12.43
N LEU D 320 -24.79 34.99 -12.39
CA LEU D 320 -24.71 33.97 -13.41
C LEU D 320 -25.76 34.18 -14.48
N GLU D 321 -25.62 33.47 -15.59
CA GLU D 321 -26.56 33.58 -16.70
C GLU D 321 -27.75 32.67 -16.43
N THR D 322 -28.53 33.02 -15.43
CA THR D 322 -29.70 32.24 -15.05
C THR D 322 -30.77 32.16 -16.14
N HIS D 323 -30.59 32.94 -17.21
CA HIS D 323 -31.56 32.95 -18.29
C HIS D 323 -31.46 31.71 -19.17
N LYS D 324 -30.34 30.99 -19.08
CA LYS D 324 -30.15 29.79 -19.87
C LYS D 324 -29.52 28.63 -19.09
N LEU D 325 -30.11 27.44 -19.26
CA LEU D 325 -29.65 26.24 -18.57
C LEU D 325 -28.25 25.85 -18.93
N ALA D 326 -27.90 26.06 -20.20
CA ALA D 326 -26.59 25.68 -20.75
C ALA D 326 -25.38 26.31 -20.10
N SER D 327 -25.58 27.44 -19.40
CA SER D 327 -24.45 28.10 -18.73
C SER D 327 -24.04 27.23 -17.56
N LEU D 328 -24.94 26.33 -17.18
CA LEU D 328 -24.73 25.43 -16.05
C LEU D 328 -24.65 26.26 -14.74
N TRP D 329 -25.42 27.35 -14.70
CA TRP D 329 -25.49 28.23 -13.53
C TRP D 329 -26.03 27.46 -12.30
N LYS D 330 -27.05 26.62 -12.52
CA LYS D 330 -27.63 25.83 -11.45
C LYS D 330 -26.57 24.96 -10.79
N ASP D 331 -25.67 24.41 -11.61
CA ASP D 331 -24.60 23.55 -11.12
C ASP D 331 -23.58 24.37 -10.33
N GLN D 332 -23.27 25.57 -10.77
CA GLN D 332 -22.31 26.40 -10.04
C GLN D 332 -22.90 26.84 -8.68
N ALA D 333 -24.18 27.22 -8.69
CA ALA D 333 -24.86 27.66 -7.48
C ALA D 333 -24.94 26.54 -6.43
N VAL D 334 -25.52 25.39 -6.77
CA VAL D 334 -25.62 24.29 -5.82
C VAL D 334 -24.28 23.86 -5.22
N VAL D 335 -23.18 24.00 -5.97
CA VAL D 335 -21.88 23.63 -5.42
C VAL D 335 -21.46 24.65 -4.35
N GLU D 336 -21.76 25.92 -4.59
CA GLU D 336 -21.40 26.99 -3.66
C GLU D 336 -22.25 26.95 -2.39
N ILE D 337 -23.52 26.63 -2.56
CA ILE D 337 -24.48 26.51 -1.47
C ILE D 337 -24.02 25.39 -0.58
N ASN D 338 -23.57 24.31 -1.20
CA ASN D 338 -23.08 23.17 -0.48
C ASN D 338 -21.74 23.44 0.14
N ILE D 339 -20.99 24.39 -0.39
CA ILE D 339 -19.70 24.76 0.19
C ILE D 339 -20.03 25.57 1.46
N ALA D 340 -21.08 26.39 1.37
CA ALA D 340 -21.54 27.22 2.47
C ALA D 340 -21.93 26.33 3.67
N VAL D 341 -22.72 25.29 3.42
CA VAL D 341 -23.18 24.36 4.45
C VAL D 341 -22.05 23.67 5.18
N ILE D 342 -21.10 23.08 4.46
CA ILE D 342 -19.99 22.40 5.11
C ILE D 342 -19.15 23.43 5.88
N HIS D 343 -19.04 24.62 5.31
CA HIS D 343 -18.28 25.71 5.92
C HIS D 343 -18.89 26.15 7.24
N SER D 344 -20.19 26.37 7.22
CA SER D 344 -20.91 26.81 8.39
C SER D 344 -20.82 25.78 9.54
N PHE D 345 -21.19 24.52 9.32
CA PHE D 345 -21.11 23.51 10.38
C PHE D 345 -19.71 23.43 10.92
N GLN D 346 -18.72 23.29 10.05
CA GLN D 346 -17.32 23.21 10.51
C GLN D 346 -16.96 24.44 11.38
N LYS D 347 -17.40 25.60 10.92
CA LYS D 347 -17.16 26.86 11.59
C LYS D 347 -17.80 26.82 13.00
N GLN D 348 -19.05 26.38 13.06
CA GLN D 348 -19.78 26.28 14.31
C GLN D 348 -19.39 25.02 15.04
N ASN D 349 -18.39 24.31 14.53
CA ASN D 349 -17.93 23.08 15.14
C ASN D 349 -19.00 22.05 15.38
N VAL D 350 -19.89 21.88 14.41
CA VAL D 350 -20.93 20.87 14.49
C VAL D 350 -20.53 19.81 13.50
N THR D 351 -20.80 18.56 13.83
CA THR D 351 -20.49 17.41 12.98
C THR D 351 -21.38 17.34 11.74
N ILE D 352 -20.70 17.19 10.60
CA ILE D 352 -21.33 17.05 9.28
C ILE D 352 -20.29 16.35 8.41
N MET D 353 -20.75 15.60 7.41
CA MET D 353 -19.79 14.95 6.54
C MET D 353 -20.12 15.21 5.08
N ASP D 354 -19.09 15.55 4.31
CA ASP D 354 -19.23 15.81 2.87
C ASP D 354 -19.49 14.49 2.14
N HIS D 355 -20.32 14.52 1.09
CA HIS D 355 -20.67 13.33 0.31
C HIS D 355 -19.52 12.46 -0.23
N HIS D 356 -18.36 13.05 -0.50
CA HIS D 356 -17.19 12.30 -1.02
C HIS D 356 -16.65 11.38 0.08
N SER D 357 -16.37 11.97 1.24
CA SER D 357 -15.87 11.28 2.41
C SER D 357 -16.89 10.23 2.83
N ALA D 358 -18.17 10.59 2.78
CA ALA D 358 -19.24 9.66 3.12
C ALA D 358 -19.19 8.49 2.16
N ALA D 359 -19.10 8.77 0.85
CA ALA D 359 -19.04 7.74 -0.20
C ALA D 359 -17.84 6.81 -0.04
N GLU D 360 -16.67 7.39 0.13
CA GLU D 360 -15.48 6.60 0.32
C GLU D 360 -15.62 5.66 1.50
N SER D 361 -16.16 6.16 2.61
CA SER D 361 -16.32 5.32 3.80
C SER D 361 -17.34 4.21 3.54
N PHE D 362 -18.41 4.51 2.81
CA PHE D 362 -19.37 3.47 2.55
C PHE D 362 -18.75 2.33 1.74
N MET D 363 -17.76 2.62 0.92
CA MET D 363 -17.10 1.58 0.13
C MET D 363 -16.30 0.67 1.04
N LYS D 364 -15.70 1.23 2.09
CA LYS D 364 -14.95 0.42 3.05
C LYS D 364 -15.99 -0.46 3.76
N TYR D 365 -17.07 0.16 4.19
CA TYR D 365 -18.16 -0.56 4.85
C TYR D 365 -18.59 -1.76 4.01
N MET D 366 -18.93 -1.50 2.75
CA MET D 366 -19.36 -2.53 1.80
C MET D 366 -18.35 -3.69 1.71
N GLN D 367 -17.08 -3.36 1.52
CA GLN D 367 -16.04 -4.36 1.45
C GLN D 367 -16.01 -5.20 2.73
N ASN D 368 -16.07 -4.52 3.87
CA ASN D 368 -16.06 -5.15 5.19
C ASN D 368 -17.22 -6.10 5.35
N GLU D 369 -18.37 -5.69 4.82
CA GLU D 369 -19.58 -6.47 4.89
C GLU D 369 -19.55 -7.74 4.04
N TYR D 370 -19.09 -7.63 2.79
CA TYR D 370 -19.05 -8.81 1.93
C TYR D 370 -18.11 -9.82 2.54
N ARG D 371 -17.02 -9.30 3.10
CA ARG D 371 -16.05 -10.15 3.73
C ARG D 371 -16.64 -10.87 4.92
N SER D 372 -17.34 -10.13 5.78
CA SER D 372 -17.90 -10.74 6.98
C SER D 372 -19.13 -11.58 6.74
N ARG D 373 -20.03 -11.12 5.90
CA ARG D 373 -21.24 -11.90 5.71
C ARG D 373 -21.69 -12.17 4.28
N GLY D 374 -20.78 -11.92 3.33
CA GLY D 374 -21.11 -12.15 1.93
C GLY D 374 -22.38 -11.44 1.53
N GLY D 375 -22.52 -10.18 1.95
CA GLY D 375 -23.74 -9.45 1.64
C GLY D 375 -23.75 -8.06 2.21
N CYS D 376 -24.64 -7.24 1.65
CA CYS D 376 -24.79 -5.85 2.06
C CYS D 376 -25.93 -5.28 1.23
N PRO D 377 -27.19 -5.41 1.69
CA PRO D 377 -28.30 -4.78 0.96
C PRO D 377 -27.99 -3.30 0.77
N ALA D 378 -28.15 -2.84 -0.46
CA ALA D 378 -27.82 -1.46 -0.75
C ALA D 378 -28.72 -0.94 -1.83
N ASP D 379 -29.23 0.28 -1.63
CA ASP D 379 -30.07 0.90 -2.64
C ASP D 379 -29.27 2.00 -3.31
N TRP D 380 -28.85 1.71 -4.54
CA TRP D 380 -28.05 2.60 -5.40
C TRP D 380 -28.71 3.96 -5.54
N ILE D 381 -30.00 3.95 -5.81
CA ILE D 381 -30.77 5.18 -6.02
C ILE D 381 -30.72 6.19 -4.87
N TRP D 382 -30.74 5.65 -3.65
CA TRP D 382 -30.66 6.43 -2.44
C TRP D 382 -29.23 6.66 -2.00
N LEU D 383 -28.36 5.68 -2.26
CA LEU D 383 -26.95 5.75 -1.85
C LEU D 383 -26.11 6.76 -2.62
N VAL D 384 -26.43 6.95 -3.90
CA VAL D 384 -25.67 7.92 -4.72
C VAL D 384 -26.13 9.34 -4.38
N PRO D 385 -25.18 10.20 -4.00
CA PRO D 385 -25.44 11.61 -3.69
C PRO D 385 -26.25 12.32 -4.77
N PRO D 386 -27.09 13.29 -4.37
CA PRO D 386 -27.98 14.01 -5.28
C PRO D 386 -27.20 15.07 -6.09
N MET D 387 -25.90 15.14 -5.87
CA MET D 387 -25.08 16.03 -6.64
C MET D 387 -23.73 15.34 -6.79
N SER D 388 -23.16 15.51 -7.98
CA SER D 388 -21.88 14.94 -8.39
C SER D 388 -21.76 13.42 -8.39
N GLY D 389 -22.88 12.74 -8.63
CA GLY D 389 -22.90 11.28 -8.64
C GLY D 389 -21.67 10.51 -9.10
N SER D 390 -21.34 10.54 -10.40
CA SER D 390 -20.21 9.75 -10.90
C SER D 390 -18.85 10.11 -10.36
N ILE D 391 -18.79 11.23 -9.64
CA ILE D 391 -17.55 11.68 -9.03
C ILE D 391 -17.31 10.84 -7.77
N THR D 392 -18.35 10.16 -7.30
CA THR D 392 -18.25 9.33 -6.11
C THR D 392 -18.16 7.85 -6.48
N PRO D 393 -17.48 7.06 -5.63
CA PRO D 393 -17.24 5.62 -5.82
C PRO D 393 -18.50 4.79 -5.93
N VAL D 394 -19.52 5.21 -5.18
CA VAL D 394 -20.78 4.49 -5.12
C VAL D 394 -21.51 4.46 -6.46
N PHE D 395 -21.39 5.52 -7.25
CA PHE D 395 -22.03 5.62 -8.57
C PHE D 395 -21.69 4.41 -9.44
N HIS D 396 -20.42 4.02 -9.38
CA HIS D 396 -19.83 2.93 -10.13
C HIS D 396 -19.96 1.57 -9.45
N GLN D 397 -20.70 1.51 -8.35
CA GLN D 397 -20.85 0.26 -7.64
C GLN D 397 -22.17 -0.39 -7.93
N GLU D 398 -22.11 -1.62 -8.41
CA GLU D 398 -23.29 -2.43 -8.69
C GLU D 398 -23.72 -3.01 -7.34
N MET D 399 -25.02 -3.10 -7.13
CA MET D 399 -25.51 -3.55 -5.84
C MET D 399 -26.80 -4.39 -5.92
N LEU D 400 -27.01 -5.16 -4.84
CA LEU D 400 -28.23 -5.94 -4.67
C LEU D 400 -28.97 -5.27 -3.52
N ASN D 401 -30.26 -5.06 -3.73
CA ASN D 401 -31.11 -4.44 -2.74
C ASN D 401 -32.12 -5.48 -2.26
N TYR D 402 -32.02 -5.84 -0.99
CA TYR D 402 -32.95 -6.82 -0.42
C TYR D 402 -33.21 -6.46 1.05
N VAL D 403 -34.29 -7.04 1.58
CA VAL D 403 -34.76 -6.82 2.95
C VAL D 403 -34.54 -7.98 3.93
N LEU D 404 -33.56 -7.80 4.82
CA LEU D 404 -33.25 -8.79 5.84
C LEU D 404 -34.08 -8.52 7.14
N SER D 405 -33.62 -9.08 8.27
CA SER D 405 -34.28 -8.92 9.56
C SER D 405 -33.16 -9.05 10.59
N PRO D 406 -33.05 -8.10 11.54
CA PRO D 406 -33.88 -6.92 11.86
C PRO D 406 -33.90 -5.86 10.74
N PHE D 407 -34.93 -5.03 10.71
CA PHE D 407 -35.08 -4.03 9.66
C PHE D 407 -35.95 -2.84 10.06
N TYR D 408 -35.59 -1.63 9.59
CA TYR D 408 -36.36 -0.42 9.85
C TYR D 408 -37.31 -0.19 8.68
N TYR D 409 -38.60 -0.44 8.88
CA TYR D 409 -39.63 -0.27 7.87
C TYR D 409 -40.28 1.11 7.95
N TYR D 410 -41.05 1.46 6.92
CA TYR D 410 -41.79 2.72 6.92
C TYR D 410 -43.10 2.30 7.58
N GLN D 411 -43.99 3.26 7.79
CA GLN D 411 -45.31 3.01 8.37
C GLN D 411 -46.23 3.95 7.67
N VAL D 412 -47.52 3.65 7.70
CA VAL D 412 -48.49 4.53 7.10
C VAL D 412 -48.55 5.71 8.08
N GLU D 413 -48.57 6.96 7.59
CA GLU D 413 -48.63 8.11 8.48
C GLU D 413 -49.80 7.98 9.44
N ALA D 414 -49.46 8.08 10.72
CA ALA D 414 -50.40 7.89 11.82
C ALA D 414 -51.73 8.57 11.71
N TRP D 415 -51.73 9.79 11.22
CA TRP D 415 -52.97 10.54 11.10
C TRP D 415 -53.93 9.99 10.08
N LYS D 416 -53.48 9.11 9.22
CA LYS D 416 -54.36 8.54 8.18
C LYS D 416 -55.09 7.32 8.69
N THR D 417 -54.56 6.74 9.76
CA THR D 417 -55.15 5.55 10.32
C THR D 417 -55.80 5.77 11.68
N HIS D 418 -55.31 6.76 12.42
CA HIS D 418 -55.82 7.04 13.77
C HIS D 418 -57.30 7.35 13.90
N VAL D 419 -57.96 6.65 14.83
CA VAL D 419 -59.37 6.88 15.15
C VAL D 419 -59.28 7.74 16.40
N TRP D 420 -59.68 8.99 16.29
CA TRP D 420 -59.62 9.89 17.43
C TRP D 420 -60.60 9.45 18.52
N GLN D 421 -60.14 9.48 19.76
CA GLN D 421 -60.96 9.09 20.91
C GLN D 421 -62.05 10.15 21.10
N ASP D 422 -61.69 11.25 21.59
ZN ZN E . 20.38 -10.76 7.11
CHA HEM F . 34.33 -4.68 -4.91
CHB HEM F . 36.71 -0.45 -5.14
CHC HEM F . 35.19 0.07 -9.72
CHD HEM F . 32.63 -4.04 -9.40
C1A HEM F . 35.15 -3.60 -4.58
C2A HEM F . 35.90 -3.42 -3.34
C3A HEM F . 36.54 -2.24 -3.40
C4A HEM F . 36.24 -1.65 -4.67
CMA HEM F . 37.47 -1.59 -2.37
CAA HEM F . 35.91 -4.45 -2.22
CBA HEM F . 36.78 -5.62 -2.69
CGA HEM F . 37.50 -6.42 -1.62
O1A HEM F . 37.55 -7.65 -1.83
O2A HEM F . 37.97 -5.84 -0.66
C1B HEM F . 36.50 0.08 -6.38
C2B HEM F . 37.04 1.32 -6.83
C3B HEM F . 36.63 1.51 -8.14
C4B HEM F . 35.82 0.35 -8.49
CMB HEM F . 37.94 2.23 -5.96
CAB HEM F . 36.96 2.68 -9.08
CBB HEM F . 35.87 3.03 -10.10
C1C HEM F . 34.37 -1.04 -10.05
C2C HEM F . 33.79 -1.30 -11.39
C3C HEM F . 33.06 -2.44 -11.28
C4C HEM F . 33.19 -2.89 -9.92
CMC HEM F . 34.03 -0.41 -12.62
CAC HEM F . 32.22 -3.20 -12.32
CBC HEM F . 32.36 -2.78 -13.79
C1D HEM F . 32.82 -4.55 -8.15
C2D HEM F . 32.28 -5.79 -7.66
C3D HEM F . 32.77 -5.99 -6.42
C4D HEM F . 33.61 -4.86 -6.11
CMD HEM F . 31.33 -6.70 -8.47
CAD HEM F . 32.50 -7.22 -5.57
CBD HEM F . 33.80 -8.10 -5.67
CGD HEM F . 33.77 -9.41 -4.95
O1D HEM F . 34.86 -9.93 -4.62
O2D HEM F . 32.63 -9.92 -4.77
NA HEM F . 35.39 -2.50 -5.36
NB HEM F . 35.74 -0.50 -7.39
NC HEM F . 33.99 -2.03 -9.19
ND HEM F . 33.63 -3.98 -7.18
FE HEM F . 34.32 -1.99 -7.11
N1 H2B G . 35.05 -6.74 3.10
C2 H2B G . 35.78 -6.56 1.92
N2 H2B G . 35.75 -5.41 1.29
N3 H2B G . 36.53 -7.60 1.43
C4 H2B G . 36.61 -8.89 2.04
O4 H2B G . 37.31 -9.75 1.53
C4A H2B G . 35.84 -9.03 3.22
C8A H2B G . 35.03 -7.93 3.80
N5 H2B G . 35.79 -10.23 3.93
N8 H2B G . 34.32 -8.01 4.92
C6 H2B G . 34.63 -10.43 4.84
C7 H2B G . 34.35 -9.26 5.70
C9 H2B G . 34.78 -11.79 5.55
O9 H2B G . 36.03 -11.84 6.21
C10 H2B G . 33.69 -12.11 6.57
C11 H2B G . 33.90 -13.44 7.18
O10 H2B G . 32.40 -12.04 5.89
C1 ITU H . 36.62 -4.15 -10.10
C2 ITU H . 37.33 -4.23 -8.80
S ITU H . 38.16 -2.68 -8.55
C3 ITU H . 38.95 -2.99 -6.95
N1 ITU H . 39.70 -2.04 -6.37
N2 ITU H . 38.79 -4.15 -6.36
CHA HEM I . 27.71 -5.29 24.04
CHB HEM I . 32.07 -5.82 25.98
CHC HEM I . 30.16 -8.16 29.79
CHD HEM I . 25.86 -7.88 27.65
C1A HEM I . 29.06 -5.16 24.25
C2A HEM I . 30.01 -4.41 23.45
C3A HEM I . 31.23 -4.59 23.98
C4A HEM I . 31.08 -5.42 25.15
CMA HEM I . 32.57 -4.01 23.53
CAA HEM I . 29.60 -3.60 22.23
CBA HEM I . 28.57 -2.52 22.68
CGA HEM I . 28.72 -1.13 22.05
O1A HEM I . 27.76 -0.31 22.33
O2A HEM I . 29.69 -0.87 21.34
C1B HEM I . 31.93 -6.54 27.15
C2B HEM I . 33.04 -6.90 27.99
C3B HEM I . 32.55 -7.55 29.08
C4B HEM I . 31.10 -7.61 28.92
CMB HEM I . 34.51 -6.55 27.68
CAB HEM I . 33.35 -8.11 30.28
CBB HEM I . 32.88 -9.45 30.84
C1C HEM I . 28.78 -8.26 29.55
C2C HEM I . 27.78 -8.84 30.47
C3C HEM I . 26.59 -8.78 29.84
C4C HEM I . 26.82 -8.16 28.57
CMC HEM I . 28.13 -9.39 31.87
CAC HEM I . 25.17 -9.23 30.28
CBC HEM I . 25.10 -9.88 31.66
C1D HEM I . 25.99 -7.20 26.49
C2D HEM I . 24.91 -6.89 25.59
C3D HEM I . 25.43 -6.14 24.59
C4D HEM I . 26.84 -6.00 24.83
CMD HEM I . 23.44 -7.31 25.80
CAD HEM I . 24.66 -5.52 23.43
CBD HEM I . 24.40 -4.07 23.90
CGD HEM I . 23.64 -3.20 22.94
O1D HEM I . 23.90 -2.00 22.93
O2D HEM I . 22.78 -3.77 22.23
NA HEM I . 29.75 -5.74 25.27
NB HEM I . 30.75 -7.00 27.72
NC HEM I . 28.16 -7.83 28.41
ND HEM I . 27.20 -6.68 26.01
FE HEM I . 29.06 -7.14 26.62
N1 H4B J . 29.11 -2.01 16.58
C2 H4B J . 29.18 -1.73 17.93
N2 H4B J . 29.88 -2.51 18.73
N3 H4B J . 28.53 -0.66 18.42
C4 H4B J . 27.74 0.22 17.63
O4 H4B J . 27.19 1.16 18.17
C4A H4B J . 27.69 -0.09 16.27
C8A H4B J . 28.39 -1.22 15.70
N5 H4B J . 26.97 0.66 15.38
N8 H4B J . 28.41 -1.54 14.39
C6 H4B J . 26.60 0.01 14.08
C7 H4B J . 27.72 -0.68 13.43
C9 H4B J . 25.87 1.03 13.19
O9 H4B J . 26.76 2.09 12.88
C10 H4B J . 25.34 0.49 11.88
C11 H4B J . 24.52 1.50 11.19
O10 H4B J . 24.59 -0.71 12.16
C1 ITU K . 27.32 -4.49 29.86
C2 ITU K . 28.06 -3.75 28.82
S ITU K . 29.78 -4.05 29.09
C3 ITU K . 30.48 -3.06 27.73
N1 ITU K . 31.81 -3.00 27.57
N2 ITU K . 29.68 -2.39 26.92
ZN ZN L . -35.67 -4.31 -9.37
CHA HEM M . -28.10 5.79 -24.18
CHB HEM M . -28.42 10.52 -25.32
CHC HEM M . -30.30 9.34 -29.62
CHD HEM M . -30.22 4.63 -28.34
C1A HEM M . -27.99 7.18 -24.13
C2A HEM M . -27.36 7.94 -23.06
C3A HEM M . -27.47 9.25 -23.36
C4A HEM M . -28.14 9.35 -24.64
CMA HEM M . -26.97 10.45 -22.56
CAA HEM M . -26.72 7.31 -21.86
CBA HEM M . -25.59 6.40 -22.36
CGA HEM M . -24.33 6.35 -21.53
O1A HEM M . -23.41 5.58 -21.98
O2A HEM M . -24.25 7.01 -20.51
C1B HEM M . -28.98 10.63 -26.56
C2B HEM M . -29.19 11.87 -27.23
C3B HEM M . -29.71 11.58 -28.48
C4B HEM M . -29.84 10.12 -28.56
CMB HEM M . -28.85 13.24 -26.64
CAB HEM M . -30.08 12.57 -29.61
CBB HEM M . -31.45 12.39 -30.27
C1C HEM M . -30.42 7.94 -29.65
C2C HEM M . -30.91 7.17 -30.79
C3C HEM M . -30.90 5.87 -30.42
C4C HEM M . -30.41 5.80 -29.07
CMC HEM M . -31.34 7.82 -32.13
CAC HEM M . -31.32 4.60 -31.21
CBC HEM M . -31.99 4.85 -32.55
C1D HEM M . -29.67 4.49 -27.09
C2D HEM M . -29.46 3.24 -26.37
C3D HEM M . -28.83 3.57 -25.22
C4D HEM M . -28.69 5.02 -25.20
CMD HEM M . -29.84 1.84 -26.86
CAD HEM M . -28.35 2.61 -24.17
CBD HEM M . -26.85 2.38 -24.53
CGD HEM M . -26.12 1.49 -23.60
O1D HEM M . -24.90 1.60 -23.50
O2D HEM M . -26.84 0.70 -22.95
NA HEM M . -28.44 8.07 -25.08
NB HEM M . -29.39 9.58 -27.37
NC HEM M . -30.10 7.07 -28.61
ND HEM M . -29.22 5.56 -26.35
FE HEM M . -29.70 7.57 -26.65
N1 H4B N . -25.84 5.92 -16.18
C2 H4B N . -25.48 6.19 -17.46
N2 H4B N . -26.22 7.03 -18.15
N3 H4B N . -24.39 5.61 -17.98
C4 H4B N . -23.57 4.69 -17.29
O4 H4B N . -22.59 4.19 -17.85
C4A H4B N . -23.98 4.43 -15.98
C8A H4B N . -25.13 5.05 -15.38
N5 H4B N . -23.30 3.54 -15.18
N8 H4B N . -25.55 4.86 -14.12
C6 H4B N . -24.08 2.95 -14.02
C7 H4B N . -24.79 3.99 -13.24
C9 H4B N . -23.21 2.02 -13.20
O9 H4B N . -22.17 2.74 -12.63
C10 H4B N . -23.98 1.33 -12.08
C11 H4B N . -23.13 0.36 -11.35
O10 H4B N . -25.12 0.69 -12.67
C1 ITU O . -26.95 5.92 -29.11
C2 ITU O . -26.18 6.68 -28.11
S ITU O . -26.46 8.38 -28.48
C3 ITU O . -25.47 9.16 -27.18
N1 ITU O . -25.40 10.48 -27.09
N2 ITU O . -24.80 8.40 -26.32
CHA HEM P . -30.88 7.29 5.43
CHB HEM P . -26.68 9.40 6.53
CHC HEM P . -26.71 7.13 10.83
CHD HEM P . -30.76 4.81 9.57
C1A HEM P . -29.77 8.12 5.38
C2A HEM P . -29.48 9.09 4.34
C3A HEM P . -28.29 9.67 4.62
C4A HEM P . -27.82 9.09 5.86
CMA HEM P . -27.54 10.77 3.83
CAA HEM P . -30.43 9.35 3.18
CBA HEM P . -31.76 9.89 3.74
CGA HEM P . -32.43 10.97 2.91
O1A HEM P . -33.68 11.13 3.12
O2A HEM P . -31.76 11.61 2.11
C1B HEM P . -26.31 8.93 7.76
C2B HEM P . -25.11 9.34 8.44
C3B HEM P . -25.10 8.73 9.65
C4B HEM P . -26.30 7.91 9.75
CMB HEM P . -24.07 10.32 7.87
CAB HEM P . -24.04 8.88 10.74
CBB HEM P . -23.79 7.63 11.58
C1C HEM P . -27.85 6.32 10.88
C2C HEM P . -28.27 5.53 12.06
C3C HEM P . -29.40 4.86 11.70
C4C HEM P . -29.68 5.24 10.32
CMC HEM P . -27.51 5.53 13.40
CAC HEM P . -30.29 3.87 12.49
CBC HEM P . -29.77 3.46 13.88
C1D HEM P . -31.11 5.23 8.32
C2D HEM P . -32.28 4.78 7.59
C3D HEM P . -32.33 5.49 6.46
C4D HEM P . -31.19 6.38 6.44
CMD HEM P . -33.29 3.71 8.06
CAD HEM P . -33.42 5.39 5.40
CBD HEM P . -34.42 6.53 5.72
CGD HEM P . -35.57 6.64 4.80
O1D HEM P . -36.12 7.75 4.69
O2D HEM P . -35.91 5.60 4.20
NA HEM P . -28.75 8.16 6.29
NB HEM P . -27.04 8.03 8.57
NC HEM P . -28.74 6.14 9.85
ND HEM P . -30.42 6.21 7.58
FE HEM P . -28.60 6.81 7.91
N1 H4B Q . -32.01 9.42 -2.53
C2 H4B Q . -31.98 9.83 -1.23
N2 H4B Q . -30.88 9.61 -0.52
N3 H4B Q . -33.05 10.46 -0.69
C4 H4B Q . -34.26 10.71 -1.39
O4 H4B Q . -35.20 11.29 -0.81
C4A H4B Q . -34.26 10.26 -2.72
C8A H4B Q . -33.11 9.60 -3.34
N5 H4B Q . -35.36 10.41 -3.56
N8 H4B Q . -33.05 9.17 -4.61
C6 H4B Q . -35.44 9.45 -4.75
C7 H4B Q . -34.17 9.39 -5.50
C9 H4B Q . -36.70 9.74 -5.60
O9 H4B Q . -36.66 11.06 -6.11
C10 H4B Q . -36.85 8.78 -6.79
C11 H4B Q . -38.17 8.89 -7.47
O10 H4B Q . -36.64 7.46 -6.29
C1 ITU R . -31.83 8.71 10.30
C2 ITU R . -31.36 9.69 9.30
S ITU R . -29.66 9.98 9.65
C3 ITU R . -29.19 11.21 8.40
N1 ITU R . -27.95 11.69 8.37
N2 ITU R . -30.08 11.63 7.51
#